data_6P1H
#
_entry.id   6P1H
#
_cell.length_a   1.00
_cell.length_b   1.00
_cell.length_c   1.00
_cell.angle_alpha   90.00
_cell.angle_beta   90.00
_cell.angle_gamma   90.00
#
_symmetry.space_group_name_H-M   'P 1'
#
loop_
_entity.id
_entity.type
_entity.pdbx_description
1 polymer 'DNA polymerase delta catalytic subunit'
2 polymer 'DNA polymerase delta small subunit'
3 polymer 'DNA polymerase delta subunit 3'
4 polymer 'DNA (30-MER)'
5 non-polymer 'IRON/SULFUR CLUSTER'
6 non-polymer "2'-DEOXYCYTIDINE-5'-TRIPHOSPHATE"
7 non-polymer 'CALCIUM ION'
8 water water
#
loop_
_entity_poly.entity_id
_entity_poly.type
_entity_poly.pdbx_seq_one_letter_code
_entity_poly.pdbx_strand_id
1 'polypeptide(L)'
;MDYKDDDDKGDHNHRHKHGDPHMSEKRSLPMVDVKIDDEDTPQLEKKIKRQSIDHGVGSEPVSTIEIIPSDSFRKYNSQG
FKAKDTDLMGTQLESTFEQELSQMEHDMADQEEHDLSSFERKKLPTDFDPSLYDISFQQIDAEQSVLNGIKDENTSTVVR
FFGVTSEGHSVLCNVTGFKNYLYVPAPNSSDANDQEQINKFVHYLNETFDHAIDSIEVVSKQSIWGYSGDTKLPFWKIYV
TYPHMVNKLRTAFERGHLSFNSWFSNGTTTYDNIAYTLRLMVDCGIVGMSWITLPKGKYSMIEPNNRVSSCQLEVSINYR
NLIAHPAEGDWSHTAPLRIMSFDIECAGRIGVFPEPEYDPVIQIANVVSIAGAKKPFIRNVFTLNTCSPITGSMIFSHAT
EEEMLSNWRNFIIKVDPDVIIGYNTTNFDIPYLLNRAKALKVNDFPYFGRLKTVKQEIKESVFSSKAYGTRETKNVNIDG
RLQLDLLQFIQREYKLRSYTLNAVSAHFLGEQKEDVHYSIISDLQNGDSETRRRLAVYCLKDAYLPLRLMEKLMALVNYT
EMARVTGVPFSYLLARGQQIKVVSQLFRKCLEIDTVIPNMQSQASDDQYEGATVIEPIRGYYDVPIATLDFNSLYPSIMM
AHNLCYTTLCNKATVERLNLKIDEDYVITPNGDYFVTTKRRRGILPIILDELISARKRAKKDLRDEKDPFKRDVLNGRQL
ALKISANSVYGFTGATVGKLPCLAISSSVTAYGRTMILKTKTAVQEKYCIKNGYKHDAVVVYGDTDSVMVKFGTTDLKEA
MDLGTEAAKYVSTLFKHPINLEFEKAYFPYLLINKKRYAGLFWTNPDKFDKLDQKGLASVRRDSCSLVSIVMNKVLKKIL
IERNVDGALAFVRETINDILHNRVDISKLIISKTLAPNYTNPQPHAVLAERMKRREGVGPNVGDRVDYVIIGGNDKLYNR
AEDPLFVLENNIQVDSRYYLTNQLQNPIISIVAPIIGDKQANGMFVVKSIKINTGSQKGGLMSFIKKVEACKSCKGPLRK
GEGPLCSNCLARSGELYIKALYDVRDLEEKYSRLWTQCQRCAGNLHSEVLCSNKNCDIFYMRVKVKKELQEKVEQLSKW
;
A
2 'polypeptide(L)'
;GPGGDLHMDALLTKFNEDRSLQDENLSQPRTRVRIVDDNLYNKSNPFQLCYKKRDYGSQYYHIYQYRLKTFRERVLKECD
KRWDAGFTLNGQLVLKKDKVLDIQGNQPCWCVGSIYCEMKYKPNVLDEVINDTYGAPDLTKSYTDKEGGSDEIMLEDESG
RVLLVGDFIRSTPFITGVVVGILGMEAEAGTFQVLDICYPTPLPQNPFPAPIATCPTRGKIALVSGLNLNNTSPDRLLRL
EILREFLMGRINNKIDDISLIGRLLICGNSVDFDIKSVNKDELMISLTEFSKFLHNILPSISVDIMPGTNDPSDKSLPQQ
PFHKSLFDKSLESYFNGSNKEILNLVTNPYEFSYNGVDVLAVSGKNINDICKYVIPSNDNGESENKVEEGESNDFKDDIE
HRLDLMECTMKWQNIAPTAPDTLWCYPYTDKDPFVLDKWPHVYIVANQPYFGTRVVEIGGKNIKIISVPEFSSTGMIILL
DLETLEAETVKIDI
;
B
3 'polypeptide(L)'
;MDQKASYFINEKLFTEVKPVLFTDLIHHLKIGPSMAKKLMFDYYKQTTNAKYNCVVICCYKDQTIKIIHDLSNIPQQDSI
IDCFIYAFNPMDSFIPYYDIIDQKDCLTIKNSYELKVSESSKIIERTKTLEEKSKPLVRPTARSKTTPEETTGRKSKSKD
MGLRSTALLAKMKKDRDDKETSRQNELRKRKEENLQKINKQNPEREAQMKELNNLFVEDDLDTEEVNGGSKPNSPKETDS
NDKDKNNDDLEDLLETTAEDSLMDVPKIQQTKPSETEHSKEPKSEEEPSSFIDEDGYIVTKRPATSTPPRKPSPVVKRAL
SSSKKQETPSSNKRLKKQGTLESFFKRKAK
;
C
4 'polydeoxyribonucleotide'
;(DT)(DA)(DA)(DT)(DG)(DG)(DT)(DA)(DG)(DG)(DG)(DG)(DA)(DG)(DG)(DA)(DA)(DA)(DT)(DT)
(DC)(DC)(DT)(DC)(DC)(DC)(DC)(DT)(DA)(DC)
;
P,T
#
loop_
_chem_comp.id
_chem_comp.type
_chem_comp.name
_chem_comp.formula
CA non-polymer 'CALCIUM ION' 'Ca 2'
DA DNA linking 2'-DEOXYADENOSINE-5'-MONOPHOSPHATE 'C10 H14 N5 O6 P'
DC DNA linking 2'-DEOXYCYTIDINE-5'-MONOPHOSPHATE 'C9 H14 N3 O7 P'
DCP non-polymer 2'-DEOXYCYTIDINE-5'-TRIPHOSPHATE 'C9 H16 N3 O13 P3'
DG DNA linking 2'-DEOXYGUANOSINE-5'-MONOPHOSPHATE 'C10 H14 N5 O7 P'
DT DNA linking THYMIDINE-5'-MONOPHOSPHATE 'C10 H15 N2 O8 P'
SF4 non-polymer 'IRON/SULFUR CLUSTER' 'Fe4 S4'
#
# COMPACT_ATOMS: atom_id res chain seq x y z
N LEU A 116 -6.39 32.28 20.73
CA LEU A 116 -7.82 32.13 20.92
C LEU A 116 -8.10 31.22 22.10
N SER A 117 -7.45 31.52 23.23
CA SER A 117 -7.70 30.90 24.52
C SER A 117 -7.22 29.45 24.56
N SER A 118 -6.80 28.93 23.40
CA SER A 118 -6.10 27.66 23.38
C SER A 118 -4.75 27.81 22.72
N PHE A 119 -4.60 28.85 21.90
CA PHE A 119 -3.32 29.11 21.25
C PHE A 119 -2.24 29.42 22.27
N GLU A 120 -2.38 30.55 22.96
CA GLU A 120 -1.33 31.02 23.84
C GLU A 120 -1.07 30.03 24.98
N ARG A 121 0.18 29.94 25.40
CA ARG A 121 0.60 28.96 26.38
C ARG A 121 -0.02 29.26 27.74
N LYS A 122 0.26 28.39 28.70
CA LYS A 122 -0.22 28.60 30.05
C LYS A 122 0.30 29.93 30.59
N LYS A 123 -0.59 30.72 31.17
CA LYS A 123 -0.19 32.00 31.70
C LYS A 123 0.75 31.84 32.89
N LEU A 124 1.68 32.77 33.01
CA LEU A 124 2.65 32.71 34.09
C LEU A 124 1.96 32.82 35.43
N PRO A 125 2.50 32.19 36.47
CA PRO A 125 1.90 32.34 37.80
C PRO A 125 1.93 33.79 38.23
N THR A 126 0.82 34.24 38.82
CA THR A 126 0.72 35.63 39.23
C THR A 126 1.79 35.99 40.24
N ASP A 127 1.95 35.17 41.26
CA ASP A 127 2.95 35.41 42.31
C ASP A 127 4.32 34.94 41.84
N PHE A 128 4.80 35.57 40.77
CA PHE A 128 6.10 35.23 40.20
C PHE A 128 7.04 36.41 40.34
N ASP A 129 8.21 36.17 40.89
CA ASP A 129 9.30 37.11 41.04
C ASP A 129 10.63 36.38 40.96
N PRO A 130 11.72 37.08 40.64
CA PRO A 130 13.00 36.38 40.52
C PRO A 130 13.40 35.60 41.74
N SER A 131 13.02 36.06 42.93
CA SER A 131 13.23 35.24 44.11
C SER A 131 12.10 34.23 44.26
N LEU A 132 12.27 33.32 45.22
CA LEU A 132 11.24 32.34 45.57
C LEU A 132 11.00 31.32 44.46
N TYR A 133 11.64 31.47 43.32
CA TYR A 133 11.39 30.57 42.20
C TYR A 133 12.69 30.04 41.63
N ASP A 134 12.61 28.85 41.05
CA ASP A 134 13.74 28.22 40.39
C ASP A 134 13.32 27.83 38.98
N ILE A 135 13.53 28.72 38.02
CA ILE A 135 13.21 28.40 36.65
C ILE A 135 14.06 27.22 36.20
N SER A 136 13.40 26.10 35.90
CA SER A 136 14.09 24.91 35.43
C SER A 136 13.47 24.50 34.10
N PHE A 137 14.29 24.47 33.05
CA PHE A 137 13.76 24.34 31.70
C PHE A 137 14.70 23.50 30.86
N GLN A 138 14.16 23.00 29.75
CA GLN A 138 14.92 22.21 28.80
C GLN A 138 15.31 23.07 27.62
N GLN A 139 16.60 23.16 27.35
CA GLN A 139 17.08 24.05 26.30
C GLN A 139 17.05 23.31 24.97
N ILE A 140 16.28 23.85 24.02
CA ILE A 140 16.20 23.21 22.71
C ILE A 140 17.12 23.88 21.72
N ASP A 141 17.46 25.14 21.96
CA ASP A 141 18.26 25.89 21.01
C ASP A 141 19.24 26.76 21.76
N ALA A 142 20.25 27.27 21.05
CA ALA A 142 21.22 28.18 21.62
C ALA A 142 21.98 28.86 20.51
N GLU A 143 22.07 30.18 20.56
CA GLU A 143 22.80 30.92 19.56
C GLU A 143 23.49 32.12 20.19
N GLN A 144 24.66 32.46 19.65
CA GLN A 144 25.41 33.60 20.13
C GLN A 144 24.65 34.90 19.88
N SER A 145 24.78 35.84 20.80
CA SER A 145 24.23 37.17 20.57
C SER A 145 24.93 38.15 21.49
N VAL A 146 24.73 39.43 21.23
CA VAL A 146 25.25 40.51 22.07
C VAL A 146 24.10 41.07 22.87
N LEU A 147 24.36 41.40 24.13
CA LEU A 147 23.33 41.84 25.05
C LEU A 147 23.55 43.32 25.35
N ASN A 148 22.66 44.17 24.84
CA ASN A 148 22.76 45.60 25.12
C ASN A 148 22.57 45.87 26.60
N GLY A 149 23.59 46.44 27.21
CA GLY A 149 23.58 46.68 28.64
C GLY A 149 24.98 46.64 29.19
N ILE A 150 25.06 46.58 30.52
CA ILE A 150 26.36 46.57 31.18
C ILE A 150 27.12 45.30 30.83
N LYS A 151 28.38 45.46 30.44
CA LYS A 151 29.23 44.29 30.21
C LYS A 151 29.44 43.55 31.51
N ASP A 152 29.26 42.24 31.47
CA ASP A 152 29.49 41.37 32.62
C ASP A 152 30.82 40.68 32.46
N GLU A 153 31.62 40.68 33.52
CA GLU A 153 32.97 40.12 33.49
C GLU A 153 33.76 40.58 32.27
N ASN A 154 33.67 41.86 31.94
CA ASN A 154 34.39 42.54 30.88
C ASN A 154 33.94 42.13 29.49
N THR A 155 32.96 41.23 29.36
CA THR A 155 32.44 40.84 28.06
C THR A 155 30.99 41.29 27.95
N SER A 156 30.54 41.49 26.72
CA SER A 156 29.15 41.88 26.51
C SER A 156 28.37 40.79 25.81
N THR A 157 29.06 39.89 25.12
CA THR A 157 28.38 38.85 24.36
C THR A 157 27.74 37.84 25.30
N VAL A 158 26.67 37.20 24.83
CA VAL A 158 25.92 36.21 25.60
C VAL A 158 25.51 35.08 24.68
N VAL A 159 25.17 33.95 25.29
CA VAL A 159 24.60 32.81 24.56
C VAL A 159 23.16 32.67 25.02
N ARG A 160 22.24 32.66 24.06
CA ARG A 160 20.81 32.64 24.35
C ARG A 160 20.29 31.22 24.29
N PHE A 161 19.84 30.70 25.42
CA PHE A 161 19.34 29.33 25.51
C PHE A 161 17.83 29.36 25.51
N PHE A 162 17.24 29.24 24.31
CA PHE A 162 15.80 29.10 24.23
C PHE A 162 15.37 27.75 24.76
N GLY A 163 14.15 27.68 25.26
CA GLY A 163 13.69 26.41 25.80
C GLY A 163 12.27 26.53 26.30
N VAL A 164 11.80 25.47 26.94
CA VAL A 164 10.49 25.44 27.57
C VAL A 164 10.61 24.72 28.90
N THR A 165 9.96 25.24 29.92
CA THR A 165 10.02 24.62 31.23
C THR A 165 9.04 23.46 31.31
N SER A 166 8.96 22.87 32.51
CA SER A 166 8.17 21.65 32.65
C SER A 166 6.68 21.93 32.52
N GLU A 167 6.25 23.13 32.91
CA GLU A 167 4.84 23.46 32.83
C GLU A 167 4.41 23.94 31.45
N GLY A 168 5.34 24.23 30.55
CA GLY A 168 4.99 24.69 29.23
C GLY A 168 5.30 26.14 28.96
N HIS A 169 6.01 26.81 29.85
CA HIS A 169 6.37 28.20 29.62
C HIS A 169 7.66 28.30 28.82
N SER A 170 7.75 29.29 27.94
CA SER A 170 8.96 29.57 27.20
C SER A 170 10.01 30.16 28.12
N VAL A 171 11.27 30.14 27.67
CA VAL A 171 12.38 30.76 28.38
C VAL A 171 13.34 31.33 27.36
N LEU A 172 14.08 32.36 27.75
CA LEU A 172 15.19 32.90 26.95
C LEU A 172 16.39 33.21 27.85
N CYS A 173 16.83 32.25 28.64
CA CYS A 173 17.97 32.48 29.52
C CYS A 173 19.18 32.98 28.72
N ASN A 174 19.67 34.16 29.08
CA ASN A 174 20.89 34.72 28.53
C ASN A 174 22.04 34.38 29.46
N VAL A 175 22.99 33.58 29.00
CA VAL A 175 24.11 33.15 29.83
C VAL A 175 25.24 34.15 29.63
N THR A 176 25.34 35.13 30.52
CA THR A 176 26.25 36.24 30.38
C THR A 176 27.51 36.01 31.19
N GLY A 177 28.64 36.47 30.66
CA GLY A 177 29.89 36.47 31.39
C GLY A 177 30.94 35.50 30.87
N PHE A 178 30.68 34.77 29.80
CA PHE A 178 31.64 33.81 29.29
C PHE A 178 32.54 34.46 28.25
N LYS A 179 33.85 34.28 28.41
CA LYS A 179 34.83 34.86 27.51
C LYS A 179 35.52 33.76 26.74
N ASN A 180 35.50 33.85 25.42
CA ASN A 180 36.14 32.84 24.58
C ASN A 180 37.65 32.93 24.71
N TYR A 181 38.31 31.78 24.75
CA TYR A 181 39.74 31.78 24.98
C TYR A 181 40.45 31.02 23.88
N LEU A 182 41.75 31.27 23.78
CA LEU A 182 42.63 30.63 22.82
C LEU A 182 43.83 30.09 23.57
N TYR A 183 44.20 28.85 23.28
CA TYR A 183 45.31 28.21 23.98
C TYR A 183 46.55 28.27 23.11
N VAL A 184 47.69 28.62 23.72
CA VAL A 184 48.97 28.60 23.02
C VAL A 184 50.02 28.09 24.02
N PRO A 185 51.02 27.34 23.56
CA PRO A 185 52.05 26.88 24.48
C PRO A 185 52.87 28.07 24.99
N ALA A 186 53.21 28.02 26.27
CA ALA A 186 54.04 29.08 26.82
C ALA A 186 55.36 29.13 26.07
N PRO A 187 55.75 30.28 25.53
CA PRO A 187 56.96 30.33 24.71
C PRO A 187 58.17 29.97 25.54
N ASN A 188 59.08 29.23 24.93
CA ASN A 188 60.24 28.70 25.63
C ASN A 188 61.28 29.81 25.73
N SER A 189 61.32 30.47 26.89
CA SER A 189 62.24 31.57 27.12
C SER A 189 62.33 31.79 28.62
N SER A 190 63.31 32.61 29.02
CA SER A 190 63.47 32.92 30.43
C SER A 190 62.47 33.96 30.90
N ASP A 191 62.22 34.98 30.08
CA ASP A 191 61.31 36.05 30.48
C ASP A 191 59.86 35.58 30.52
N ALA A 192 59.55 34.42 29.94
CA ALA A 192 58.18 33.96 29.88
C ALA A 192 57.59 33.77 31.27
N ASN A 193 58.43 33.61 32.28
CA ASN A 193 57.97 33.47 33.66
C ASN A 193 57.97 34.79 34.40
N ASP A 194 58.08 35.92 33.70
CA ASP A 194 58.07 37.24 34.32
C ASP A 194 56.71 37.87 34.09
N GLN A 195 55.98 38.13 35.18
CA GLN A 195 54.63 38.65 35.07
C GLN A 195 54.60 39.96 34.29
N GLU A 196 55.58 40.83 34.51
CA GLU A 196 55.59 42.10 33.81
C GLU A 196 55.75 41.91 32.32
N GLN A 197 56.49 40.88 31.91
CA GLN A 197 56.58 40.57 30.49
C GLN A 197 55.23 40.19 29.93
N ILE A 198 54.47 39.36 30.64
CA ILE A 198 53.15 38.95 30.17
C ILE A 198 52.24 40.16 30.07
N ASN A 199 52.33 41.09 31.03
CA ASN A 199 51.48 42.26 30.99
C ASN A 199 51.84 43.19 29.83
N LYS A 200 53.14 43.35 29.56
CA LYS A 200 53.54 44.12 28.39
C LYS A 200 53.09 43.41 27.11
N PHE A 201 53.04 42.08 27.14
CA PHE A 201 52.60 41.34 25.97
C PHE A 201 51.12 41.57 25.69
N VAL A 202 50.28 41.45 26.72
CA VAL A 202 48.86 41.71 26.51
C VAL A 202 48.64 43.15 26.12
N HIS A 203 49.49 44.05 26.62
CA HIS A 203 49.42 45.45 26.19
C HIS A 203 49.70 45.57 24.70
N TYR A 204 50.76 44.92 24.23
CA TYR A 204 51.08 44.94 22.81
C TYR A 204 49.94 44.37 21.98
N LEU A 205 49.32 43.30 22.48
CA LEU A 205 48.22 42.69 21.75
C LEU A 205 47.04 43.65 21.65
N ASN A 206 46.67 44.28 22.77
CA ASN A 206 45.60 45.28 22.72
C ASN A 206 45.94 46.39 21.74
N GLU A 207 47.22 46.77 21.66
CA GLU A 207 47.63 47.73 20.66
C GLU A 207 47.37 47.19 19.25
N THR A 208 47.58 45.89 19.05
CA THR A 208 47.47 45.35 17.71
C THR A 208 46.04 44.92 17.37
N PHE A 209 45.28 44.43 18.34
CA PHE A 209 44.02 43.76 18.06
C PHE A 209 42.86 44.47 18.77
N ASP A 210 42.84 45.80 18.67
CA ASP A 210 41.64 46.58 18.96
C ASP A 210 41.20 46.45 20.42
N HIS A 211 42.17 46.53 21.33
CA HIS A 211 41.88 46.58 22.76
C HIS A 211 41.01 45.41 23.20
N ALA A 212 41.18 44.25 22.55
CA ALA A 212 40.27 43.15 22.75
C ALA A 212 40.76 42.09 23.73
N ILE A 213 42.05 41.83 23.79
CA ILE A 213 42.56 40.75 24.62
C ILE A 213 42.39 41.14 26.08
N ASP A 214 41.76 40.26 26.86
CA ASP A 214 41.52 40.54 28.26
C ASP A 214 42.73 40.21 29.12
N SER A 215 43.13 38.95 29.14
CA SER A 215 44.20 38.53 30.04
C SER A 215 44.83 37.26 29.47
N ILE A 216 45.88 36.82 30.15
CA ILE A 216 46.58 35.60 29.76
C ILE A 216 46.84 34.76 31.00
N GLU A 217 45.96 33.82 31.28
CA GLU A 217 46.19 32.91 32.40
C GLU A 217 47.20 31.85 32.00
N VAL A 218 47.97 31.39 32.98
CA VAL A 218 48.94 30.33 32.77
C VAL A 218 48.39 29.06 33.38
N VAL A 219 48.03 28.10 32.53
CA VAL A 219 47.44 26.84 32.97
C VAL A 219 48.33 25.71 32.53
N SER A 220 48.33 24.64 33.32
CA SER A 220 49.15 23.47 33.07
C SER A 220 48.30 22.39 32.40
N LYS A 221 48.55 22.16 31.12
CA LYS A 221 47.79 21.18 30.36
C LYS A 221 48.78 20.26 29.66
N GLN A 222 48.23 19.34 28.88
CA GLN A 222 49.00 18.46 28.02
C GLN A 222 48.30 18.35 26.69
N SER A 223 49.04 17.97 25.66
CA SER A 223 48.43 17.85 24.35
C SER A 223 47.82 16.47 24.18
N ILE A 224 46.98 16.33 23.16
CA ILE A 224 46.22 15.10 22.97
C ILE A 224 47.00 14.14 22.09
N TRP A 225 48.13 14.59 21.56
CA TRP A 225 48.87 13.82 20.58
C TRP A 225 50.02 13.10 21.25
N GLY A 226 49.79 11.85 21.63
CA GLY A 226 50.87 10.98 22.05
C GLY A 226 51.07 10.96 23.54
N TYR A 227 51.68 9.89 24.02
CA TYR A 227 52.03 9.76 25.42
C TYR A 227 53.50 10.11 25.53
N SER A 228 53.79 11.39 25.80
CA SER A 228 55.15 11.84 26.03
C SER A 228 55.56 11.73 27.47
N GLY A 229 54.64 11.43 28.37
CA GLY A 229 54.94 11.36 29.78
C GLY A 229 53.83 11.99 30.57
N ASP A 230 53.93 11.87 31.88
CA ASP A 230 52.95 12.40 32.80
C ASP A 230 53.18 13.87 33.14
N THR A 231 54.18 14.51 32.54
CA THR A 231 54.44 15.91 32.82
C THR A 231 53.58 16.81 31.95
N LYS A 232 53.12 17.91 32.52
CA LYS A 232 52.21 18.83 31.86
C LYS A 232 52.92 20.13 31.52
N LEU A 233 52.88 20.50 30.25
CA LEU A 233 53.49 21.75 29.81
C LEU A 233 52.70 22.93 30.37
N PRO A 234 53.29 24.12 30.36
CA PRO A 234 52.51 25.31 30.67
C PRO A 234 51.90 25.93 29.42
N PHE A 235 50.60 26.20 29.45
CA PHE A 235 49.90 26.81 28.33
C PHE A 235 49.37 28.18 28.73
N TRP A 236 49.06 28.99 27.73
CA TRP A 236 48.58 30.35 27.94
C TRP A 236 47.14 30.45 27.48
N LYS A 237 46.23 30.67 28.41
CA LYS A 237 44.81 30.83 28.09
C LYS A 237 44.56 32.31 27.82
N ILE A 238 44.35 32.65 26.56
CA ILE A 238 44.22 34.05 26.14
C ILE A 238 42.74 34.37 26.02
N TYR A 239 42.20 35.06 27.02
CA TYR A 239 40.80 35.49 26.95
C TYR A 239 40.65 36.70 26.05
N VAL A 240 39.53 36.77 25.34
CA VAL A 240 39.21 37.93 24.52
C VAL A 240 37.81 38.40 24.87
N THR A 241 37.54 39.69 24.66
CA THR A 241 36.23 40.23 24.98
C THR A 241 35.19 39.74 23.99
N TYR A 242 35.41 39.94 22.70
CA TYR A 242 34.33 39.31 21.98
C TYR A 242 34.83 38.06 21.26
N PRO A 243 34.00 37.03 21.17
CA PRO A 243 34.54 35.71 20.79
C PRO A 243 35.05 35.64 19.37
N HIS A 244 34.63 36.54 18.51
CA HIS A 244 35.13 36.52 17.14
C HIS A 244 36.60 36.87 17.05
N MET A 245 37.16 37.48 18.10
CA MET A 245 38.56 37.88 18.07
C MET A 245 39.49 36.68 18.05
N VAL A 246 39.02 35.53 18.53
CA VAL A 246 39.90 34.37 18.65
C VAL A 246 40.36 33.91 17.28
N ASN A 247 39.51 34.03 16.26
CA ASN A 247 39.93 33.62 14.93
C ASN A 247 41.10 34.45 14.43
N LYS A 248 41.01 35.77 14.56
CA LYS A 248 42.11 36.64 14.14
C LYS A 248 43.36 36.38 14.96
N LEU A 249 43.18 36.19 16.27
CA LEU A 249 44.33 35.94 17.12
C LEU A 249 45.00 34.61 16.76
N ARG A 250 44.21 33.60 16.42
CA ARG A 250 44.76 32.30 16.07
C ARG A 250 45.51 32.37 14.74
N THR A 251 44.93 33.05 13.76
CA THR A 251 45.62 33.23 12.50
C THR A 251 46.95 33.94 12.69
N ALA A 252 46.94 35.02 13.48
CA ALA A 252 48.18 35.74 13.73
C ALA A 252 49.21 34.85 14.42
N PHE A 253 48.77 34.08 15.41
CA PHE A 253 49.70 33.19 16.11
C PHE A 253 50.26 32.13 15.17
N GLU A 254 49.45 31.67 14.22
CA GLU A 254 49.87 30.54 13.41
C GLU A 254 50.79 30.96 12.29
N ARG A 255 50.50 32.09 11.65
CA ARG A 255 51.42 32.59 10.64
C ARG A 255 52.72 33.07 11.26
N GLY A 256 52.65 33.86 12.31
CA GLY A 256 53.81 34.40 12.97
C GLY A 256 53.90 35.90 12.97
N HIS A 257 52.79 36.60 12.77
CA HIS A 257 52.83 38.06 12.68
C HIS A 257 53.20 38.70 14.02
N LEU A 258 52.94 37.99 15.11
CA LEU A 258 53.34 38.51 16.42
C LEU A 258 54.86 38.57 16.52
N SER A 259 55.36 39.69 17.02
CA SER A 259 56.80 39.90 17.18
C SER A 259 57.03 40.56 18.52
N PHE A 260 57.44 39.79 19.52
CA PHE A 260 57.60 40.29 20.87
C PHE A 260 58.60 39.42 21.59
N ASN A 261 59.81 39.94 21.81
CA ASN A 261 60.90 39.20 22.43
C ASN A 261 61.22 37.91 21.70
N SER A 262 61.00 37.87 20.40
CA SER A 262 61.19 36.67 19.58
C SER A 262 60.40 35.49 20.12
N TRP A 263 59.26 35.76 20.75
CA TRP A 263 58.49 34.69 21.38
C TRP A 263 57.79 33.82 20.34
N PHE A 264 56.89 34.42 19.57
CA PHE A 264 56.15 33.68 18.57
C PHE A 264 56.49 34.16 17.17
N SER A 265 57.74 34.55 16.96
CA SER A 265 58.13 35.06 15.64
C SER A 265 58.21 33.95 14.61
N ASN A 266 58.56 32.74 15.05
CA ASN A 266 58.66 31.63 14.12
C ASN A 266 57.28 31.12 13.71
N GLY A 267 56.36 31.08 14.64
CA GLY A 267 55.05 30.49 14.42
C GLY A 267 54.80 29.42 15.46
N THR A 268 53.54 29.26 15.83
CA THR A 268 53.18 28.28 16.85
C THR A 268 51.93 27.55 16.41
N THR A 269 51.63 26.48 17.14
CA THR A 269 50.43 25.68 16.91
C THR A 269 49.42 26.03 18.00
N THR A 270 48.21 26.40 17.60
CA THR A 270 47.18 26.74 18.55
C THR A 270 46.35 25.53 18.90
N TYR A 271 45.49 25.67 19.90
CA TYR A 271 44.79 24.54 20.46
C TYR A 271 43.32 24.87 20.68
N ASP A 272 42.50 23.82 20.72
CA ASP A 272 41.09 23.91 21.07
C ASP A 272 40.34 24.87 20.14
N ASN A 273 40.27 24.48 18.88
CA ASN A 273 39.56 25.26 17.87
C ASN A 273 38.13 24.74 17.79
N ILE A 274 37.21 25.41 18.47
CA ILE A 274 35.80 25.04 18.48
C ILE A 274 34.98 26.32 18.58
N ALA A 275 33.76 26.27 18.07
CA ALA A 275 32.92 27.44 18.03
C ALA A 275 32.62 27.95 19.44
N TYR A 276 32.11 29.17 19.52
CA TYR A 276 31.83 29.79 20.81
C TYR A 276 30.68 29.10 21.52
N THR A 277 29.59 28.85 20.81
CA THR A 277 28.45 28.19 21.41
C THR A 277 28.83 26.83 21.98
N LEU A 278 29.52 26.02 21.19
CA LEU A 278 29.97 24.72 21.69
C LEU A 278 31.00 24.87 22.79
N ARG A 279 31.78 25.95 22.79
CA ARG A 279 32.73 26.15 23.88
C ARG A 279 32.00 26.37 25.20
N LEU A 280 30.97 27.22 25.18
CA LEU A 280 30.19 27.41 26.39
C LEU A 280 29.51 26.12 26.79
N MET A 281 28.91 25.41 25.84
CA MET A 281 28.19 24.19 26.17
C MET A 281 29.12 23.14 26.74
N VAL A 282 30.38 23.11 26.27
CA VAL A 282 31.34 22.14 26.76
C VAL A 282 31.77 22.50 28.18
N ASP A 283 32.13 23.76 28.42
CA ASP A 283 32.62 24.13 29.73
C ASP A 283 31.54 24.02 30.79
N CYS A 284 30.33 24.51 30.50
CA CYS A 284 29.27 24.48 31.51
C CYS A 284 28.80 23.06 31.77
N GLY A 285 28.88 22.20 30.78
CA GLY A 285 28.40 20.83 30.91
C GLY A 285 27.02 20.58 30.36
N ILE A 286 26.62 21.26 29.31
CA ILE A 286 25.26 21.22 28.81
C ILE A 286 25.25 20.42 27.53
N VAL A 287 24.68 19.23 27.56
CA VAL A 287 24.46 18.46 26.34
C VAL A 287 23.22 18.99 25.65
N GLY A 288 23.12 18.77 24.35
CA GLY A 288 21.96 19.25 23.62
C GLY A 288 20.68 18.63 24.14
N MET A 289 19.63 19.44 24.20
CA MET A 289 18.32 19.03 24.71
C MET A 289 18.44 18.44 26.11
N SER A 290 18.96 19.23 27.04
CA SER A 290 19.09 18.85 28.43
C SER A 290 18.38 19.85 29.31
N TRP A 291 18.53 19.69 30.61
CA TRP A 291 17.80 20.47 31.60
C TRP A 291 18.75 21.42 32.31
N ILE A 292 18.29 22.66 32.51
CA ILE A 292 19.06 23.69 33.18
C ILE A 292 18.21 24.27 34.30
N THR A 293 18.81 24.47 35.46
CA THR A 293 18.10 25.01 36.61
C THR A 293 18.75 26.33 37.00
N LEU A 294 18.06 27.42 36.74
CA LEU A 294 18.53 28.72 37.22
C LEU A 294 18.19 28.84 38.69
N PRO A 295 19.18 28.87 39.58
CA PRO A 295 18.89 28.81 41.00
C PRO A 295 18.02 29.97 41.45
N LYS A 296 17.46 29.82 42.64
CA LYS A 296 16.51 30.79 43.17
C LYS A 296 17.23 32.06 43.57
N GLY A 297 16.97 33.15 42.84
CA GLY A 297 17.51 34.44 43.19
C GLY A 297 18.84 34.78 42.54
N LYS A 298 19.48 33.84 41.86
CA LYS A 298 20.74 34.10 41.19
C LYS A 298 20.57 34.71 39.82
N TYR A 299 19.37 34.75 39.29
CA TYR A 299 19.14 35.23 37.93
C TYR A 299 18.38 36.55 37.97
N SER A 300 18.53 37.31 36.90
CA SER A 300 17.90 38.61 36.77
C SER A 300 16.95 38.56 35.60
N MET A 301 15.86 39.31 35.69
CA MET A 301 14.85 39.35 34.64
C MET A 301 15.06 40.57 33.76
N ILE A 302 14.91 40.39 32.45
CA ILE A 302 14.97 41.51 31.55
C ILE A 302 13.69 42.32 31.67
N GLU A 303 13.83 43.63 31.81
CA GLU A 303 12.66 44.48 31.97
C GLU A 303 11.90 44.57 30.66
N PRO A 304 10.57 44.72 30.74
CA PRO A 304 9.75 44.72 29.51
C PRO A 304 10.22 45.70 28.46
N ASN A 305 10.99 46.71 28.83
CA ASN A 305 11.47 47.66 27.84
C ASN A 305 12.61 47.06 27.03
N ASN A 306 13.49 46.29 27.67
CA ASN A 306 14.65 45.74 27.00
C ASN A 306 14.45 44.32 26.52
N ARG A 307 13.21 43.81 26.55
CA ARG A 307 12.95 42.49 26.01
C ARG A 307 13.17 42.48 24.52
N VAL A 308 13.69 41.37 24.01
CA VAL A 308 14.02 41.23 22.60
C VAL A 308 13.26 40.05 21.98
N SER A 309 12.58 39.26 22.78
CA SER A 309 11.94 38.05 22.29
C SER A 309 10.46 38.07 22.58
N SER A 310 9.80 36.99 22.19
CA SER A 310 8.40 36.78 22.46
C SER A 310 8.17 35.78 23.59
N CYS A 311 9.23 35.18 24.11
CA CYS A 311 9.09 34.17 25.16
C CYS A 311 8.51 34.78 26.42
N GLN A 312 7.98 33.91 27.28
CA GLN A 312 7.33 34.37 28.49
C GLN A 312 8.36 34.79 29.53
N LEU A 313 9.33 33.93 29.79
CA LEU A 313 10.37 34.20 30.77
C LEU A 313 11.64 34.57 30.02
N GLU A 314 12.11 35.79 30.20
CA GLU A 314 13.31 36.28 29.55
C GLU A 314 14.26 36.78 30.61
N VAL A 315 15.19 35.94 31.02
CA VAL A 315 16.06 36.22 32.16
C VAL A 315 17.49 36.25 31.70
N SER A 316 18.40 36.54 32.62
CA SER A 316 19.83 36.57 32.33
C SER A 316 20.58 36.12 33.57
N ILE A 317 21.51 35.19 33.39
CA ILE A 317 22.23 34.59 34.50
C ILE A 317 23.71 34.52 34.16
N ASN A 318 24.55 34.57 35.19
CA ASN A 318 25.98 34.37 34.99
C ASN A 318 26.28 32.90 34.82
N TYR A 319 27.26 32.60 33.97
CA TYR A 319 27.46 31.20 33.59
C TYR A 319 27.95 30.38 34.77
N ARG A 320 28.54 31.02 35.78
CA ARG A 320 29.01 30.27 36.93
C ARG A 320 27.84 29.79 37.79
N ASN A 321 26.68 30.44 37.65
CA ASN A 321 25.61 30.20 38.61
C ASN A 321 24.69 29.07 38.19
N LEU A 322 24.33 29.01 36.91
CA LEU A 322 23.34 28.03 36.47
C LEU A 322 23.82 26.61 36.73
N ILE A 323 22.89 25.75 37.08
CA ILE A 323 23.17 24.33 37.33
C ILE A 323 22.70 23.54 36.13
N ALA A 324 23.63 22.86 35.47
CA ALA A 324 23.34 22.11 34.25
C ALA A 324 23.37 20.63 34.58
N HIS A 325 22.20 20.00 34.62
CA HIS A 325 22.13 18.62 35.00
C HIS A 325 22.54 17.71 33.84
N PRO A 326 23.14 16.57 34.14
CA PRO A 326 23.34 15.56 33.11
C PRO A 326 22.02 14.88 32.79
N ALA A 327 21.89 14.42 31.55
CA ALA A 327 20.63 13.86 31.09
C ALA A 327 20.46 12.42 31.54
N GLU A 328 20.61 12.16 32.83
CA GLU A 328 20.45 10.81 33.36
C GLU A 328 19.88 10.88 34.76
N GLY A 329 18.86 10.07 35.01
CA GLY A 329 18.19 10.08 36.29
C GLY A 329 16.91 10.87 36.28
N ASP A 330 16.70 11.71 37.30
CA ASP A 330 15.48 12.49 37.39
C ASP A 330 15.34 13.50 36.27
N TRP A 331 16.43 13.81 35.57
CA TRP A 331 16.43 14.85 34.56
C TRP A 331 16.43 14.31 33.15
N SER A 332 15.91 13.09 32.95
CA SER A 332 15.92 12.48 31.64
C SER A 332 14.61 12.66 30.88
N HIS A 333 13.59 13.21 31.52
CA HIS A 333 12.31 13.37 30.84
C HIS A 333 12.40 14.47 29.79
N THR A 334 11.26 14.77 29.17
CA THR A 334 11.19 15.77 28.13
C THR A 334 10.03 16.72 28.41
N ALA A 335 10.23 17.98 28.07
CA ALA A 335 9.27 19.03 28.36
C ALA A 335 8.15 18.98 27.32
N PRO A 336 7.00 19.57 27.63
CA PRO A 336 5.88 19.58 26.68
C PRO A 336 6.10 20.51 25.48
N LEU A 337 6.85 20.00 24.50
CA LEU A 337 7.11 20.77 23.29
C LEU A 337 5.83 20.94 22.48
N ARG A 338 5.84 21.89 21.57
CA ARG A 338 4.69 22.21 20.74
C ARG A 338 5.06 22.08 19.28
N ILE A 339 4.81 20.92 18.69
CA ILE A 339 5.15 20.64 17.30
C ILE A 339 4.08 21.25 16.42
N MET A 340 4.49 22.06 15.45
CA MET A 340 3.57 22.64 14.49
C MET A 340 3.93 22.13 13.10
N SER A 341 3.10 21.26 12.55
CA SER A 341 3.27 20.87 11.17
C SER A 341 2.44 21.77 10.27
N PHE A 342 2.88 21.92 9.03
CA PHE A 342 2.13 22.76 8.12
C PHE A 342 2.48 22.43 6.68
N ASP A 343 1.80 23.09 5.77
CA ASP A 343 1.92 22.82 4.34
C ASP A 343 1.22 23.95 3.60
N ILE A 344 1.64 24.18 2.37
CA ILE A 344 1.02 25.19 1.54
C ILE A 344 0.69 24.59 0.19
N GLU A 345 -0.24 25.21 -0.52
CA GLU A 345 -0.56 24.85 -1.89
C GLU A 345 -0.67 26.12 -2.72
N CYS A 346 -0.03 26.13 -3.88
CA CYS A 346 0.06 27.32 -4.70
C CYS A 346 -0.74 27.13 -5.98
N ALA A 347 -1.37 28.21 -6.43
CA ALA A 347 -2.19 28.18 -7.63
C ALA A 347 -1.36 28.68 -8.80
N GLY A 348 -0.66 27.76 -9.46
CA GLY A 348 0.27 28.15 -10.49
C GLY A 348 -0.36 28.26 -11.86
N ARG A 349 0.26 29.06 -12.73
CA ARG A 349 -0.19 29.15 -14.12
C ARG A 349 -0.08 27.79 -14.79
N ILE A 350 -0.81 27.64 -15.89
CA ILE A 350 -0.92 26.35 -16.54
C ILE A 350 0.43 25.93 -17.11
N GLY A 351 0.82 24.69 -16.83
CA GLY A 351 2.01 24.12 -17.41
C GLY A 351 3.33 24.63 -16.87
N VAL A 352 3.31 25.61 -15.97
CA VAL A 352 4.52 26.17 -15.38
C VAL A 352 4.52 25.89 -13.90
N PHE A 353 5.65 25.39 -13.40
CA PHE A 353 5.79 25.14 -11.98
C PHE A 353 5.60 26.44 -11.20
N PRO A 354 5.10 26.37 -9.97
CA PRO A 354 4.86 27.60 -9.21
C PRO A 354 6.14 28.37 -8.96
N GLU A 355 6.17 29.62 -9.41
CA GLU A 355 7.23 30.55 -9.09
C GLU A 355 6.72 31.59 -8.14
N PRO A 356 7.43 31.88 -7.04
CA PRO A 356 6.89 32.82 -6.05
C PRO A 356 6.55 34.18 -6.63
N GLU A 357 7.31 34.63 -7.63
CA GLU A 357 7.14 35.99 -8.10
C GLU A 357 5.80 36.17 -8.80
N TYR A 358 5.20 35.09 -9.31
CA TYR A 358 3.99 35.21 -10.12
C TYR A 358 2.85 34.29 -9.70
N ASP A 359 3.09 33.29 -8.87
CA ASP A 359 2.09 32.31 -8.55
C ASP A 359 1.76 32.33 -7.06
N PRO A 360 0.55 32.72 -6.68
CA PRO A 360 0.27 32.98 -5.27
C PRO A 360 0.17 31.71 -4.43
N VAL A 361 0.28 31.89 -3.13
CA VAL A 361 -0.06 30.89 -2.14
C VAL A 361 -1.54 31.06 -1.84
N ILE A 362 -2.30 29.98 -1.83
CA ILE A 362 -3.73 30.14 -1.64
C ILE A 362 -4.21 29.50 -0.36
N GLN A 363 -3.51 28.48 0.12
CA GLN A 363 -3.93 27.87 1.38
C GLN A 363 -2.70 27.46 2.18
N ILE A 364 -2.86 27.45 3.50
CA ILE A 364 -1.79 27.12 4.43
C ILE A 364 -2.38 26.34 5.59
N ALA A 365 -2.11 25.06 5.65
CA ALA A 365 -2.68 24.24 6.71
C ALA A 365 -1.86 24.41 7.98
N ASN A 366 -2.25 23.74 9.07
CA ASN A 366 -1.61 23.86 10.36
C ASN A 366 -2.10 22.76 11.28
N VAL A 367 -1.21 22.02 11.92
CA VAL A 367 -1.67 20.91 12.76
C VAL A 367 -0.95 20.96 14.11
N VAL A 368 -0.75 22.16 14.65
CA VAL A 368 -0.03 22.30 15.92
C VAL A 368 -0.45 21.22 16.91
N SER A 369 0.52 20.65 17.60
CA SER A 369 0.29 19.54 18.51
C SER A 369 1.32 19.55 19.61
N ILE A 370 1.08 18.77 20.66
CA ILE A 370 2.07 18.62 21.72
C ILE A 370 2.79 17.29 21.57
N ALA A 371 4.09 17.29 21.88
CA ALA A 371 4.89 16.09 21.77
C ALA A 371 4.36 15.00 22.68
N GLY A 372 4.35 13.78 22.16
CA GLY A 372 3.89 12.65 22.95
C GLY A 372 2.41 12.68 23.25
N ALA A 373 1.61 13.20 22.34
CA ALA A 373 0.17 13.27 22.52
C ALA A 373 -0.50 12.40 21.47
N LYS A 374 -1.79 12.13 21.68
CA LYS A 374 -2.51 11.26 20.76
C LYS A 374 -2.98 12.01 19.53
N LYS A 375 -3.49 13.22 19.71
CA LYS A 375 -4.07 13.98 18.63
C LYS A 375 -3.71 15.44 18.78
N PRO A 376 -3.61 16.17 17.67
CA PRO A 376 -3.29 17.59 17.76
C PRO A 376 -4.42 18.36 18.43
N PHE A 377 -4.07 19.51 19.00
CA PHE A 377 -5.07 20.37 19.60
C PHE A 377 -5.33 21.63 18.80
N ILE A 378 -4.77 21.76 17.61
CA ILE A 378 -5.08 22.85 16.71
C ILE A 378 -5.12 22.30 15.29
N ARG A 379 -6.08 22.78 14.51
CA ARG A 379 -6.08 22.58 13.07
C ARG A 379 -6.60 23.86 12.44
N ASN A 380 -6.00 24.27 11.34
CA ASN A 380 -6.47 25.48 10.67
C ASN A 380 -6.29 25.28 9.17
N VAL A 381 -6.89 26.18 8.42
CA VAL A 381 -6.49 26.34 7.03
C VAL A 381 -6.68 27.79 6.61
N PHE A 382 -5.60 28.50 6.43
CA PHE A 382 -5.68 29.89 6.01
C PHE A 382 -5.88 29.96 4.51
N THR A 383 -7.10 30.28 4.08
CA THR A 383 -7.44 30.24 2.67
C THR A 383 -7.44 31.64 2.11
N LEU A 384 -7.24 31.73 0.80
CA LEU A 384 -7.20 33.01 0.11
C LEU A 384 -8.60 33.59 -0.11
N ASN A 385 -9.63 32.76 -0.07
CA ASN A 385 -10.98 33.27 -0.28
C ASN A 385 -11.91 32.51 0.66
N THR A 386 -13.21 32.72 0.49
CA THR A 386 -14.17 32.10 1.39
C THR A 386 -14.17 30.59 1.23
N CYS A 387 -14.29 29.89 2.35
CA CYS A 387 -14.22 28.43 2.38
C CYS A 387 -15.29 27.89 3.31
N SER A 388 -16.07 26.92 2.83
CA SER A 388 -17.14 26.36 3.63
C SER A 388 -16.56 25.60 4.82
N PRO A 389 -17.28 25.55 5.93
CA PRO A 389 -16.70 24.99 7.16
C PRO A 389 -16.33 23.52 7.02
N ILE A 390 -15.29 23.14 7.72
CA ILE A 390 -14.89 21.74 7.88
C ILE A 390 -15.06 21.39 9.34
N THR A 391 -15.42 20.13 9.60
CA THR A 391 -15.67 19.65 10.95
C THR A 391 -14.35 19.31 11.62
N GLY A 392 -14.09 19.94 12.76
CA GLY A 392 -12.91 19.66 13.55
C GLY A 392 -11.73 20.58 13.30
N SER A 393 -11.86 21.57 12.42
CA SER A 393 -10.75 22.40 12.03
C SER A 393 -11.25 23.80 11.70
N MET A 394 -10.79 24.80 12.47
CA MET A 394 -11.14 26.17 12.18
C MET A 394 -10.72 26.54 10.77
N ILE A 395 -11.33 27.58 10.22
CA ILE A 395 -10.99 28.01 8.88
C ILE A 395 -10.89 29.53 8.84
N PHE A 396 -9.68 30.06 8.87
CA PHE A 396 -9.48 31.49 8.82
C PHE A 396 -9.40 31.94 7.38
N SER A 397 -10.52 32.38 6.82
CA SER A 397 -10.61 32.72 5.42
C SER A 397 -10.38 34.21 5.22
N HIS A 398 -9.28 34.55 4.56
CA HIS A 398 -8.93 35.94 4.35
C HIS A 398 -9.33 36.39 2.96
N ALA A 399 -9.16 37.68 2.70
CA ALA A 399 -9.58 38.28 1.45
C ALA A 399 -8.45 38.58 0.50
N THR A 400 -7.26 38.89 1.00
CA THR A 400 -6.09 39.15 0.17
C THR A 400 -4.93 38.31 0.67
N GLU A 401 -3.94 38.12 -0.19
CA GLU A 401 -2.82 37.27 0.18
C GLU A 401 -1.95 37.93 1.24
N GLU A 402 -1.81 39.26 1.19
CA GLU A 402 -1.01 39.94 2.19
C GLU A 402 -1.59 39.75 3.59
N GLU A 403 -2.90 39.90 3.72
CA GLU A 403 -3.53 39.67 5.01
C GLU A 403 -3.36 38.22 5.45
N MET A 404 -3.41 37.29 4.50
CA MET A 404 -3.22 35.89 4.85
C MET A 404 -1.84 35.64 5.42
N LEU A 405 -0.81 36.18 4.76
CA LEU A 405 0.54 35.96 5.25
C LEU A 405 0.76 36.62 6.60
N SER A 406 0.28 37.85 6.77
CA SER A 406 0.46 38.52 8.04
C SER A 406 -0.26 37.81 9.17
N ASN A 407 -1.47 37.31 8.90
CA ASN A 407 -2.20 36.60 9.93
C ASN A 407 -1.56 35.26 10.25
N TRP A 408 -0.96 34.61 9.25
CA TRP A 408 -0.24 33.38 9.55
C TRP A 408 0.95 33.66 10.45
N ARG A 409 1.66 34.75 10.18
CA ARG A 409 2.77 35.12 11.04
C ARG A 409 2.31 35.38 12.46
N ASN A 410 1.23 36.16 12.61
CA ASN A 410 0.71 36.42 13.95
C ASN A 410 0.28 35.14 14.62
N PHE A 411 -0.25 34.19 13.84
CA PHE A 411 -0.66 32.90 14.40
C PHE A 411 0.54 32.16 14.96
N ILE A 412 1.64 32.11 14.20
CA ILE A 412 2.83 31.43 14.71
C ILE A 412 3.34 32.11 15.96
N ILE A 413 3.41 33.44 15.93
CA ILE A 413 3.93 34.16 17.09
C ILE A 413 3.08 33.89 18.33
N LYS A 414 1.76 33.82 18.15
CA LYS A 414 0.88 33.58 19.29
C LYS A 414 1.00 32.15 19.80
N VAL A 415 1.11 31.18 18.89
CA VAL A 415 1.21 29.79 19.31
C VAL A 415 2.57 29.52 19.95
N ASP A 416 3.63 30.15 19.43
CA ASP A 416 5.00 29.82 19.80
C ASP A 416 5.25 28.34 19.75
N PRO A 417 5.24 27.72 18.58
CA PRO A 417 5.64 26.32 18.50
C PRO A 417 7.12 26.19 18.76
N ASP A 418 7.55 24.98 19.11
CA ASP A 418 8.96 24.70 19.28
C ASP A 418 9.58 24.07 18.05
N VAL A 419 8.84 23.22 17.35
CA VAL A 419 9.42 22.41 16.29
C VAL A 419 8.58 22.57 15.04
N ILE A 420 8.97 23.44 14.13
CA ILE A 420 8.21 23.59 12.90
C ILE A 420 8.57 22.48 11.92
N ILE A 421 7.87 21.34 12.01
CA ILE A 421 8.15 20.20 11.15
C ILE A 421 7.36 20.32 9.86
N GLY A 422 7.68 19.49 8.88
CA GLY A 422 6.93 19.46 7.64
C GLY A 422 7.45 18.34 6.77
N TYR A 423 7.09 18.43 5.50
CA TYR A 423 7.65 17.57 4.46
C TYR A 423 8.06 18.44 3.29
N ASN A 424 9.36 18.57 3.06
CA ASN A 424 9.94 19.45 2.05
C ASN A 424 9.71 20.92 2.38
N THR A 425 9.62 21.26 3.66
CA THR A 425 9.45 22.66 4.03
C THR A 425 10.74 23.43 3.89
N THR A 426 11.88 22.80 4.23
CA THR A 426 13.15 23.49 4.14
C THR A 426 13.45 23.93 2.73
N ASN A 427 13.15 23.07 1.75
CA ASN A 427 13.49 23.35 0.37
C ASN A 427 12.40 24.06 -0.39
N PHE A 428 11.12 23.78 -0.11
CA PHE A 428 10.05 24.34 -0.92
C PHE A 428 9.14 25.27 -0.13
N ASP A 429 8.60 24.83 1.01
CA ASP A 429 7.51 25.59 1.62
C ASP A 429 7.98 26.93 2.16
N ILE A 430 8.92 26.91 3.11
CA ILE A 430 9.31 28.14 3.79
C ILE A 430 10.01 29.09 2.82
N PRO A 431 10.96 28.62 1.99
CA PRO A 431 11.50 29.55 0.98
C PRO A 431 10.46 30.12 0.07
N TYR A 432 9.47 29.33 -0.33
CA TYR A 432 8.41 29.86 -1.19
C TYR A 432 7.64 30.95 -0.46
N LEU A 433 7.28 30.71 0.80
CA LEU A 433 6.56 31.72 1.56
C LEU A 433 7.38 32.99 1.67
N LEU A 434 8.68 32.87 1.95
CA LEU A 434 9.50 34.05 2.16
C LEU A 434 9.66 34.85 0.88
N ASN A 435 9.94 34.17 -0.25
CA ASN A 435 10.07 34.88 -1.51
C ASN A 435 8.74 35.47 -1.94
N ARG A 436 7.63 34.80 -1.62
CA ARG A 436 6.33 35.34 -1.98
C ARG A 436 6.02 36.60 -1.19
N ALA A 437 6.27 36.57 0.12
CA ALA A 437 6.06 37.77 0.91
C ALA A 437 6.97 38.89 0.46
N LYS A 438 8.19 38.55 0.02
CA LYS A 438 9.07 39.57 -0.51
C LYS A 438 8.51 40.16 -1.80
N ALA A 439 7.92 39.32 -2.65
CA ALA A 439 7.40 39.80 -3.92
C ALA A 439 6.12 40.60 -3.72
N LEU A 440 5.40 40.34 -2.64
CA LEU A 440 4.18 41.06 -2.34
C LEU A 440 4.39 42.28 -1.47
N LYS A 441 5.64 42.69 -1.25
CA LYS A 441 5.97 43.87 -0.46
C LYS A 441 5.48 43.76 0.98
N VAL A 442 5.28 42.54 1.47
CA VAL A 442 4.95 42.35 2.87
C VAL A 442 6.25 42.39 3.66
N ASN A 443 6.53 43.54 4.27
CA ASN A 443 7.85 43.75 4.86
C ASN A 443 7.94 43.20 6.28
N ASP A 444 6.82 43.11 6.98
CA ASP A 444 6.84 42.65 8.37
C ASP A 444 6.64 41.15 8.50
N PHE A 445 6.41 40.45 7.41
CA PHE A 445 6.18 39.02 7.45
C PHE A 445 7.41 38.23 7.92
N PRO A 446 8.60 38.45 7.37
CA PRO A 446 9.66 37.45 7.55
C PRO A 446 10.26 37.41 8.94
N TYR A 447 9.62 38.03 9.93
CA TYR A 447 10.09 37.99 11.32
C TYR A 447 9.15 37.10 12.13
N PHE A 448 9.38 35.79 12.14
CA PHE A 448 8.61 34.92 13.00
C PHE A 448 9.45 33.92 13.76
N GLY A 449 10.66 34.29 14.14
CA GLY A 449 11.40 33.49 15.09
C GLY A 449 11.04 33.88 16.50
N ARG A 450 11.70 33.22 17.45
CA ARG A 450 11.46 33.57 18.84
C ARG A 450 11.97 34.96 19.19
N LEU A 451 12.78 35.57 18.32
CA LEU A 451 13.29 36.91 18.55
C LEU A 451 12.51 37.90 17.70
N LYS A 452 12.32 39.11 18.21
CA LYS A 452 11.36 40.02 17.59
C LYS A 452 11.86 40.59 16.28
N THR A 453 13.11 41.06 16.24
CA THR A 453 13.57 41.87 15.13
C THR A 453 14.74 41.25 14.37
N VAL A 454 14.79 39.94 14.24
CA VAL A 454 15.79 39.28 13.41
C VAL A 454 15.08 38.74 12.18
N LYS A 455 15.50 39.19 11.00
CA LYS A 455 14.85 38.75 9.79
C LYS A 455 15.27 37.32 9.45
N GLN A 456 14.33 36.56 8.91
CA GLN A 456 14.64 35.25 8.38
C GLN A 456 15.11 35.38 6.93
N GLU A 457 16.23 34.74 6.62
CA GLU A 457 16.78 34.78 5.27
C GLU A 457 17.22 33.38 4.88
N ILE A 458 17.30 33.16 3.57
CA ILE A 458 17.63 31.87 3.00
C ILE A 458 19.12 31.84 2.67
N LYS A 459 19.81 30.82 3.16
CA LYS A 459 21.24 30.67 2.93
C LYS A 459 21.49 29.27 2.41
N GLU A 460 21.70 29.15 1.10
CA GLU A 460 21.86 27.85 0.45
C GLU A 460 23.19 27.23 0.84
N SER A 461 23.12 26.03 1.39
CA SER A 461 24.32 25.31 1.82
C SER A 461 24.30 23.92 1.24
N VAL A 462 25.49 23.38 0.98
CA VAL A 462 25.65 22.07 0.36
C VAL A 462 26.36 21.16 1.34
N PHE A 463 25.85 19.94 1.51
CA PHE A 463 26.43 18.95 2.40
C PHE A 463 26.76 17.71 1.60
N SER A 464 28.03 17.31 1.62
CA SER A 464 28.51 16.14 0.90
C SER A 464 29.12 15.16 1.87
N SER A 465 28.80 13.89 1.70
CA SER A 465 29.39 12.82 2.50
C SER A 465 29.25 11.53 1.72
N LYS A 466 30.14 10.58 2.00
CA LYS A 466 30.05 9.30 1.31
C LYS A 466 28.78 8.57 1.66
N ALA A 467 28.40 8.57 2.94
CA ALA A 467 27.23 7.84 3.38
C ALA A 467 25.94 8.61 3.17
N TYR A 468 26.00 9.88 2.76
CA TYR A 468 24.81 10.69 2.61
C TYR A 468 24.67 11.35 1.25
N GLY A 469 25.75 11.48 0.49
CA GLY A 469 25.67 12.03 -0.83
C GLY A 469 25.44 13.53 -0.83
N THR A 470 25.81 14.15 -1.94
CA THR A 470 25.72 15.59 -2.09
C THR A 470 24.27 16.00 -2.27
N ARG A 471 23.84 17.01 -1.52
CA ARG A 471 22.51 17.59 -1.68
C ARG A 471 22.52 19.01 -1.19
N GLU A 472 21.91 19.90 -1.95
CA GLU A 472 21.89 21.32 -1.66
C GLU A 472 20.63 21.68 -0.90
N THR A 473 20.79 22.33 0.24
CA THR A 473 19.67 22.69 1.10
C THR A 473 19.60 24.21 1.21
N LYS A 474 18.40 24.71 1.45
CA LYS A 474 18.18 26.15 1.62
C LYS A 474 17.79 26.39 3.07
N ASN A 475 18.79 26.54 3.94
CA ASN A 475 18.50 26.73 5.36
C ASN A 475 17.94 28.10 5.62
N VAL A 476 16.90 28.15 6.46
CA VAL A 476 16.30 29.39 6.93
C VAL A 476 16.48 29.45 8.44
N ASN A 477 16.83 30.63 8.95
CA ASN A 477 17.21 30.77 10.35
C ASN A 477 15.99 31.22 11.17
N ILE A 478 15.15 30.27 11.52
CA ILE A 478 14.03 30.52 12.43
C ILE A 478 14.58 30.43 13.85
N ASP A 479 14.86 31.58 14.44
CA ASP A 479 15.60 31.62 15.70
C ASP A 479 14.75 31.14 16.86
N GLY A 480 15.31 30.25 17.66
CA GLY A 480 14.64 29.75 18.84
C GLY A 480 13.82 28.49 18.63
N ARG A 481 13.44 28.20 17.40
CA ARG A 481 12.61 27.04 17.10
C ARG A 481 13.42 26.02 16.34
N LEU A 482 13.32 24.76 16.74
CA LEU A 482 13.89 23.68 15.96
C LEU A 482 13.22 23.59 14.60
N GLN A 483 13.78 22.76 13.73
CA GLN A 483 13.15 22.40 12.48
C GLN A 483 13.48 20.94 12.20
N LEU A 484 12.47 20.17 11.81
CA LEU A 484 12.62 18.75 11.58
C LEU A 484 11.91 18.34 10.30
N ASP A 485 12.20 19.05 9.21
CA ASP A 485 11.68 18.65 7.91
C ASP A 485 11.84 17.15 7.74
N LEU A 486 10.72 16.45 7.60
CA LEU A 486 10.77 14.99 7.59
C LEU A 486 11.48 14.45 6.37
N LEU A 487 11.52 15.18 5.27
CA LEU A 487 12.22 14.71 4.09
C LEU A 487 13.68 14.43 4.41
N GLN A 488 14.33 15.36 5.11
CA GLN A 488 15.72 15.15 5.49
C GLN A 488 15.85 13.98 6.45
N PHE A 489 14.93 13.86 7.40
CA PHE A 489 15.04 12.78 8.38
C PHE A 489 14.98 11.44 7.69
N ILE A 490 14.07 11.29 6.72
CA ILE A 490 13.95 10.01 6.05
C ILE A 490 15.11 9.78 5.10
N GLN A 491 15.54 10.82 4.37
CA GLN A 491 16.67 10.66 3.47
C GLN A 491 17.93 10.29 4.23
N ARG A 492 17.96 10.55 5.53
CA ARG A 492 19.12 10.13 6.30
C ARG A 492 18.92 8.75 6.91
N GLU A 493 17.73 8.46 7.41
CA GLU A 493 17.54 7.24 8.17
C GLU A 493 17.17 6.03 7.33
N TYR A 494 16.57 6.23 6.16
CA TYR A 494 15.99 5.12 5.41
C TYR A 494 16.40 5.18 3.95
N LYS A 495 16.70 4.02 3.39
CA LYS A 495 17.01 3.87 1.97
C LYS A 495 15.78 3.33 1.24
N LEU A 496 15.16 4.18 0.44
CA LEU A 496 13.95 3.81 -0.27
C LEU A 496 14.12 4.17 -1.73
N ARG A 497 13.26 3.57 -2.57
CA ARG A 497 13.37 3.80 -4.00
C ARG A 497 12.99 5.24 -4.35
N SER A 498 12.08 5.83 -3.60
CA SER A 498 11.69 7.22 -3.80
C SER A 498 11.25 7.80 -2.48
N TYR A 499 11.29 9.13 -2.39
CA TYR A 499 11.04 9.83 -1.14
C TYR A 499 9.88 10.81 -1.25
N THR A 500 9.07 10.71 -2.30
CA THR A 500 7.90 11.56 -2.39
C THR A 500 6.95 11.25 -1.24
N LEU A 501 6.07 12.21 -0.93
CA LEU A 501 5.18 12.04 0.21
C LEU A 501 4.29 10.82 0.02
N ASN A 502 3.75 10.65 -1.19
CA ASN A 502 2.92 9.48 -1.47
C ASN A 502 3.68 8.19 -1.17
N ALA A 503 4.93 8.10 -1.63
CA ALA A 503 5.65 6.84 -1.52
C ALA A 503 6.03 6.53 -0.08
N VAL A 504 6.45 7.53 0.68
CA VAL A 504 6.83 7.26 2.07
C VAL A 504 5.59 7.02 2.92
N SER A 505 4.47 7.65 2.58
CA SER A 505 3.23 7.32 3.28
C SER A 505 2.82 5.89 2.99
N ALA A 506 2.88 5.48 1.73
CA ALA A 506 2.54 4.11 1.37
C ALA A 506 3.49 3.11 2.02
N HIS A 507 4.75 3.49 2.20
CA HIS A 507 5.70 2.58 2.82
C HIS A 507 5.46 2.46 4.32
N PHE A 508 5.50 3.56 5.05
CA PHE A 508 5.43 3.51 6.50
C PHE A 508 4.00 3.40 7.01
N LEU A 509 3.12 4.32 6.62
CA LEU A 509 1.76 4.30 7.09
C LEU A 509 0.93 3.20 6.44
N GLY A 510 1.35 2.70 5.29
CA GLY A 510 0.62 1.65 4.63
C GLY A 510 -0.62 2.08 3.91
N GLU A 511 -0.78 3.36 3.60
CA GLU A 511 -1.98 3.85 2.94
C GLU A 511 -1.63 4.63 1.69
N GLN A 512 -2.17 4.20 0.56
CA GLN A 512 -2.15 4.95 -0.68
C GLN A 512 -3.45 5.74 -0.77
N LYS A 513 -3.34 7.06 -0.81
CA LYS A 513 -4.53 7.88 -0.90
C LYS A 513 -4.40 8.83 -2.09
N GLU A 514 -5.52 9.41 -2.47
CA GLU A 514 -5.55 10.25 -3.66
C GLU A 514 -4.57 11.40 -3.53
N ASP A 515 -4.05 11.84 -4.65
CA ASP A 515 -3.14 12.97 -4.70
C ASP A 515 -3.62 13.88 -5.81
N VAL A 516 -4.28 14.97 -5.42
CA VAL A 516 -4.98 15.80 -6.39
C VAL A 516 -4.04 16.22 -7.52
N HIS A 517 -4.62 16.36 -8.70
CA HIS A 517 -3.85 16.74 -9.87
C HIS A 517 -3.32 18.16 -9.69
N TYR A 518 -2.20 18.45 -10.33
CA TYR A 518 -1.60 19.77 -10.17
C TYR A 518 -2.43 20.83 -10.88
N SER A 519 -2.76 20.60 -12.15
CA SER A 519 -3.40 21.65 -12.94
C SER A 519 -4.83 21.89 -12.50
N ILE A 520 -5.42 20.95 -11.76
CA ILE A 520 -6.79 21.13 -11.30
C ILE A 520 -6.85 22.03 -10.08
N ILE A 521 -5.70 22.36 -9.50
CA ILE A 521 -5.67 23.23 -8.32
C ILE A 521 -6.22 24.61 -8.68
N SER A 522 -5.87 25.12 -9.86
CA SER A 522 -6.36 26.42 -10.27
C SER A 522 -7.88 26.42 -10.42
N ASP A 523 -8.43 25.35 -10.99
CA ASP A 523 -9.87 25.26 -11.13
C ASP A 523 -10.55 25.16 -9.76
N LEU A 524 -10.02 24.32 -8.87
CA LEU A 524 -10.59 24.20 -7.55
C LEU A 524 -10.56 25.54 -6.81
N GLN A 525 -9.49 26.29 -6.97
CA GLN A 525 -9.41 27.57 -6.30
C GLN A 525 -10.39 28.56 -6.87
N ASN A 526 -10.45 28.67 -8.20
CA ASN A 526 -11.33 29.64 -8.83
C ASN A 526 -12.75 29.14 -9.00
N GLY A 527 -13.11 28.04 -8.36
CA GLY A 527 -14.49 27.62 -8.38
C GLY A 527 -15.32 28.28 -7.31
N ASP A 528 -15.86 27.51 -6.38
CA ASP A 528 -16.71 28.07 -5.33
C ASP A 528 -16.26 27.53 -3.98
N SER A 529 -16.99 27.94 -2.94
CA SER A 529 -16.61 27.61 -1.58
C SER A 529 -16.54 26.12 -1.36
N GLU A 530 -17.33 25.34 -2.11
CA GLU A 530 -17.23 23.89 -1.98
C GLU A 530 -15.91 23.37 -2.50
N THR A 531 -15.50 23.84 -3.69
CA THR A 531 -14.20 23.46 -4.21
C THR A 531 -13.08 23.91 -3.28
N ARG A 532 -13.24 25.08 -2.68
CA ARG A 532 -12.21 25.55 -1.76
C ARG A 532 -12.19 24.70 -0.49
N ARG A 533 -13.34 24.19 -0.07
CA ARG A 533 -13.34 23.22 1.03
C ARG A 533 -12.61 21.96 0.62
N ARG A 534 -12.73 21.58 -0.64
CA ARG A 534 -12.01 20.41 -1.14
C ARG A 534 -10.51 20.64 -1.06
N LEU A 535 -10.05 21.80 -1.53
CA LEU A 535 -8.65 22.16 -1.37
C LEU A 535 -8.24 22.14 0.10
N ALA A 536 -9.10 22.66 0.97
CA ALA A 536 -8.76 22.75 2.38
C ALA A 536 -8.58 21.38 2.99
N VAL A 537 -9.42 20.42 2.62
CA VAL A 537 -9.26 19.09 3.19
C VAL A 537 -8.04 18.40 2.61
N TYR A 538 -7.69 18.71 1.36
CA TYR A 538 -6.44 18.21 0.81
C TYR A 538 -5.26 18.73 1.62
N CYS A 539 -5.25 20.04 1.89
CA CYS A 539 -4.15 20.62 2.66
C CYS A 539 -4.11 20.06 4.07
N LEU A 540 -5.27 19.86 4.69
CA LEU A 540 -5.29 19.30 6.03
C LEU A 540 -4.69 17.91 6.04
N LYS A 541 -4.99 17.10 5.03
CA LYS A 541 -4.36 15.79 4.95
C LYS A 541 -2.85 15.92 4.79
N ASP A 542 -2.42 16.79 3.87
CA ASP A 542 -0.99 16.95 3.62
C ASP A 542 -0.25 17.42 4.86
N ALA A 543 -0.93 18.19 5.72
CA ALA A 543 -0.25 18.76 6.86
C ALA A 543 -0.32 17.84 8.07
N TYR A 544 -1.33 16.99 8.14
CA TYR A 544 -1.35 16.02 9.22
C TYR A 544 -0.45 14.83 8.89
N LEU A 545 -0.11 14.63 7.63
CA LEU A 545 0.80 13.52 7.30
C LEU A 545 2.13 13.61 8.02
N PRO A 546 2.91 14.71 7.93
CA PRO A 546 4.22 14.72 8.59
C PRO A 546 4.15 14.48 10.08
N LEU A 547 3.08 14.92 10.74
CA LEU A 547 2.99 14.71 12.17
C LEU A 547 2.78 13.24 12.50
N ARG A 548 1.96 12.55 11.71
CA ARG A 548 1.81 11.11 11.89
C ARG A 548 3.12 10.39 11.63
N LEU A 549 3.83 10.80 10.59
CA LEU A 549 5.13 10.20 10.31
C LEU A 549 6.09 10.41 11.46
N MET A 550 6.09 11.60 12.05
CA MET A 550 7.00 11.89 13.15
C MET A 550 6.64 11.07 14.38
N GLU A 551 5.35 10.87 14.63
CA GLU A 551 4.96 10.09 15.79
C GLU A 551 5.28 8.61 15.59
N LYS A 552 5.12 8.10 14.37
CA LYS A 552 5.40 6.69 14.14
C LYS A 552 6.90 6.42 14.15
N LEU A 553 7.65 7.14 13.32
CA LEU A 553 9.08 6.97 13.20
C LEU A 553 9.83 7.32 14.47
N MET A 554 9.19 8.01 15.41
CA MET A 554 9.85 8.47 16.63
C MET A 554 11.08 9.31 16.30
N ALA A 555 10.86 10.40 15.57
CA ALA A 555 11.96 11.30 15.24
C ALA A 555 12.46 12.02 16.48
N LEU A 556 11.55 12.68 17.20
CA LEU A 556 11.97 13.46 18.37
C LEU A 556 12.67 12.59 19.40
N VAL A 557 12.18 11.38 19.66
CA VAL A 557 12.74 10.59 20.75
C VAL A 557 14.14 10.13 20.39
N ASN A 558 14.30 9.61 19.17
CA ASN A 558 15.62 9.14 18.74
C ASN A 558 16.61 10.28 18.67
N TYR A 559 16.22 11.41 18.11
CA TYR A 559 17.16 12.53 18.01
C TYR A 559 17.45 13.14 19.37
N THR A 560 16.50 13.10 20.28
CA THR A 560 16.79 13.56 21.63
C THR A 560 17.82 12.66 22.29
N GLU A 561 17.66 11.35 22.16
CA GLU A 561 18.68 10.46 22.70
C GLU A 561 20.03 10.70 22.06
N MET A 562 20.05 10.97 20.76
CA MET A 562 21.32 11.19 20.09
C MET A 562 22.00 12.46 20.57
N ALA A 563 21.23 13.55 20.68
CA ALA A 563 21.82 14.81 21.10
C ALA A 563 22.19 14.79 22.57
N ARG A 564 21.55 13.94 23.36
CA ARG A 564 21.93 13.85 24.77
C ARG A 564 23.14 12.95 24.96
N VAL A 565 23.27 11.92 24.14
CA VAL A 565 24.42 11.02 24.27
C VAL A 565 25.67 11.67 23.71
N THR A 566 25.62 12.15 22.47
CA THR A 566 26.80 12.77 21.90
C THR A 566 27.09 14.11 22.56
N GLY A 567 26.20 15.08 22.42
CA GLY A 567 26.37 16.37 23.02
C GLY A 567 26.06 17.53 22.10
N VAL A 568 26.01 17.31 20.80
CA VAL A 568 25.73 18.39 19.85
C VAL A 568 24.31 18.88 20.07
N PRO A 569 24.00 20.13 19.75
CA PRO A 569 22.62 20.58 19.82
C PRO A 569 21.77 19.80 18.83
N PHE A 570 20.45 19.84 19.05
CA PHE A 570 19.54 19.15 18.15
C PHE A 570 19.69 19.64 16.73
N SER A 571 20.07 20.89 16.54
CA SER A 571 20.12 21.44 15.19
C SER A 571 21.25 20.84 14.38
N TYR A 572 22.26 20.29 15.04
CA TYR A 572 23.39 19.69 14.31
C TYR A 572 23.07 18.31 13.79
N LEU A 573 22.08 17.63 14.38
CA LEU A 573 21.83 16.25 14.00
C LEU A 573 21.36 16.13 12.56
N LEU A 574 20.67 17.15 12.07
CA LEU A 574 20.10 17.10 10.73
C LEU A 574 20.77 18.07 9.78
N ALA A 575 21.86 18.69 10.19
CA ALA A 575 22.56 19.65 9.34
C ALA A 575 24.03 19.34 9.17
N ARG A 576 24.60 18.42 9.94
CA ARG A 576 26.01 18.11 9.87
C ARG A 576 26.21 16.62 10.11
N GLY A 577 27.39 16.12 9.75
CA GLY A 577 27.66 14.70 9.73
C GLY A 577 28.01 14.14 11.08
N GLN A 578 28.93 13.17 11.08
CA GLN A 578 29.33 12.46 12.30
C GLN A 578 30.56 13.07 12.95
N GLN A 579 31.36 13.80 12.18
CA GLN A 579 32.56 14.40 12.74
C GLN A 579 32.23 15.35 13.86
N ILE A 580 31.12 16.07 13.75
CA ILE A 580 30.81 17.05 14.79
C ILE A 580 30.45 16.35 16.09
N LYS A 581 29.78 15.21 16.01
CA LYS A 581 29.49 14.45 17.22
C LYS A 581 30.76 13.95 17.87
N VAL A 582 31.68 13.42 17.07
CA VAL A 582 32.93 12.95 17.64
C VAL A 582 33.71 14.10 18.25
N VAL A 583 33.71 15.26 17.59
CA VAL A 583 34.40 16.42 18.11
C VAL A 583 33.84 16.82 19.46
N SER A 584 32.51 16.84 19.58
CA SER A 584 31.91 17.28 20.84
C SER A 584 32.25 16.31 21.97
N GLN A 585 32.11 15.02 21.73
CA GLN A 585 32.43 14.06 22.79
C GLN A 585 33.90 14.14 23.16
N LEU A 586 34.76 14.30 22.16
CA LEU A 586 36.19 14.41 22.42
C LEU A 586 36.49 15.62 23.29
N PHE A 587 35.89 16.76 22.96
CA PHE A 587 36.18 17.96 23.72
C PHE A 587 35.71 17.83 25.16
N ARG A 588 34.55 17.23 25.37
CA ARG A 588 34.08 17.05 26.73
C ARG A 588 35.03 16.15 27.52
N LYS A 589 35.49 15.05 26.92
CA LYS A 589 36.38 14.16 27.65
C LYS A 589 37.72 14.82 27.95
N CYS A 590 38.29 15.51 26.96
CA CYS A 590 39.55 16.22 27.20
C CYS A 590 39.40 17.24 28.31
N LEU A 591 38.34 18.03 28.27
CA LEU A 591 38.10 18.98 29.37
C LEU A 591 38.07 18.27 30.70
N GLU A 592 37.48 17.08 30.74
CA GLU A 592 37.48 16.32 32.00
C GLU A 592 38.91 15.96 32.41
N ILE A 593 39.79 15.70 31.45
CA ILE A 593 41.10 15.12 31.77
C ILE A 593 42.24 16.13 31.57
N ASP A 594 41.93 17.42 31.49
CA ASP A 594 42.94 18.47 31.39
C ASP A 594 43.82 18.29 30.15
N THR A 595 43.20 18.42 28.99
CA THR A 595 43.87 18.16 27.72
C THR A 595 43.37 19.17 26.69
N VAL A 596 44.18 19.40 25.67
CA VAL A 596 43.83 20.32 24.59
C VAL A 596 43.98 19.59 23.27
N ILE A 597 43.26 20.06 22.26
CA ILE A 597 43.24 19.43 20.94
C ILE A 597 44.00 20.35 19.97
N PRO A 598 45.14 19.92 19.43
CA PRO A 598 45.91 20.80 18.57
C PRO A 598 45.23 21.04 17.24
N ASN A 599 45.17 22.31 16.84
CA ASN A 599 44.62 22.65 15.54
C ASN A 599 45.59 22.23 14.44
N MET A 600 45.20 21.26 13.63
CA MET A 600 46.03 20.72 12.59
C MET A 600 45.44 21.07 11.23
N GLN A 601 46.22 21.76 10.41
CA GLN A 601 45.75 22.07 9.06
C GLN A 601 45.64 20.79 8.24
N SER A 602 44.57 20.72 7.44
CA SER A 602 44.22 19.47 6.78
C SER A 602 45.27 19.05 5.77
N GLN A 603 45.73 17.82 5.88
CA GLN A 603 46.58 17.20 4.88
C GLN A 603 45.81 16.86 3.61
N ALA A 604 45.89 17.73 2.60
CA ALA A 604 44.92 17.85 1.50
C ALA A 604 44.37 16.47 1.13
N SER A 605 45.20 15.46 0.91
CA SER A 605 44.66 14.13 0.66
C SER A 605 45.67 13.02 0.91
N ASP A 606 45.32 11.82 0.47
CA ASP A 606 46.12 10.62 0.57
C ASP A 606 45.60 9.70 -0.53
N ASP A 607 45.94 8.41 -0.50
CA ASP A 607 45.29 7.46 -1.39
C ASP A 607 44.24 6.71 -0.62
N GLN A 608 44.61 5.90 0.37
CA GLN A 608 43.74 5.12 1.24
C GLN A 608 44.65 4.32 2.16
N TYR A 609 44.10 3.83 3.26
CA TYR A 609 44.86 2.88 4.06
C TYR A 609 44.28 1.50 3.81
N GLU A 610 44.74 0.50 4.56
CA GLU A 610 44.33 -0.89 4.36
C GLU A 610 42.97 -1.13 5.01
N GLY A 611 42.11 -1.86 4.32
CA GLY A 611 40.83 -2.26 4.85
C GLY A 611 40.89 -3.59 5.57
N ALA A 612 39.76 -4.29 5.55
CA ALA A 612 39.68 -5.59 6.20
C ALA A 612 39.55 -6.69 5.16
N THR A 613 39.78 -7.92 5.60
CA THR A 613 39.88 -9.07 4.72
C THR A 613 38.52 -9.68 4.49
N VAL A 614 38.19 -9.90 3.23
CA VAL A 614 36.98 -10.61 2.83
C VAL A 614 37.41 -11.99 2.38
N ILE A 615 37.20 -12.99 3.23
CA ILE A 615 37.67 -14.34 2.94
C ILE A 615 37.13 -14.80 1.59
N GLU A 616 37.97 -15.51 0.85
CA GLU A 616 37.55 -16.03 -0.45
C GLU A 616 36.37 -16.97 -0.27
N PRO A 617 35.31 -16.81 -1.05
CA PRO A 617 34.14 -17.66 -0.85
C PRO A 617 34.27 -18.99 -1.56
N ILE A 618 33.79 -20.05 -0.91
CA ILE A 618 33.64 -21.32 -1.60
C ILE A 618 32.25 -21.32 -2.22
N ARG A 619 32.13 -20.71 -3.39
CA ARG A 619 30.82 -20.47 -3.98
C ARG A 619 30.06 -21.77 -4.16
N GLY A 620 28.74 -21.67 -4.12
CA GLY A 620 27.91 -22.84 -4.32
C GLY A 620 26.60 -22.68 -3.59
N TYR A 621 25.79 -23.72 -3.69
CA TYR A 621 24.50 -23.80 -3.01
C TYR A 621 24.61 -24.91 -1.98
N TYR A 622 24.40 -24.58 -0.72
CA TYR A 622 24.61 -25.50 0.39
C TYR A 622 23.28 -25.87 1.01
N ASP A 623 23.03 -27.17 1.14
CA ASP A 623 21.88 -27.67 1.88
C ASP A 623 22.22 -28.07 3.30
N VAL A 624 23.48 -27.92 3.69
CA VAL A 624 23.90 -28.14 5.07
C VAL A 624 23.60 -26.84 5.80
N PRO A 625 23.32 -26.86 7.10
CA PRO A 625 23.21 -25.60 7.83
C PRO A 625 24.52 -24.83 7.88
N ILE A 626 24.43 -23.52 7.80
CA ILE A 626 25.59 -22.63 7.75
C ILE A 626 25.53 -21.73 8.96
N ALA A 627 26.27 -22.08 10.02
CA ALA A 627 26.35 -21.20 11.18
C ALA A 627 26.98 -19.89 10.77
N THR A 628 26.84 -18.88 11.61
CA THR A 628 27.43 -17.56 11.36
C THR A 628 27.93 -17.00 12.67
N LEU A 629 29.24 -16.85 12.79
CA LEU A 629 29.86 -16.34 13.99
C LEU A 629 30.40 -14.95 13.72
N ASP A 630 29.94 -13.95 14.45
CA ASP A 630 30.43 -12.60 14.24
C ASP A 630 30.71 -11.92 15.57
N PHE A 631 31.51 -10.86 15.51
CA PHE A 631 31.93 -10.10 16.68
C PHE A 631 30.96 -8.97 16.93
N ASN A 632 30.71 -8.68 18.20
CA ASN A 632 29.84 -7.58 18.58
C ASN A 632 30.64 -6.29 18.55
N SER A 633 30.28 -5.38 17.63
CA SER A 633 30.93 -4.07 17.53
C SER A 633 32.45 -4.23 17.47
N LEU A 634 32.90 -4.79 16.34
CA LEU A 634 34.28 -5.24 16.24
C LEU A 634 35.26 -4.11 16.50
N TYR A 635 35.27 -3.08 15.63
CA TYR A 635 36.32 -2.06 15.75
C TYR A 635 36.24 -1.32 17.07
N PRO A 636 35.08 -0.88 17.54
CA PRO A 636 35.02 -0.33 18.90
C PRO A 636 35.55 -1.27 19.96
N SER A 637 35.27 -2.57 19.86
CA SER A 637 35.78 -3.48 20.87
C SER A 637 37.28 -3.59 20.81
N ILE A 638 37.85 -3.53 19.60
CA ILE A 638 39.30 -3.53 19.48
C ILE A 638 39.88 -2.28 20.13
N MET A 639 39.33 -1.12 19.81
CA MET A 639 39.82 0.12 20.39
C MET A 639 39.76 0.07 21.91
N MET A 640 38.64 -0.37 22.46
CA MET A 640 38.55 -0.43 23.92
C MET A 640 39.44 -1.51 24.50
N ALA A 641 39.74 -2.54 23.72
CA ALA A 641 40.48 -3.67 24.26
C ALA A 641 41.96 -3.37 24.33
N HIS A 642 42.55 -2.91 23.24
CA HIS A 642 43.99 -2.66 23.18
C HIS A 642 44.34 -1.22 23.49
N ASN A 643 43.43 -0.45 24.10
CA ASN A 643 43.68 0.89 24.60
C ASN A 643 44.03 1.89 23.51
N LEU A 644 43.67 1.61 22.27
CA LEU A 644 43.97 2.52 21.19
C LEU A 644 43.34 3.87 21.42
N CYS A 645 44.13 4.93 21.29
CA CYS A 645 43.62 6.28 21.45
C CYS A 645 44.68 7.26 21.00
N TYR A 646 44.28 8.53 20.89
CA TYR A 646 45.24 9.57 20.61
C TYR A 646 46.26 9.71 21.74
N THR A 647 45.78 9.79 22.98
CA THR A 647 46.63 10.01 24.13
C THR A 647 47.32 8.74 24.61
N THR A 648 47.27 7.68 23.82
CA THR A 648 48.04 6.48 24.09
C THR A 648 49.06 6.20 23.01
N LEU A 649 48.98 6.90 21.89
CA LEU A 649 49.94 6.77 20.82
C LEU A 649 51.35 7.02 21.35
N CYS A 650 52.33 6.40 20.71
CA CYS A 650 53.70 6.48 21.18
C CYS A 650 54.61 6.13 20.02
N ASN A 651 55.90 6.38 20.20
CA ASN A 651 56.89 6.02 19.20
C ASN A 651 58.07 5.35 19.88
N LYS A 652 58.92 4.73 19.06
CA LYS A 652 59.99 3.89 19.61
C LYS A 652 60.95 4.69 20.47
N ALA A 653 61.28 5.91 20.05
CA ALA A 653 62.17 6.74 20.85
C ALA A 653 61.63 6.94 22.25
N THR A 654 60.35 7.28 22.36
CA THR A 654 59.76 7.52 23.67
C THR A 654 59.87 6.29 24.56
N VAL A 655 59.72 5.10 23.98
CA VAL A 655 59.84 3.89 24.77
C VAL A 655 61.25 3.73 25.30
N GLU A 656 62.25 4.07 24.47
CA GLU A 656 63.64 3.97 24.92
C GLU A 656 63.94 5.01 25.97
N ARG A 657 63.38 6.21 25.82
CA ARG A 657 63.61 7.25 26.82
C ARG A 657 63.00 6.87 28.16
N LEU A 658 61.69 6.65 28.19
CA LEU A 658 61.00 6.36 29.44
C LEU A 658 61.29 4.97 29.97
N ASN A 659 61.99 4.14 29.19
CA ASN A 659 62.34 2.78 29.59
C ASN A 659 61.10 1.98 29.98
N LEU A 660 60.18 1.86 29.03
CA LEU A 660 58.99 1.03 29.24
C LEU A 660 59.32 -0.43 28.95
N LYS A 661 58.49 -1.32 29.49
CA LYS A 661 58.67 -2.74 29.30
C LYS A 661 57.61 -3.25 28.33
N ILE A 662 57.94 -4.34 27.64
CA ILE A 662 57.08 -4.84 26.57
C ILE A 662 55.92 -5.64 27.15
N ASP A 663 54.75 -5.51 26.52
CA ASP A 663 53.55 -6.26 26.86
C ASP A 663 53.04 -5.90 28.26
N GLU A 664 53.75 -5.01 28.93
CA GLU A 664 53.34 -4.60 30.27
C GLU A 664 53.01 -3.11 30.29
N ASP A 665 53.79 -2.31 29.58
CA ASP A 665 53.55 -0.89 29.46
C ASP A 665 53.24 -0.43 28.05
N TYR A 666 53.47 -1.27 27.04
CA TYR A 666 53.17 -0.88 25.68
C TYR A 666 53.07 -2.11 24.81
N VAL A 667 52.34 -1.98 23.71
CA VAL A 667 52.13 -3.08 22.77
C VAL A 667 52.39 -2.56 21.37
N ILE A 668 53.01 -3.38 20.54
CA ILE A 668 53.24 -3.02 19.14
C ILE A 668 52.14 -3.65 18.31
N THR A 669 51.35 -2.82 17.67
CA THR A 669 50.20 -3.31 16.94
C THR A 669 50.63 -3.95 15.63
N PRO A 670 49.81 -4.85 15.09
CA PRO A 670 50.16 -5.49 13.81
C PRO A 670 50.41 -4.53 12.67
N ASN A 671 50.19 -3.23 12.85
CA ASN A 671 50.65 -2.26 11.88
C ASN A 671 51.97 -1.62 12.27
N GLY A 672 52.61 -2.08 13.33
CA GLY A 672 53.88 -1.57 13.76
C GLY A 672 53.81 -0.37 14.69
N ASP A 673 52.65 0.26 14.80
CA ASP A 673 52.51 1.44 15.66
C ASP A 673 52.48 1.04 17.12
N TYR A 674 53.01 1.92 17.97
CA TYR A 674 53.12 1.66 19.40
C TYR A 674 51.96 2.30 20.13
N PHE A 675 51.51 1.64 21.19
CA PHE A 675 50.53 2.20 22.11
C PHE A 675 50.86 1.71 23.49
N VAL A 676 50.39 2.42 24.51
CA VAL A 676 50.71 2.10 25.88
C VAL A 676 49.51 1.46 26.55
N THR A 677 49.78 0.54 27.45
CA THR A 677 48.70 -0.18 28.12
C THR A 677 47.96 0.75 29.07
N THR A 678 46.87 0.23 29.64
CA THR A 678 46.06 1.05 30.53
C THR A 678 46.78 1.32 31.84
N LYS A 679 47.83 0.57 32.14
CA LYS A 679 48.61 0.85 33.33
C LYS A 679 49.25 2.23 33.23
N ARG A 680 49.76 2.58 32.05
CA ARG A 680 50.36 3.89 31.88
C ARG A 680 49.31 4.97 31.71
N ARG A 681 48.46 4.84 30.70
CA ARG A 681 47.45 5.85 30.44
C ARG A 681 46.17 5.16 30.00
N ARG A 682 45.04 5.82 30.25
CA ARG A 682 43.73 5.34 29.81
C ARG A 682 43.19 6.27 28.74
N GLY A 683 43.31 5.86 27.48
CA GLY A 683 42.90 6.72 26.39
C GLY A 683 41.43 7.10 26.51
N ILE A 684 41.07 8.19 25.84
CA ILE A 684 39.71 8.69 25.99
C ILE A 684 38.78 8.07 24.95
N LEU A 685 39.33 7.65 23.81
CA LEU A 685 38.48 6.95 22.85
C LEU A 685 37.89 5.67 23.40
N PRO A 686 38.58 4.89 24.22
CA PRO A 686 37.88 3.84 24.98
C PRO A 686 36.68 4.34 25.75
N ILE A 687 36.76 5.50 26.39
CA ILE A 687 35.65 5.97 27.21
C ILE A 687 34.49 6.44 26.35
N ILE A 688 34.79 7.19 25.29
CA ILE A 688 33.75 7.60 24.36
C ILE A 688 33.04 6.38 23.78
N LEU A 689 33.80 5.38 23.34
CA LEU A 689 33.18 4.19 22.79
C LEU A 689 32.41 3.43 23.85
N ASP A 690 32.91 3.42 25.08
CA ASP A 690 32.19 2.75 26.15
C ASP A 690 30.81 3.34 26.32
N GLU A 691 30.72 4.66 26.36
CA GLU A 691 29.40 5.28 26.48
C GLU A 691 28.53 5.00 25.27
N LEU A 692 29.11 5.12 24.07
CA LEU A 692 28.30 4.96 22.86
C LEU A 692 27.84 3.53 22.61
N ILE A 693 28.53 2.52 23.14
CA ILE A 693 28.09 1.14 22.97
C ILE A 693 27.50 0.59 24.25
N SER A 694 27.44 1.40 25.31
CA SER A 694 26.61 1.08 26.46
C SER A 694 25.25 1.74 26.37
N ALA A 695 25.10 2.76 25.52
CA ALA A 695 23.78 3.24 25.17
C ALA A 695 23.12 2.39 24.11
N ARG A 696 23.90 1.77 23.23
CA ARG A 696 23.31 0.85 22.26
C ARG A 696 22.78 -0.39 22.95
N LYS A 697 23.41 -0.83 24.02
CA LYS A 697 22.88 -1.98 24.74
C LYS A 697 21.51 -1.67 25.32
N ARG A 698 21.32 -0.48 25.87
CA ARG A 698 20.03 -0.13 26.43
C ARG A 698 19.03 0.32 25.38
N ALA A 699 19.47 0.56 24.15
CA ALA A 699 18.53 0.69 23.04
C ALA A 699 18.14 -0.65 22.44
N LYS A 700 18.99 -1.66 22.57
CA LYS A 700 18.67 -3.02 22.15
C LYS A 700 17.91 -3.79 23.23
N LYS A 701 17.99 -3.35 24.48
CA LYS A 701 17.17 -3.90 25.55
C LYS A 701 15.75 -3.37 25.50
N ASP A 702 15.35 -2.75 24.39
CA ASP A 702 13.98 -2.32 24.21
C ASP A 702 13.28 -3.09 23.10
N LEU A 703 13.90 -3.25 21.94
CA LEU A 703 13.24 -4.05 20.91
C LEU A 703 13.25 -5.52 21.29
N ARG A 704 14.10 -5.91 22.24
CA ARG A 704 13.99 -7.23 22.82
C ARG A 704 12.67 -7.39 23.53
N ASP A 705 12.18 -6.32 24.15
CA ASP A 705 10.93 -6.34 24.90
C ASP A 705 9.82 -5.58 24.18
N GLU A 706 9.75 -5.70 22.85
CA GLU A 706 8.78 -4.98 22.04
C GLU A 706 7.96 -5.99 21.26
N LYS A 707 6.64 -5.79 21.24
CA LYS A 707 5.77 -6.75 20.58
C LYS A 707 5.36 -6.29 19.18
N ASP A 708 4.99 -5.02 19.05
CA ASP A 708 4.48 -4.51 17.79
C ASP A 708 5.49 -4.74 16.67
N PRO A 709 5.09 -5.37 15.56
CA PRO A 709 6.07 -5.66 14.51
C PRO A 709 6.62 -4.42 13.82
N PHE A 710 5.85 -3.34 13.72
CA PHE A 710 6.38 -2.13 13.12
C PHE A 710 7.16 -1.28 14.12
N LYS A 711 6.95 -1.46 15.41
CA LYS A 711 7.77 -0.80 16.41
C LYS A 711 9.15 -1.42 16.49
N ARG A 712 9.30 -2.68 16.10
CA ARG A 712 10.58 -3.35 16.13
C ARG A 712 11.44 -3.12 14.90
N ASP A 713 10.95 -2.37 13.92
CA ASP A 713 11.82 -1.88 12.86
C ASP A 713 12.06 -0.39 12.98
N VAL A 714 11.49 0.26 13.99
CA VAL A 714 11.92 1.58 14.40
C VAL A 714 12.85 1.55 15.59
N LEU A 715 12.59 0.74 16.60
CA LEU A 715 13.56 0.47 17.65
C LEU A 715 14.78 -0.26 17.13
N ASN A 716 14.75 -0.74 15.89
CA ASN A 716 15.92 -1.28 15.22
C ASN A 716 16.65 -0.22 14.43
N GLY A 717 15.98 0.87 14.07
CA GLY A 717 16.64 2.03 13.52
C GLY A 717 17.23 2.94 14.56
N ARG A 718 17.11 2.61 15.84
CA ARG A 718 17.74 3.36 16.90
C ARG A 718 18.98 2.68 17.43
N GLN A 719 19.04 1.35 17.41
CA GLN A 719 20.26 0.63 17.71
C GLN A 719 21.21 0.62 16.53
N LEU A 720 20.71 0.86 15.33
CA LEU A 720 21.53 0.89 14.13
C LEU A 720 22.01 2.30 13.80
N ALA A 721 21.67 3.26 14.65
CA ALA A 721 22.23 4.60 14.57
C ALA A 721 23.22 4.90 15.67
N LEU A 722 23.20 4.14 16.75
CA LEU A 722 24.26 4.19 17.74
C LEU A 722 25.36 3.20 17.47
N LYS A 723 25.26 2.44 16.37
CA LYS A 723 26.36 1.63 15.89
C LYS A 723 27.04 2.23 14.67
N ILE A 724 26.40 3.17 13.98
CA ILE A 724 27.11 4.03 13.06
C ILE A 724 27.82 5.15 13.79
N SER A 725 27.34 5.53 14.96
CA SER A 725 27.97 6.58 15.75
C SER A 725 29.12 6.08 16.59
N ALA A 726 29.26 4.77 16.77
CA ALA A 726 30.44 4.23 17.43
C ALA A 726 31.49 3.77 16.45
N ASN A 727 31.09 3.33 15.27
CA ASN A 727 32.00 3.05 14.18
C ASN A 727 32.43 4.31 13.46
N SER A 728 31.86 5.45 13.81
CA SER A 728 32.34 6.70 13.27
C SER A 728 33.40 7.35 14.13
N VAL A 729 33.56 6.90 15.37
CA VAL A 729 34.73 7.29 16.15
C VAL A 729 36.00 6.79 15.48
N TYR A 730 35.98 5.56 14.96
CA TYR A 730 37.06 5.06 14.12
C TYR A 730 37.20 5.88 12.84
N GLY A 731 36.10 6.10 12.13
CA GLY A 731 36.18 6.86 10.89
C GLY A 731 36.75 8.24 11.10
N PHE A 732 36.58 8.79 12.31
CA PHE A 732 37.17 10.09 12.61
C PHE A 732 38.69 10.02 12.55
N THR A 733 39.28 9.05 13.25
CA THR A 733 40.72 8.90 13.19
C THR A 733 41.19 8.55 11.79
N GLY A 734 40.32 7.95 10.99
CA GLY A 734 40.70 7.55 9.66
C GLY A 734 40.54 8.58 8.56
N ALA A 735 39.96 9.73 8.84
CA ALA A 735 39.59 10.68 7.80
C ALA A 735 40.70 11.71 7.65
N THR A 736 41.55 11.54 6.62
CA THR A 736 42.64 12.49 6.42
C THR A 736 42.11 13.90 6.31
N VAL A 737 41.13 14.12 5.47
CA VAL A 737 40.44 15.40 5.42
C VAL A 737 39.50 15.48 6.62
N GLY A 738 39.55 16.58 7.33
CA GLY A 738 38.88 16.69 8.60
C GLY A 738 39.86 16.63 9.76
N LYS A 739 39.56 17.39 10.80
CA LYS A 739 40.53 17.62 11.86
C LYS A 739 40.92 16.31 12.54
N LEU A 740 42.04 16.39 13.25
CA LEU A 740 42.58 15.26 14.01
C LEU A 740 42.58 13.92 13.28
N PRO A 741 43.17 13.84 12.08
CA PRO A 741 43.32 12.54 11.43
C PRO A 741 44.59 11.87 11.91
N CYS A 742 44.47 10.67 12.42
CA CYS A 742 45.61 9.91 12.92
C CYS A 742 45.58 8.55 12.25
N LEU A 743 46.25 8.43 11.12
CA LEU A 743 46.27 7.16 10.42
C LEU A 743 47.28 6.24 11.06
N ALA A 744 47.21 6.11 12.37
CA ALA A 744 47.96 5.13 13.11
C ALA A 744 47.10 4.46 14.16
N ILE A 745 45.92 5.00 14.42
CA ILE A 745 44.88 4.31 15.16
C ILE A 745 43.84 3.73 14.24
N SER A 746 43.68 4.27 13.04
CA SER A 746 42.67 3.79 12.11
C SER A 746 43.19 2.71 11.18
N SER A 747 44.43 2.81 10.73
CA SER A 747 45.03 1.73 9.98
C SER A 747 45.62 0.69 10.91
N SER A 748 45.42 0.83 12.21
CA SER A 748 45.84 -0.14 13.20
C SER A 748 44.68 -0.84 13.87
N VAL A 749 43.45 -0.57 13.45
CA VAL A 749 42.32 -1.42 13.77
C VAL A 749 41.97 -2.33 12.60
N THR A 750 42.10 -1.84 11.37
CA THR A 750 41.93 -2.72 10.23
C THR A 750 42.86 -3.92 10.34
N ALA A 751 44.13 -3.68 10.66
CA ALA A 751 44.91 -4.72 11.31
C ALA A 751 44.48 -4.79 12.76
N TYR A 752 44.43 -5.99 13.31
CA TYR A 752 43.62 -6.42 14.45
C TYR A 752 42.21 -6.74 14.03
N GLY A 753 41.79 -6.40 12.81
CA GLY A 753 40.53 -6.89 12.31
C GLY A 753 40.80 -7.89 11.21
N ARG A 754 42.01 -7.80 10.68
CA ARG A 754 42.52 -8.74 9.69
C ARG A 754 43.29 -9.87 10.31
N THR A 755 43.66 -9.78 11.59
CA THR A 755 44.28 -10.87 12.28
C THR A 755 43.32 -11.54 13.26
N MET A 756 42.05 -11.18 13.22
CA MET A 756 41.02 -11.85 14.00
C MET A 756 40.20 -12.81 13.18
N ILE A 757 39.82 -12.48 11.96
CA ILE A 757 39.23 -13.50 11.09
C ILE A 757 40.28 -14.51 10.68
N LEU A 758 41.51 -14.05 10.44
CA LEU A 758 42.57 -14.98 10.12
C LEU A 758 42.87 -15.93 11.28
N LYS A 759 42.50 -15.56 12.50
CA LYS A 759 42.69 -16.44 13.64
C LYS A 759 41.45 -17.27 13.95
N THR A 760 40.27 -16.74 13.69
CA THR A 760 39.05 -17.53 13.86
C THR A 760 38.96 -18.61 12.79
N LYS A 761 39.15 -18.22 11.54
CA LYS A 761 39.14 -19.16 10.44
C LYS A 761 40.22 -20.22 10.58
N THR A 762 41.19 -20.01 11.44
CA THR A 762 42.24 -20.98 11.69
C THR A 762 42.01 -21.75 12.97
N ALA A 763 41.20 -21.22 13.88
CA ALA A 763 40.86 -21.92 15.11
C ALA A 763 39.67 -22.84 14.97
N VAL A 764 38.56 -22.36 14.39
CA VAL A 764 37.40 -23.24 14.23
C VAL A 764 37.68 -24.30 13.18
N GLN A 765 38.48 -23.96 12.17
CA GLN A 765 38.76 -24.93 11.12
C GLN A 765 39.65 -26.05 11.60
N GLU A 766 40.37 -25.86 12.70
CA GLU A 766 41.32 -26.86 13.17
C GLU A 766 41.01 -27.37 14.56
N LYS A 767 39.98 -26.86 15.22
CA LYS A 767 39.50 -27.50 16.44
C LYS A 767 38.38 -28.49 16.16
N TYR A 768 37.37 -28.07 15.40
CA TYR A 768 36.24 -28.91 15.07
C TYR A 768 36.61 -29.79 13.89
N CYS A 769 37.54 -30.71 14.14
CA CYS A 769 38.00 -31.64 13.12
C CYS A 769 37.85 -33.06 13.65
N ILE A 770 38.08 -34.03 12.76
CA ILE A 770 37.87 -35.43 13.12
C ILE A 770 38.80 -35.86 14.22
N LYS A 771 40.02 -35.32 14.22
CA LYS A 771 41.01 -35.74 15.22
C LYS A 771 40.54 -35.41 16.63
N ASN A 772 39.88 -34.28 16.81
CA ASN A 772 39.47 -33.85 18.13
C ASN A 772 38.20 -34.55 18.62
N GLY A 773 37.70 -35.54 17.90
CA GLY A 773 36.55 -36.27 18.33
C GLY A 773 35.21 -35.76 17.83
N TYR A 774 35.16 -35.24 16.61
CA TYR A 774 33.93 -34.72 16.04
C TYR A 774 33.52 -35.53 14.83
N LYS A 775 32.34 -35.22 14.29
CA LYS A 775 31.81 -36.03 13.20
C LYS A 775 32.35 -35.60 11.85
N HIS A 776 32.46 -34.30 11.62
CA HIS A 776 32.86 -33.77 10.33
C HIS A 776 33.94 -32.72 10.53
N ASP A 777 34.68 -32.45 9.45
CA ASP A 777 35.62 -31.34 9.47
C ASP A 777 34.90 -30.04 9.16
N ALA A 778 35.08 -29.05 10.03
CA ALA A 778 34.45 -27.77 9.80
C ALA A 778 35.11 -27.06 8.64
N VAL A 779 34.35 -26.18 7.99
CA VAL A 779 34.86 -25.46 6.84
C VAL A 779 34.27 -24.06 6.86
N VAL A 780 35.13 -23.05 6.82
CA VAL A 780 34.73 -21.66 6.81
C VAL A 780 34.57 -21.26 5.34
N VAL A 781 33.34 -21.18 4.87
CA VAL A 781 33.12 -21.01 3.44
C VAL A 781 33.18 -19.54 3.06
N TYR A 782 33.10 -18.65 4.03
CA TYR A 782 33.02 -17.23 3.72
C TYR A 782 33.43 -16.44 4.95
N GLY A 783 33.13 -15.15 4.95
CA GLY A 783 33.38 -14.29 6.08
C GLY A 783 33.79 -12.91 5.65
N ASP A 784 33.14 -11.89 6.21
CA ASP A 784 33.33 -10.52 5.78
C ASP A 784 33.61 -9.65 6.98
N THR A 785 34.89 -9.44 7.26
CA THR A 785 35.41 -8.42 8.16
C THR A 785 35.20 -8.71 9.63
N ASP A 786 34.22 -9.53 9.99
CA ASP A 786 34.21 -10.10 11.34
C ASP A 786 33.65 -11.50 11.36
N SER A 787 32.81 -11.84 10.38
CA SER A 787 32.03 -13.06 10.46
C SER A 787 32.76 -14.21 9.81
N VAL A 788 32.31 -15.42 10.10
CA VAL A 788 32.80 -16.65 9.47
C VAL A 788 31.62 -17.59 9.30
N MET A 789 31.21 -17.81 8.05
CA MET A 789 30.06 -18.66 7.77
C MET A 789 30.51 -20.11 7.85
N VAL A 790 30.79 -20.57 9.06
CA VAL A 790 31.32 -21.91 9.24
C VAL A 790 30.27 -22.94 8.89
N LYS A 791 30.68 -23.98 8.17
CA LYS A 791 29.83 -25.11 7.81
C LYS A 791 30.30 -26.31 8.60
N PHE A 792 29.58 -26.65 9.66
CA PHE A 792 30.09 -27.63 10.61
C PHE A 792 30.07 -29.04 10.05
N GLY A 793 29.37 -29.28 8.96
CA GLY A 793 29.33 -30.59 8.36
C GLY A 793 28.17 -31.48 8.77
N THR A 794 27.27 -30.99 9.61
CA THR A 794 26.12 -31.76 10.09
C THR A 794 24.86 -31.25 9.42
N THR A 795 23.94 -32.18 9.15
CA THR A 795 22.71 -31.80 8.46
C THR A 795 21.67 -31.26 9.44
N ASP A 796 21.73 -31.70 10.69
CA ASP A 796 20.79 -31.24 11.70
C ASP A 796 20.95 -29.74 11.91
N LEU A 797 19.85 -29.06 12.23
CA LEU A 797 19.93 -27.64 12.51
C LEU A 797 20.03 -27.33 14.00
N LYS A 798 19.36 -28.09 14.86
CA LYS A 798 19.50 -27.91 16.30
C LYS A 798 20.88 -28.32 16.76
N GLU A 799 21.62 -29.06 15.96
CA GLU A 799 23.00 -29.41 16.26
C GLU A 799 23.99 -28.44 15.65
N ALA A 800 23.68 -27.86 14.49
CA ALA A 800 24.54 -26.83 13.95
C ALA A 800 24.50 -25.58 14.81
N MET A 801 23.32 -25.21 15.29
CA MET A 801 23.24 -24.08 16.21
C MET A 801 23.91 -24.38 17.53
N ASP A 802 23.74 -25.59 18.04
CA ASP A 802 24.38 -26.01 19.27
C ASP A 802 25.90 -26.07 19.13
N LEU A 803 26.41 -26.20 17.92
CA LEU A 803 27.85 -26.12 17.71
C LEU A 803 28.33 -24.71 17.46
N GLY A 804 27.56 -23.90 16.74
CA GLY A 804 27.93 -22.51 16.58
C GLY A 804 28.01 -21.78 17.88
N THR A 805 27.06 -22.07 18.79
CA THR A 805 27.10 -21.43 20.10
C THR A 805 28.31 -21.87 20.90
N GLU A 806 28.71 -23.13 20.77
CA GLU A 806 29.90 -23.58 21.49
C GLU A 806 31.16 -22.96 20.89
N ALA A 807 31.18 -22.82 19.56
CA ALA A 807 32.35 -22.23 18.92
C ALA A 807 32.49 -20.76 19.27
N ALA A 808 31.38 -20.04 19.35
CA ALA A 808 31.46 -18.64 19.76
C ALA A 808 32.11 -18.50 21.12
N LYS A 809 31.70 -19.34 22.08
CA LYS A 809 32.32 -19.31 23.40
C LYS A 809 33.80 -19.62 23.32
N TYR A 810 34.15 -20.72 22.67
CA TYR A 810 35.56 -21.13 22.66
C TYR A 810 36.43 -20.08 22.00
N VAL A 811 35.94 -19.44 20.94
CA VAL A 811 36.77 -18.49 20.21
C VAL A 811 36.85 -17.18 20.96
N SER A 812 35.75 -16.75 21.58
CA SER A 812 35.82 -15.55 22.41
C SER A 812 36.76 -15.74 23.58
N THR A 813 36.99 -17.00 23.97
CA THR A 813 37.98 -17.26 25.01
C THR A 813 39.40 -16.87 24.59
N LEU A 814 39.65 -16.69 23.30
CA LEU A 814 41.01 -16.46 22.83
C LEU A 814 41.39 -14.98 22.75
N PHE A 815 40.44 -14.07 22.84
CA PHE A 815 40.72 -12.65 22.68
C PHE A 815 40.58 -11.94 24.02
N LYS A 816 41.03 -10.69 24.03
CA LYS A 816 40.99 -9.88 25.25
C LYS A 816 39.64 -9.19 25.39
N HIS A 817 39.16 -9.12 26.62
CA HIS A 817 37.91 -8.43 26.89
C HIS A 817 38.00 -7.00 26.41
N PRO A 818 36.94 -6.42 25.83
CA PRO A 818 35.58 -6.88 25.62
C PRO A 818 35.30 -7.57 24.29
N ILE A 819 36.34 -7.94 23.54
CA ILE A 819 36.12 -8.57 22.24
C ILE A 819 35.32 -9.84 22.44
N ASN A 820 34.22 -9.97 21.72
CA ASN A 820 33.24 -11.03 21.95
C ASN A 820 32.70 -11.54 20.63
N LEU A 821 32.86 -12.84 20.38
CA LEU A 821 32.32 -13.50 19.21
C LEU A 821 31.07 -14.27 19.62
N GLU A 822 29.94 -13.92 19.04
CA GLU A 822 28.68 -14.54 19.42
C GLU A 822 28.04 -15.19 18.20
N PHE A 823 27.36 -16.30 18.43
CA PHE A 823 26.66 -17.01 17.38
C PHE A 823 25.49 -16.17 16.92
N GLU A 824 25.63 -15.54 15.76
CA GLU A 824 24.61 -14.59 15.32
C GLU A 824 23.36 -15.30 14.83
N LYS A 825 23.48 -16.08 13.76
CA LYS A 825 22.33 -16.66 13.10
C LYS A 825 22.72 -18.01 12.53
N ALA A 826 21.88 -18.54 11.65
CA ALA A 826 22.18 -19.74 10.89
C ALA A 826 21.43 -19.67 9.57
N TYR A 827 21.93 -20.40 8.58
CA TYR A 827 21.29 -20.50 7.28
C TYR A 827 21.20 -21.97 6.94
N PHE A 828 19.99 -22.53 6.92
CA PHE A 828 19.84 -23.96 6.63
C PHE A 828 20.03 -24.19 5.14
N PRO A 829 19.28 -23.50 4.29
CA PRO A 829 19.71 -23.43 2.89
C PRO A 829 20.54 -22.19 2.68
N TYR A 830 21.65 -22.31 1.96
CA TYR A 830 22.59 -21.21 1.79
C TYR A 830 22.98 -21.12 0.32
N LEU A 831 22.94 -19.92 -0.22
CA LEU A 831 23.24 -19.70 -1.63
C LEU A 831 24.29 -18.60 -1.74
N LEU A 832 25.54 -19.00 -1.91
CA LEU A 832 26.66 -18.08 -1.91
C LEU A 832 27.03 -17.74 -3.35
N ILE A 833 26.43 -16.69 -3.89
CA ILE A 833 26.68 -16.32 -5.27
C ILE A 833 28.12 -15.85 -5.45
N ASN A 834 28.56 -14.91 -4.63
CA ASN A 834 29.83 -14.24 -4.91
C ASN A 834 30.40 -13.63 -3.65
N LYS A 835 31.39 -12.76 -3.79
CA LYS A 835 31.92 -12.02 -2.65
C LYS A 835 31.02 -10.84 -2.35
N LYS A 836 30.43 -10.82 -1.16
CA LYS A 836 29.47 -9.84 -0.69
C LYS A 836 28.11 -9.99 -1.34
N ARG A 837 27.78 -11.16 -1.90
CA ARG A 837 26.45 -11.42 -2.43
C ARG A 837 26.08 -12.86 -2.09
N TYR A 838 24.96 -13.03 -1.42
CA TYR A 838 24.47 -14.37 -1.11
C TYR A 838 23.03 -14.27 -0.66
N ALA A 839 22.49 -15.39 -0.21
CA ALA A 839 21.10 -15.48 0.21
C ALA A 839 20.89 -16.79 0.93
N GLY A 840 19.89 -16.82 1.80
CA GLY A 840 19.57 -18.04 2.51
C GLY A 840 18.41 -17.80 3.45
N LEU A 841 18.03 -18.85 4.17
CA LEU A 841 16.99 -18.73 5.18
C LEU A 841 17.60 -18.36 6.52
N PHE A 842 16.95 -17.44 7.21
CA PHE A 842 17.47 -16.89 8.45
C PHE A 842 16.85 -17.64 9.62
N TRP A 843 17.59 -18.56 10.20
CA TRP A 843 17.12 -19.34 11.33
C TRP A 843 17.82 -18.84 12.60
N THR A 844 17.04 -18.54 13.63
CA THR A 844 17.60 -18.27 14.94
C THR A 844 17.21 -19.31 15.98
N ASN A 845 16.05 -19.92 15.83
CA ASN A 845 15.63 -21.06 16.63
C ASN A 845 15.37 -22.25 15.72
N PRO A 846 15.65 -23.47 16.19
CA PRO A 846 15.68 -24.62 15.28
C PRO A 846 14.31 -25.10 14.83
N ASP A 847 13.23 -24.37 15.10
CA ASP A 847 11.89 -24.85 14.74
C ASP A 847 11.18 -24.01 13.71
N LYS A 848 11.55 -22.75 13.52
CA LYS A 848 10.93 -21.93 12.49
C LYS A 848 11.92 -20.90 11.98
N PHE A 849 11.90 -20.69 10.67
CA PHE A 849 12.77 -19.71 10.02
C PHE A 849 12.15 -18.33 10.17
N ASP A 850 12.99 -17.30 10.21
CA ASP A 850 12.50 -15.95 10.45
C ASP A 850 12.18 -15.24 9.14
N LYS A 851 13.09 -15.28 8.18
CA LYS A 851 12.91 -14.54 6.94
C LYS A 851 13.92 -15.02 5.92
N LEU A 852 13.91 -14.36 4.77
CA LEU A 852 14.78 -14.70 3.65
C LEU A 852 15.75 -13.55 3.43
N ASP A 853 17.03 -13.77 3.74
CA ASP A 853 18.05 -12.74 3.63
C ASP A 853 18.57 -12.72 2.20
N GLN A 854 18.80 -11.53 1.67
CA GLN A 854 19.43 -11.35 0.39
C GLN A 854 20.48 -10.26 0.53
N LYS A 855 21.72 -10.66 0.76
CA LYS A 855 22.79 -9.73 1.09
C LYS A 855 23.46 -9.28 -0.19
N GLY A 856 22.89 -8.28 -0.83
CA GLY A 856 23.55 -7.60 -1.91
C GLY A 856 22.98 -7.85 -3.28
N LEU A 857 22.25 -8.95 -3.46
CA LEU A 857 21.76 -9.34 -4.78
C LEU A 857 20.95 -8.22 -5.41
N ALA A 858 20.77 -8.31 -6.73
CA ALA A 858 20.14 -7.22 -7.46
C ALA A 858 18.71 -6.97 -7.03
N SER A 859 18.20 -7.70 -6.05
CA SER A 859 16.86 -7.43 -5.54
C SER A 859 16.89 -6.35 -4.47
N VAL A 860 17.93 -6.34 -3.62
CA VAL A 860 18.04 -5.31 -2.59
C VAL A 860 18.72 -4.05 -3.09
N ARG A 861 19.37 -4.09 -4.24
CA ARG A 861 19.81 -2.87 -4.87
C ARG A 861 18.61 -1.98 -5.16
N ARG A 862 18.84 -0.69 -5.32
CA ARG A 862 17.78 0.24 -5.66
C ARG A 862 17.90 0.77 -7.07
N ASP A 863 18.91 0.34 -7.82
CA ASP A 863 19.04 0.74 -9.20
C ASP A 863 18.54 -0.32 -10.16
N SER A 864 17.71 -1.24 -9.67
CA SER A 864 17.12 -2.29 -10.47
C SER A 864 15.62 -2.17 -10.43
N CYS A 865 14.98 -2.39 -11.57
CA CYS A 865 13.54 -2.27 -11.65
C CYS A 865 12.87 -3.24 -10.67
N SER A 866 11.66 -2.87 -10.23
CA SER A 866 10.98 -3.69 -9.23
C SER A 866 10.64 -5.06 -9.77
N LEU A 867 10.56 -5.19 -11.10
CA LEU A 867 10.35 -6.50 -11.71
C LEU A 867 11.39 -7.51 -11.25
N VAL A 868 12.67 -7.11 -11.27
CA VAL A 868 13.72 -8.02 -10.88
C VAL A 868 13.60 -8.39 -9.41
N SER A 869 13.26 -7.42 -8.57
CA SER A 869 13.10 -7.71 -7.15
C SER A 869 12.01 -8.74 -6.92
N ILE A 870 10.86 -8.56 -7.56
CA ILE A 870 9.75 -9.47 -7.38
C ILE A 870 10.09 -10.85 -7.92
N VAL A 871 10.66 -10.91 -9.12
CA VAL A 871 10.98 -12.21 -9.71
C VAL A 871 12.00 -12.94 -8.86
N MET A 872 13.05 -12.24 -8.40
CA MET A 872 14.08 -12.89 -7.62
C MET A 872 13.54 -13.35 -6.28
N ASN A 873 12.67 -12.55 -5.67
CA ASN A 873 12.10 -12.98 -4.39
C ASN A 873 11.26 -14.22 -4.55
N LYS A 874 10.44 -14.29 -5.61
CA LYS A 874 9.62 -15.48 -5.80
C LYS A 874 10.47 -16.69 -6.16
N VAL A 875 11.47 -16.50 -7.01
CA VAL A 875 12.34 -17.63 -7.39
C VAL A 875 13.07 -18.16 -6.17
N LEU A 876 13.68 -17.28 -5.40
CA LEU A 876 14.38 -17.71 -4.20
C LEU A 876 13.42 -18.35 -3.21
N LYS A 877 12.23 -17.80 -3.07
CA LYS A 877 11.24 -18.38 -2.18
C LYS A 877 10.97 -19.82 -2.55
N LYS A 878 10.63 -20.06 -3.83
CA LYS A 878 10.40 -21.42 -4.27
C LYS A 878 11.60 -22.32 -3.98
N ILE A 879 12.78 -21.90 -4.43
CA ILE A 879 13.94 -22.77 -4.40
C ILE A 879 14.38 -23.09 -2.97
N LEU A 880 14.30 -22.12 -2.07
CA LEU A 880 14.81 -22.32 -0.71
C LEU A 880 13.75 -22.82 0.25
N ILE A 881 12.52 -22.28 0.19
CA ILE A 881 11.49 -22.72 1.12
C ILE A 881 10.71 -23.89 0.54
N GLU A 882 10.21 -23.75 -0.69
CA GLU A 882 9.35 -24.74 -1.30
C GLU A 882 10.13 -25.91 -1.89
N ARG A 883 11.39 -25.69 -2.23
CA ARG A 883 12.30 -26.75 -2.66
C ARG A 883 11.88 -27.39 -3.98
N ASN A 884 10.98 -26.77 -4.72
CA ASN A 884 10.67 -27.27 -6.06
C ASN A 884 11.37 -26.36 -7.06
N VAL A 885 12.47 -26.85 -7.61
CA VAL A 885 13.24 -26.07 -8.58
C VAL A 885 12.46 -25.94 -9.88
N ASP A 886 11.73 -26.99 -10.25
CA ASP A 886 11.02 -26.98 -11.52
C ASP A 886 9.92 -25.93 -11.53
N GLY A 887 9.19 -25.80 -10.42
CA GLY A 887 8.21 -24.74 -10.33
C GLY A 887 8.85 -23.37 -10.42
N ALA A 888 10.08 -23.25 -9.94
CA ALA A 888 10.79 -21.98 -10.02
C ALA A 888 11.12 -21.64 -11.46
N LEU A 889 11.65 -22.61 -12.21
CA LEU A 889 12.00 -22.35 -13.61
C LEU A 889 10.77 -22.05 -14.44
N ALA A 890 9.67 -22.73 -14.17
CA ALA A 890 8.43 -22.48 -14.91
C ALA A 890 7.99 -21.04 -14.74
N PHE A 891 8.08 -20.52 -13.52
CA PHE A 891 7.75 -19.11 -13.30
C PHE A 891 8.71 -18.20 -14.04
N VAL A 892 9.98 -18.60 -14.15
CA VAL A 892 10.94 -17.77 -14.87
C VAL A 892 10.56 -17.68 -16.33
N ARG A 893 10.23 -18.80 -16.96
CA ARG A 893 9.80 -18.77 -18.35
C ARG A 893 8.52 -17.99 -18.52
N GLU A 894 7.64 -18.03 -17.51
CA GLU A 894 6.40 -17.28 -17.59
C GLU A 894 6.66 -15.78 -17.60
N THR A 895 7.71 -15.35 -16.91
CA THR A 895 8.02 -13.92 -16.87
C THR A 895 8.63 -13.46 -18.18
N ILE A 896 9.51 -14.27 -18.77
CA ILE A 896 10.18 -13.87 -20.00
C ILE A 896 9.18 -13.69 -21.12
N ASN A 897 8.08 -14.43 -21.08
CA ASN A 897 7.01 -14.20 -22.04
C ASN A 897 6.31 -12.88 -21.77
N ASP A 898 6.10 -12.55 -20.49
CA ASP A 898 5.42 -11.32 -20.15
C ASP A 898 6.18 -10.11 -20.66
N ILE A 899 7.50 -10.11 -20.47
CA ILE A 899 8.30 -8.97 -20.90
C ILE A 899 8.31 -8.85 -22.42
N LEU A 900 8.36 -9.98 -23.11
CA LEU A 900 8.48 -9.93 -24.56
C LEU A 900 7.16 -9.57 -25.22
N HIS A 901 6.05 -9.89 -24.58
CA HIS A 901 4.73 -9.57 -25.11
C HIS A 901 4.14 -8.31 -24.49
N ASN A 902 4.95 -7.51 -23.79
CA ASN A 902 4.50 -6.25 -23.19
C ASN A 902 3.37 -6.48 -22.20
N ARG A 903 3.59 -7.37 -21.24
CA ARG A 903 2.59 -7.65 -20.22
C ARG A 903 3.10 -7.40 -18.81
N VAL A 904 4.14 -6.59 -18.66
CA VAL A 904 4.60 -6.11 -17.36
C VAL A 904 4.30 -4.62 -17.30
N ASP A 905 3.80 -4.17 -16.15
CA ASP A 905 3.37 -2.80 -16.03
C ASP A 905 4.54 -1.87 -15.74
N ILE A 906 4.41 -0.62 -16.21
CA ILE A 906 5.49 0.35 -16.06
C ILE A 906 5.87 0.52 -14.60
N SER A 907 4.93 0.31 -13.69
CA SER A 907 5.27 0.41 -12.27
C SER A 907 6.36 -0.57 -11.90
N LYS A 908 6.52 -1.63 -12.68
CA LYS A 908 7.53 -2.63 -12.41
C LYS A 908 8.77 -2.47 -13.28
N LEU A 909 8.81 -1.46 -14.13
CA LEU A 909 9.95 -1.23 -15.02
C LEU A 909 10.63 0.10 -14.74
N ILE A 910 10.33 0.72 -13.60
CA ILE A 910 10.89 2.02 -13.25
C ILE A 910 12.23 1.80 -12.55
N ILE A 911 13.26 2.42 -13.07
CA ILE A 911 14.59 2.37 -12.49
C ILE A 911 14.89 3.72 -11.87
N SER A 912 15.67 3.71 -10.80
CA SER A 912 15.96 4.92 -10.04
C SER A 912 17.45 4.98 -9.73
N LYS A 913 18.07 6.11 -10.04
CA LYS A 913 19.46 6.36 -9.69
C LYS A 913 19.58 7.74 -9.07
N THR A 914 20.65 7.94 -8.31
CA THR A 914 20.87 9.19 -7.59
C THR A 914 21.64 10.14 -8.50
N LEU A 915 21.05 11.30 -8.80
CA LEU A 915 21.77 12.27 -9.60
C LEU A 915 23.03 12.71 -8.88
N ALA A 916 24.06 13.03 -9.63
CA ALA A 916 25.36 13.41 -9.09
C ALA A 916 25.72 14.82 -9.54
N PRO A 917 26.60 15.51 -8.79
CA PRO A 917 26.88 16.91 -9.16
C PRO A 917 27.51 17.08 -10.51
N ASN A 918 28.46 16.23 -10.90
CA ASN A 918 29.14 16.38 -12.17
C ASN A 918 29.45 15.03 -12.79
N TYR A 919 29.48 14.98 -14.11
CA TYR A 919 29.61 13.74 -14.85
C TYR A 919 30.67 13.89 -15.93
N THR A 920 31.37 12.79 -16.22
CA THR A 920 32.25 12.70 -17.37
C THR A 920 31.70 11.79 -18.44
N ASN A 921 31.39 10.55 -18.08
CA ASN A 921 30.75 9.62 -19.00
C ASN A 921 29.25 9.77 -18.88
N PRO A 922 28.55 10.24 -19.91
CA PRO A 922 27.12 10.54 -19.76
C PRO A 922 26.35 9.32 -19.30
N GLN A 923 25.38 9.56 -18.42
CA GLN A 923 24.54 8.53 -17.86
C GLN A 923 23.11 8.72 -18.34
N PRO A 924 22.31 7.65 -18.38
CA PRO A 924 20.93 7.81 -18.83
C PRO A 924 20.13 8.78 -17.98
N HIS A 925 20.16 8.64 -16.66
CA HIS A 925 19.33 9.49 -15.83
C HIS A 925 19.84 10.92 -15.83
N ALA A 926 21.13 11.13 -16.06
CA ALA A 926 21.64 12.50 -16.10
C ALA A 926 21.15 13.23 -17.34
N VAL A 927 21.25 12.59 -18.51
CA VAL A 927 20.72 13.20 -19.72
C VAL A 927 19.22 13.38 -19.59
N LEU A 928 18.55 12.44 -18.92
CA LEU A 928 17.11 12.58 -18.70
C LEU A 928 16.81 13.77 -17.81
N ALA A 929 17.60 13.98 -16.78
CA ALA A 929 17.35 15.11 -15.88
C ALA A 929 17.56 16.43 -16.62
N GLU A 930 18.59 16.50 -17.44
CA GLU A 930 18.75 17.69 -18.28
C GLU A 930 17.54 17.88 -19.19
N ARG A 931 17.07 16.80 -19.80
CA ARG A 931 15.94 16.92 -20.73
C ARG A 931 14.67 17.32 -20.01
N MET A 932 14.48 16.84 -18.78
CA MET A 932 13.32 17.22 -18.00
C MET A 932 13.38 18.69 -17.63
N LYS A 933 14.57 19.17 -17.24
CA LYS A 933 14.73 20.59 -16.96
C LYS A 933 14.40 21.42 -18.18
N ARG A 934 14.79 20.95 -19.36
CA ARG A 934 14.52 21.72 -20.57
C ARG A 934 13.04 21.67 -20.96
N ARG A 935 12.40 20.52 -20.77
CA ARG A 935 10.99 20.39 -21.12
C ARG A 935 10.11 21.19 -20.19
N GLU A 936 10.13 20.84 -18.90
CA GLU A 936 9.18 21.38 -17.94
C GLU A 936 9.60 22.72 -17.35
N GLY A 937 10.85 23.10 -17.47
CA GLY A 937 11.37 24.28 -16.84
C GLY A 937 12.02 24.01 -15.49
N VAL A 938 11.71 22.88 -14.86
CA VAL A 938 12.39 22.46 -13.64
C VAL A 938 12.67 20.96 -13.73
N GLY A 939 13.87 20.57 -13.35
CA GLY A 939 14.26 19.18 -13.35
C GLY A 939 14.76 18.78 -11.98
N PRO A 940 15.12 17.51 -11.82
CA PRO A 940 15.66 17.07 -10.53
C PRO A 940 16.95 17.82 -10.21
N ASN A 941 17.19 18.00 -8.92
CA ASN A 941 18.40 18.64 -8.44
C ASN A 941 19.40 17.57 -8.05
N VAL A 942 20.63 18.02 -7.78
CA VAL A 942 21.67 17.10 -7.34
C VAL A 942 21.25 16.42 -6.05
N GLY A 943 21.36 15.10 -6.02
CA GLY A 943 20.98 14.33 -4.85
C GLY A 943 19.60 13.73 -4.89
N ASP A 944 18.75 14.12 -5.83
CA ASP A 944 17.41 13.53 -5.97
C ASP A 944 17.49 12.29 -6.84
N ARG A 945 16.84 11.22 -6.39
CA ARG A 945 16.72 10.03 -7.21
C ARG A 945 15.83 10.32 -8.41
N VAL A 946 16.30 9.98 -9.59
CA VAL A 946 15.56 10.19 -10.82
C VAL A 946 14.98 8.86 -11.27
N ASP A 947 13.70 8.88 -11.64
CA ASP A 947 12.98 7.69 -12.07
C ASP A 947 12.86 7.71 -13.58
N TYR A 948 13.05 6.56 -14.21
CA TYR A 948 13.03 6.46 -15.65
C TYR A 948 12.82 5.03 -16.08
N VAL A 949 12.20 4.85 -17.24
CA VAL A 949 12.13 3.56 -17.92
C VAL A 949 12.84 3.72 -19.26
N ILE A 950 13.41 2.62 -19.75
CA ILE A 950 14.23 2.66 -20.95
C ILE A 950 13.31 2.42 -22.14
N ILE A 951 13.08 3.46 -22.94
CA ILE A 951 12.26 3.30 -24.12
C ILE A 951 13.06 2.62 -25.23
N GLY A 952 12.37 2.22 -26.29
CA GLY A 952 13.04 1.57 -27.40
C GLY A 952 13.57 2.56 -28.42
N GLY A 953 14.55 2.13 -29.19
CA GLY A 953 15.15 2.98 -30.18
C GLY A 953 16.47 2.42 -30.65
N ASN A 954 17.18 3.24 -31.44
CA ASN A 954 18.48 2.86 -32.00
C ASN A 954 19.64 3.58 -31.36
N ASP A 955 19.50 4.86 -31.01
CA ASP A 955 20.61 5.63 -30.47
C ASP A 955 21.06 5.07 -29.12
N LYS A 956 22.14 5.62 -28.61
CA LYS A 956 22.83 5.05 -27.47
C LYS A 956 21.90 4.99 -26.26
N LEU A 957 22.32 4.22 -25.27
CA LEU A 957 21.47 3.98 -24.11
C LEU A 957 21.18 5.26 -23.36
N TYR A 958 22.20 6.06 -23.09
CA TYR A 958 22.00 7.26 -22.28
C TYR A 958 21.04 8.23 -22.95
N ASN A 959 21.05 8.25 -24.27
CA ASN A 959 20.10 9.06 -25.02
C ASN A 959 18.70 8.47 -25.01
N ARG A 960 18.52 7.32 -24.37
CA ARG A 960 17.29 6.56 -24.48
C ARG A 960 16.84 6.16 -23.07
N ALA A 961 16.15 7.07 -22.42
CA ALA A 961 15.62 6.87 -21.08
C ALA A 961 14.64 7.99 -20.81
N GLU A 962 13.44 7.64 -20.35
CA GLU A 962 12.39 8.63 -20.29
C GLU A 962 11.63 8.55 -18.98
N ASP A 963 11.08 9.68 -18.60
CA ASP A 963 10.28 9.78 -17.39
C ASP A 963 9.01 8.97 -17.55
N PRO A 964 8.67 8.13 -16.57
CA PRO A 964 7.51 7.25 -16.75
C PRO A 964 6.25 7.99 -17.13
N LEU A 965 5.97 9.13 -16.51
CA LEU A 965 4.77 9.88 -16.87
C LEU A 965 4.80 10.35 -18.30
N PHE A 966 5.97 10.38 -18.93
CA PHE A 966 6.03 10.68 -20.36
C PHE A 966 5.69 9.44 -21.17
N VAL A 967 6.01 8.27 -20.64
CA VAL A 967 5.67 7.03 -21.33
C VAL A 967 4.18 6.77 -21.23
N LEU A 968 3.56 7.19 -20.14
CA LEU A 968 2.14 6.98 -19.90
C LEU A 968 1.30 8.11 -20.47
N GLU A 969 1.92 8.96 -21.28
CA GLU A 969 1.19 10.06 -21.88
C GLU A 969 1.48 10.15 -23.36
N ASN A 970 2.42 9.35 -23.83
CA ASN A 970 2.73 9.29 -25.25
C ASN A 970 2.72 7.87 -25.80
N ASN A 971 2.51 6.88 -24.95
CA ASN A 971 2.42 5.48 -25.35
C ASN A 971 3.69 4.97 -26.01
N ILE A 972 4.83 5.60 -25.71
CA ILE A 972 6.07 5.15 -26.32
C ILE A 972 6.41 3.74 -25.85
N GLN A 973 7.03 2.98 -26.73
CA GLN A 973 7.17 1.54 -26.57
C GLN A 973 8.34 1.25 -25.64
N VAL A 974 8.03 0.70 -24.47
CA VAL A 974 9.08 0.33 -23.53
C VAL A 974 9.95 -0.76 -24.12
N ASP A 975 11.25 -0.49 -24.19
CA ASP A 975 12.19 -1.46 -24.72
C ASP A 975 12.17 -2.73 -23.89
N SER A 976 11.76 -3.84 -24.50
CA SER A 976 11.67 -5.10 -23.79
C SER A 976 12.93 -5.95 -23.89
N ARG A 977 13.58 -5.95 -25.05
CA ARG A 977 14.83 -6.66 -25.19
C ARG A 977 15.85 -6.18 -24.18
N TYR A 978 15.93 -4.87 -23.97
CA TYR A 978 16.88 -4.34 -22.99
C TYR A 978 16.58 -4.86 -21.60
N TYR A 979 15.32 -4.77 -21.18
CA TYR A 979 15.01 -5.25 -19.84
C TYR A 979 15.39 -6.71 -19.68
N LEU A 980 14.90 -7.56 -20.59
CA LEU A 980 15.19 -8.98 -20.48
C LEU A 980 16.69 -9.25 -20.46
N THR A 981 17.46 -8.58 -21.32
CA THR A 981 18.87 -8.93 -21.43
C THR A 981 19.69 -8.36 -20.29
N ASN A 982 19.57 -7.06 -20.02
CA ASN A 982 20.44 -6.44 -19.04
C ASN A 982 19.93 -6.61 -17.63
N GLN A 983 18.65 -6.30 -17.37
CA GLN A 983 18.15 -6.22 -16.00
C GLN A 983 17.87 -7.60 -15.44
N LEU A 984 17.03 -8.39 -16.11
CA LEU A 984 16.51 -9.60 -15.50
C LEU A 984 17.42 -10.80 -15.73
N GLN A 985 18.22 -10.79 -16.79
CA GLN A 985 18.95 -12.00 -17.17
C GLN A 985 20.01 -12.38 -16.14
N ASN A 986 20.99 -11.52 -15.95
CA ASN A 986 22.16 -11.88 -15.16
C ASN A 986 21.85 -12.19 -13.70
N PRO A 987 21.00 -11.44 -13.01
CA PRO A 987 20.64 -11.84 -11.64
C PRO A 987 20.03 -13.22 -11.57
N ILE A 988 19.01 -13.46 -12.40
CA ILE A 988 18.33 -14.76 -12.37
C ILE A 988 19.30 -15.86 -12.73
N ILE A 989 20.11 -15.65 -13.77
CA ILE A 989 21.08 -16.67 -14.15
C ILE A 989 22.01 -16.97 -12.99
N SER A 990 22.47 -15.92 -12.31
CA SER A 990 23.44 -16.11 -11.23
C SER A 990 22.85 -16.88 -10.08
N ILE A 991 21.55 -16.70 -9.81
CA ILE A 991 20.98 -17.35 -8.63
C ILE A 991 20.44 -18.73 -8.97
N VAL A 992 20.20 -19.02 -10.26
CA VAL A 992 19.74 -20.37 -10.60
C VAL A 992 20.85 -21.27 -11.12
N ALA A 993 21.99 -20.71 -11.50
CA ALA A 993 23.08 -21.56 -11.99
C ALA A 993 23.65 -22.49 -10.94
N PRO A 994 23.84 -22.09 -9.68
CA PRO A 994 24.35 -23.06 -8.70
C PRO A 994 23.49 -24.30 -8.56
N ILE A 995 22.19 -24.19 -8.78
CA ILE A 995 21.31 -25.34 -8.56
C ILE A 995 21.33 -26.26 -9.79
N ILE A 996 21.10 -25.71 -10.97
CA ILE A 996 20.88 -26.51 -12.17
C ILE A 996 22.08 -26.56 -13.09
N GLY A 997 23.19 -25.96 -12.70
CA GLY A 997 24.26 -25.89 -13.68
C GLY A 997 24.05 -24.75 -14.66
N ASP A 998 25.15 -24.33 -15.28
CA ASP A 998 25.10 -23.09 -16.07
C ASP A 998 24.37 -23.28 -17.39
N LYS A 999 24.41 -24.48 -17.95
CA LYS A 999 23.91 -24.70 -19.31
C LYS A 999 22.42 -24.45 -19.40
N GLN A 1000 21.63 -25.12 -18.57
CA GLN A 1000 20.18 -24.93 -18.60
C GLN A 1000 19.82 -23.48 -18.29
N ALA A 1001 20.58 -22.85 -17.37
CA ALA A 1001 20.30 -21.48 -16.99
C ALA A 1001 20.47 -20.53 -18.16
N ASN A 1002 21.59 -20.65 -18.87
CA ASN A 1002 21.77 -19.82 -20.06
C ASN A 1002 20.75 -20.15 -21.13
N GLY A 1003 20.32 -21.42 -21.20
CA GLY A 1003 19.34 -21.79 -22.20
C GLY A 1003 17.99 -21.16 -21.96
N MET A 1004 17.62 -20.98 -20.68
CA MET A 1004 16.30 -20.45 -20.35
C MET A 1004 16.05 -19.09 -20.99
N PHE A 1005 17.12 -18.36 -21.31
CA PHE A 1005 16.93 -16.98 -21.74
C PHE A 1005 17.14 -16.82 -23.23
N VAL A 1006 17.63 -17.85 -23.90
CA VAL A 1006 17.84 -17.76 -25.34
C VAL A 1006 16.62 -18.28 -26.08
N ARG A 1052 -10.16 -23.69 -36.49
CA ARG A 1052 -11.25 -23.09 -37.25
C ARG A 1052 -11.78 -21.86 -36.49
N SER A 1053 -12.64 -21.08 -37.16
CA SER A 1053 -13.02 -19.77 -36.64
C SER A 1053 -13.73 -19.88 -35.29
N GLY A 1054 -14.38 -21.02 -35.01
CA GLY A 1054 -15.07 -21.16 -33.74
C GLY A 1054 -14.11 -21.13 -32.55
N GLU A 1055 -13.11 -22.01 -32.58
CA GLU A 1055 -12.14 -22.04 -31.49
C GLU A 1055 -11.36 -20.74 -31.41
N LEU A 1056 -11.11 -20.11 -32.57
CA LEU A 1056 -10.48 -18.80 -32.56
C LEU A 1056 -11.37 -17.78 -31.86
N TYR A 1057 -12.69 -17.91 -32.03
CA TYR A 1057 -13.60 -16.96 -31.40
C TYR A 1057 -13.72 -17.18 -29.92
N ILE A 1058 -13.55 -18.42 -29.46
CA ILE A 1058 -13.49 -18.63 -28.01
C ILE A 1058 -12.35 -17.83 -27.43
N LYS A 1059 -11.24 -17.73 -28.14
CA LYS A 1059 -10.23 -16.76 -27.77
C LYS A 1059 -10.64 -15.39 -28.28
N ALA A 1060 -10.05 -14.35 -27.71
CA ALA A 1060 -10.45 -12.96 -27.88
C ALA A 1060 -11.85 -12.75 -27.30
N LEU A 1061 -12.47 -13.79 -26.76
CA LEU A 1061 -13.68 -13.64 -25.98
C LEU A 1061 -13.50 -14.11 -24.55
N TYR A 1062 -12.55 -14.99 -24.26
CA TYR A 1062 -12.14 -15.25 -22.89
C TYR A 1062 -10.89 -14.47 -22.54
N ASP A 1063 -10.48 -13.55 -23.42
CA ASP A 1063 -9.49 -12.52 -23.12
C ASP A 1063 -10.16 -11.21 -22.75
N VAL A 1064 -11.19 -10.82 -23.49
CA VAL A 1064 -11.99 -9.67 -23.09
C VAL A 1064 -12.71 -9.95 -21.78
N ARG A 1065 -13.13 -11.19 -21.57
CA ARG A 1065 -13.72 -11.55 -20.28
C ARG A 1065 -12.73 -11.51 -19.14
N ASP A 1066 -11.45 -11.35 -19.42
CA ASP A 1066 -10.46 -11.14 -18.37
C ASP A 1066 -10.01 -9.70 -18.25
N LEU A 1067 -10.09 -8.94 -19.33
CA LEU A 1067 -9.78 -7.52 -19.30
C LEU A 1067 -10.91 -6.65 -18.78
N GLU A 1068 -12.16 -6.96 -19.11
CA GLU A 1068 -13.27 -6.17 -18.63
C GLU A 1068 -13.66 -6.50 -17.20
N GLU A 1069 -13.02 -7.50 -16.59
CA GLU A 1069 -13.16 -7.76 -15.17
C GLU A 1069 -12.04 -7.11 -14.37
N LYS A 1070 -10.94 -6.74 -15.01
CA LYS A 1070 -9.90 -5.96 -14.37
C LYS A 1070 -10.11 -4.47 -14.56
N TYR A 1071 -10.60 -4.07 -15.73
CA TYR A 1071 -10.90 -2.67 -15.97
C TYR A 1071 -11.85 -2.12 -14.93
N SER A 1072 -12.96 -2.83 -14.70
CA SER A 1072 -13.94 -2.33 -13.75
C SER A 1072 -13.39 -2.35 -12.34
N ARG A 1073 -12.68 -3.41 -11.97
CA ARG A 1073 -12.12 -3.46 -10.63
C ARG A 1073 -11.19 -2.28 -10.38
N LEU A 1074 -10.33 -1.95 -11.35
CA LEU A 1074 -9.39 -0.86 -11.14
C LEU A 1074 -10.11 0.49 -11.12
N TRP A 1075 -10.94 0.75 -12.13
CA TRP A 1075 -11.57 2.06 -12.21
C TRP A 1075 -12.74 2.21 -11.26
N THR A 1076 -13.05 1.21 -10.44
CA THR A 1076 -13.91 1.43 -9.29
C THR A 1076 -13.14 1.43 -7.98
N GLN A 1077 -11.96 0.82 -7.94
CA GLN A 1077 -11.09 1.01 -6.79
C GLN A 1077 -10.62 2.46 -6.73
N CYS A 1078 -10.44 3.09 -7.88
CA CYS A 1078 -10.12 4.51 -7.87
C CYS A 1078 -11.24 5.33 -7.22
N GLN A 1079 -12.48 4.95 -7.47
CA GLN A 1079 -13.60 5.67 -6.87
C GLN A 1079 -13.69 5.38 -5.37
N ARG A 1080 -13.50 4.12 -4.98
CA ARG A 1080 -13.49 3.81 -3.56
C ARG A 1080 -12.31 4.48 -2.85
N CYS A 1081 -11.25 4.79 -3.59
CA CYS A 1081 -10.08 5.43 -3.00
C CYS A 1081 -10.33 6.91 -2.80
N ALA A 1082 -10.70 7.62 -3.87
CA ALA A 1082 -10.91 9.05 -3.77
C ALA A 1082 -12.13 9.37 -2.92
N GLY A 1083 -12.97 8.39 -2.64
CA GLY A 1083 -14.22 8.61 -1.95
C GLY A 1083 -15.27 9.31 -2.78
N ASN A 1084 -14.91 9.84 -3.94
CA ASN A 1084 -15.80 10.64 -4.76
C ASN A 1084 -16.54 9.73 -5.75
N LEU A 1085 -17.68 9.23 -5.29
CA LEU A 1085 -18.48 8.35 -6.13
C LEU A 1085 -19.15 9.10 -7.26
N HIS A 1086 -19.38 10.40 -7.09
CA HIS A 1086 -20.26 11.11 -7.99
C HIS A 1086 -19.58 12.09 -8.93
N SER A 1087 -18.29 12.35 -8.76
CA SER A 1087 -17.60 13.26 -9.68
C SER A 1087 -16.26 12.69 -10.07
N GLU A 1088 -15.65 13.33 -11.07
CA GLU A 1088 -14.45 12.80 -11.69
C GLU A 1088 -13.33 12.64 -10.67
N VAL A 1089 -12.53 11.59 -10.85
CA VAL A 1089 -11.40 11.30 -9.98
C VAL A 1089 -10.14 11.48 -10.80
N LEU A 1090 -9.45 12.59 -10.58
CA LEU A 1090 -8.16 12.87 -11.21
C LEU A 1090 -7.07 12.65 -10.17
N CYS A 1091 -6.36 11.55 -10.28
CA CYS A 1091 -5.32 11.19 -9.33
C CYS A 1091 -3.96 11.32 -10.01
N SER A 1092 -2.94 11.63 -9.22
CA SER A 1092 -1.57 11.73 -9.70
C SER A 1092 -0.60 11.13 -8.71
N ASN A 1093 -1.08 10.24 -7.84
CA ASN A 1093 -0.25 9.50 -6.91
C ASN A 1093 0.51 8.45 -7.71
N LYS A 1094 1.52 8.91 -8.43
CA LYS A 1094 2.24 8.02 -9.34
C LYS A 1094 3.02 6.93 -8.62
N ASN A 1095 3.05 6.95 -7.29
CA ASN A 1095 3.63 5.84 -6.54
C ASN A 1095 2.57 4.84 -6.09
N CYS A 1096 1.45 4.77 -6.80
CA CYS A 1096 0.38 3.82 -6.52
C CYS A 1096 0.46 2.66 -7.49
N ASP A 1097 0.22 1.45 -7.00
CA ASP A 1097 0.31 0.27 -7.86
C ASP A 1097 -0.61 0.39 -9.05
N ILE A 1098 -1.89 0.66 -8.81
CA ILE A 1098 -2.86 0.76 -9.88
C ILE A 1098 -2.54 1.86 -10.88
N PHE A 1099 -1.81 2.89 -10.48
CA PHE A 1099 -1.33 3.84 -11.45
C PHE A 1099 -0.50 3.11 -12.49
N TYR A 1100 -0.53 3.61 -13.72
CA TYR A 1100 0.14 3.00 -14.86
C TYR A 1100 -0.52 1.71 -15.27
N MET A 1101 -1.44 1.20 -14.44
CA MET A 1101 -2.08 -0.05 -14.74
C MET A 1101 -3.46 0.17 -15.30
N ARG A 1102 -4.21 1.09 -14.69
CA ARG A 1102 -5.56 1.38 -15.16
C ARG A 1102 -5.54 1.85 -16.61
N VAL A 1103 -4.56 2.69 -16.97
CA VAL A 1103 -4.53 3.18 -18.33
C VAL A 1103 -4.09 2.09 -19.29
N LYS A 1104 -3.19 1.21 -18.86
CA LYS A 1104 -2.80 0.09 -19.70
C LYS A 1104 -3.98 -0.82 -19.98
N VAL A 1105 -4.74 -1.15 -18.94
CA VAL A 1105 -5.87 -2.05 -19.09
C VAL A 1105 -6.96 -1.39 -19.90
N LYS A 1106 -7.12 -0.07 -19.79
CA LYS A 1106 -8.10 0.60 -20.64
C LYS A 1106 -7.67 0.57 -22.10
N LYS A 1107 -6.40 0.87 -22.38
CA LYS A 1107 -5.92 0.86 -23.76
C LYS A 1107 -5.95 -0.54 -24.34
N GLU A 1108 -5.87 -1.56 -23.48
CA GLU A 1108 -5.93 -2.94 -23.96
C GLU A 1108 -7.37 -3.38 -24.19
N LEU A 1109 -8.29 -3.01 -23.29
CA LEU A 1109 -9.67 -3.43 -23.44
C LEU A 1109 -10.32 -2.74 -24.63
N GLN A 1110 -10.01 -1.46 -24.85
CA GLN A 1110 -10.54 -0.79 -26.02
C GLN A 1110 -10.10 -1.51 -27.30
N GLU A 1111 -8.82 -1.86 -27.39
CA GLU A 1111 -8.32 -2.53 -28.58
C GLU A 1111 -8.91 -3.93 -28.72
N LYS A 1112 -9.02 -4.66 -27.61
CA LYS A 1112 -9.53 -6.03 -27.68
C LYS A 1112 -10.99 -6.04 -28.09
N VAL A 1113 -11.77 -5.07 -27.64
CA VAL A 1113 -13.17 -5.01 -28.05
C VAL A 1113 -13.28 -4.57 -29.51
N GLU A 1114 -12.44 -3.62 -29.92
CA GLU A 1114 -12.42 -3.24 -31.32
C GLU A 1114 -12.10 -4.45 -32.20
N GLN A 1115 -11.19 -5.32 -31.74
CA GLN A 1115 -10.83 -6.49 -32.51
C GLN A 1115 -11.94 -7.54 -32.48
N LEU A 1116 -12.58 -7.73 -31.34
CA LEU A 1116 -13.68 -8.68 -31.21
C LEU A 1116 -14.91 -8.22 -31.99
N SER A 1117 -14.99 -6.94 -32.33
CA SER A 1117 -16.11 -6.46 -33.13
C SER A 1117 -16.19 -7.17 -34.47
N LYS A 1118 -15.05 -7.54 -35.04
CA LYS A 1118 -15.02 -8.07 -36.40
C LYS A 1118 -15.73 -9.40 -36.50
N TRP A 1119 -15.42 -10.33 -35.60
CA TRP A 1119 -16.13 -11.60 -35.54
C TRP A 1119 -17.61 -11.39 -35.21
N LEU B 12 -45.12 -53.70 -6.04
CA LEU B 12 -44.79 -54.66 -7.09
C LEU B 12 -44.63 -53.96 -8.43
N THR B 13 -43.38 -53.81 -8.87
CA THR B 13 -43.05 -52.97 -10.00
C THR B 13 -43.69 -53.41 -11.31
N LYS B 14 -43.77 -54.72 -11.58
CA LYS B 14 -44.25 -55.17 -12.88
C LYS B 14 -45.75 -54.92 -13.02
N PHE B 15 -46.50 -55.08 -11.93
CA PHE B 15 -47.95 -54.96 -12.03
C PHE B 15 -48.37 -53.51 -12.23
N ASN B 16 -47.63 -52.57 -11.66
CA ASN B 16 -47.95 -51.16 -11.90
C ASN B 16 -47.65 -50.78 -13.35
N GLU B 17 -46.62 -51.39 -13.93
CA GLU B 17 -46.41 -51.25 -15.36
C GLU B 17 -47.59 -51.78 -16.14
N ASP B 18 -48.04 -53.01 -15.81
CA ASP B 18 -49.17 -53.60 -16.50
C ASP B 18 -50.39 -52.71 -16.42
N ARG B 19 -50.66 -52.16 -15.23
CA ARG B 19 -51.78 -51.23 -15.07
C ARG B 19 -51.58 -50.00 -15.94
N SER B 20 -50.36 -49.45 -15.96
CA SER B 20 -50.11 -48.22 -16.71
C SER B 20 -50.05 -48.47 -18.21
N LEU B 21 -50.32 -49.69 -18.66
CA LEU B 21 -50.50 -49.93 -20.09
C LEU B 21 -51.63 -49.06 -20.62
N GLN B 22 -51.28 -48.11 -21.48
CA GLN B 22 -52.20 -47.04 -21.86
C GLN B 22 -52.84 -47.29 -23.23
N ASP B 23 -52.05 -47.82 -24.17
CA ASP B 23 -52.50 -48.27 -25.49
C ASP B 23 -53.63 -47.43 -26.09
N GLU B 24 -53.37 -46.13 -26.27
CA GLU B 24 -54.28 -45.30 -27.07
C GLU B 24 -54.07 -45.53 -28.56
N ASN B 25 -52.82 -45.42 -29.01
CA ASN B 25 -52.31 -45.92 -30.29
C ASN B 25 -52.62 -45.04 -31.50
N LEU B 26 -53.39 -43.98 -31.37
CA LEU B 26 -53.40 -43.07 -32.51
C LEU B 26 -52.54 -41.82 -32.25
N SER B 27 -53.01 -41.00 -31.32
CA SER B 27 -52.43 -39.77 -30.79
C SER B 27 -52.24 -38.67 -31.83
N GLN B 28 -51.90 -39.04 -33.08
CA GLN B 28 -52.28 -38.52 -34.40
C GLN B 28 -51.19 -39.04 -35.33
N PRO B 29 -51.37 -39.11 -36.65
CA PRO B 29 -50.17 -38.90 -37.48
C PRO B 29 -49.83 -37.42 -37.52
N ARG B 30 -50.60 -36.66 -38.31
CA ARG B 30 -51.25 -35.40 -37.95
C ARG B 30 -50.62 -34.60 -36.83
N THR B 31 -49.37 -34.18 -36.98
CA THR B 31 -48.74 -33.40 -35.92
C THR B 31 -49.58 -32.16 -35.58
N ARG B 32 -49.69 -31.90 -34.28
CA ARG B 32 -50.43 -30.73 -33.84
C ARG B 32 -49.55 -29.49 -33.93
N VAL B 33 -50.11 -28.36 -33.51
CA VAL B 33 -49.44 -27.07 -33.54
C VAL B 33 -49.49 -26.46 -32.16
N ARG B 34 -48.37 -25.91 -31.70
CA ARG B 34 -48.36 -25.17 -30.45
C ARG B 34 -49.08 -23.85 -30.63
N ILE B 35 -49.63 -23.33 -29.53
CA ILE B 35 -50.28 -22.02 -29.59
C ILE B 35 -49.22 -20.94 -29.81
N VAL B 36 -49.48 -20.08 -30.78
CA VAL B 36 -48.49 -19.10 -31.24
C VAL B 36 -48.45 -17.95 -30.24
N ASP B 37 -47.37 -17.89 -29.45
CA ASP B 37 -47.09 -16.74 -28.59
C ASP B 37 -45.79 -16.11 -29.06
N ASP B 38 -45.87 -14.91 -29.60
CA ASP B 38 -44.75 -14.27 -30.29
C ASP B 38 -44.18 -13.15 -29.44
N ASN B 39 -42.86 -13.14 -29.28
CA ASN B 39 -42.17 -12.03 -28.66
C ASN B 39 -42.44 -10.75 -29.45
N LEU B 40 -42.29 -9.61 -28.78
CA LEU B 40 -42.27 -8.34 -29.48
C LEU B 40 -41.11 -8.32 -30.46
N TYR B 41 -41.44 -8.09 -31.73
CA TYR B 41 -40.42 -7.96 -32.77
C TYR B 41 -39.35 -6.97 -32.35
N ASN B 42 -38.12 -7.23 -32.76
CA ASN B 42 -37.00 -6.41 -32.35
C ASN B 42 -37.21 -4.95 -32.72
N LYS B 43 -37.39 -4.09 -31.72
CA LYS B 43 -37.52 -2.66 -31.94
C LYS B 43 -36.34 -1.91 -31.34
N SER B 44 -36.13 -2.05 -30.03
CA SER B 44 -35.00 -1.44 -29.33
C SER B 44 -34.84 -2.11 -27.98
N ASN B 45 -33.67 -2.68 -27.74
CA ASN B 45 -33.40 -3.30 -26.45
C ASN B 45 -32.44 -2.42 -25.66
N PRO B 46 -32.87 -1.82 -24.55
CA PRO B 46 -31.99 -0.94 -23.79
C PRO B 46 -30.72 -1.61 -23.31
N PHE B 47 -30.68 -2.93 -23.25
CA PHE B 47 -29.51 -3.65 -22.76
C PHE B 47 -28.62 -4.16 -23.89
N GLN B 48 -28.75 -3.60 -25.08
CA GLN B 48 -28.03 -4.09 -26.25
C GLN B 48 -26.94 -3.10 -26.65
N LEU B 49 -25.70 -3.57 -26.70
CA LEU B 49 -24.56 -2.78 -27.14
C LEU B 49 -23.77 -3.58 -28.16
N CYS B 50 -23.70 -3.08 -29.39
CA CYS B 50 -22.75 -3.65 -30.33
C CYS B 50 -21.35 -3.48 -29.76
N TYR B 51 -20.44 -4.35 -30.18
CA TYR B 51 -19.09 -4.28 -29.63
C TYR B 51 -18.37 -3.04 -30.08
N LYS B 52 -18.60 -2.62 -31.33
CA LYS B 52 -18.22 -1.28 -31.71
C LYS B 52 -19.07 -0.27 -30.95
N LYS B 53 -18.63 0.98 -30.96
CA LYS B 53 -19.25 2.10 -30.24
C LYS B 53 -19.18 1.94 -28.73
N ARG B 54 -18.47 0.94 -28.22
CA ARG B 54 -18.22 0.83 -26.78
C ARG B 54 -16.98 1.66 -26.45
N ASP B 55 -17.20 2.82 -25.86
CA ASP B 55 -16.14 3.76 -25.53
C ASP B 55 -15.77 3.54 -24.06
N TYR B 56 -14.78 2.69 -23.83
CA TYR B 56 -14.37 2.36 -22.47
C TYR B 56 -13.48 3.42 -21.85
N GLY B 57 -13.44 4.61 -22.43
CA GLY B 57 -12.60 5.68 -21.92
C GLY B 57 -13.15 6.31 -20.67
N SER B 58 -14.46 6.52 -20.63
CA SER B 58 -15.10 7.24 -19.54
C SER B 58 -14.97 6.47 -18.22
N GLN B 59 -15.39 7.12 -17.15
CA GLN B 59 -15.24 6.54 -15.82
C GLN B 59 -16.60 6.10 -15.28
N TYR B 60 -16.55 5.37 -14.17
CA TYR B 60 -17.75 4.86 -13.52
C TYR B 60 -18.36 5.94 -12.60
N TYR B 61 -18.53 7.12 -13.14
CA TYR B 61 -19.18 8.19 -12.40
C TYR B 61 -20.32 8.82 -13.16
N HIS B 62 -20.39 8.65 -14.47
CA HIS B 62 -21.59 9.06 -15.18
C HIS B 62 -22.78 8.23 -14.75
N ILE B 63 -22.54 6.96 -14.42
CA ILE B 63 -23.61 6.10 -13.96
C ILE B 63 -24.23 6.65 -12.68
N TYR B 64 -23.40 6.92 -11.68
CA TYR B 64 -23.90 7.41 -10.41
C TYR B 64 -24.55 8.78 -10.56
N GLN B 65 -23.95 9.66 -11.37
CA GLN B 65 -24.54 10.97 -11.58
C GLN B 65 -25.91 10.85 -12.22
N TYR B 66 -26.05 9.99 -13.22
CA TYR B 66 -27.36 9.84 -13.85
C TYR B 66 -28.36 9.22 -12.90
N ARG B 67 -27.95 8.25 -12.09
CA ARG B 67 -28.86 7.65 -11.12
C ARG B 67 -29.38 8.69 -10.14
N LEU B 68 -28.47 9.47 -9.57
CA LEU B 68 -28.89 10.53 -8.66
C LEU B 68 -29.79 11.54 -9.35
N LYS B 69 -29.40 11.97 -10.56
CA LYS B 69 -30.15 13.00 -11.25
C LYS B 69 -31.55 12.53 -11.59
N THR B 70 -31.73 11.23 -11.83
CA THR B 70 -33.06 10.76 -12.23
C THR B 70 -33.89 10.35 -11.02
N PHE B 71 -33.23 9.94 -9.93
CA PHE B 71 -33.98 9.55 -8.74
C PHE B 71 -34.32 10.72 -7.85
N ARG B 72 -33.67 11.87 -8.03
CA ARG B 72 -34.03 13.01 -7.22
C ARG B 72 -35.48 13.42 -7.46
N GLU B 73 -35.92 13.45 -8.71
CA GLU B 73 -37.32 13.78 -8.99
C GLU B 73 -38.24 12.69 -8.47
N ARG B 74 -37.86 11.43 -8.64
CA ARG B 74 -38.73 10.34 -8.21
C ARG B 74 -38.90 10.33 -6.71
N VAL B 75 -37.88 10.76 -5.97
CA VAL B 75 -38.01 10.83 -4.52
C VAL B 75 -38.75 12.10 -4.11
N LEU B 76 -38.52 13.20 -4.82
CA LEU B 76 -39.13 14.48 -4.45
C LEU B 76 -40.63 14.46 -4.69
N LYS B 77 -41.07 13.76 -5.73
CA LYS B 77 -42.51 13.69 -5.99
C LYS B 77 -43.24 13.01 -4.85
N GLU B 78 -42.53 12.18 -4.07
CA GLU B 78 -43.15 11.60 -2.89
C GLU B 78 -42.88 12.46 -1.66
N CYS B 79 -41.71 13.09 -1.59
CA CYS B 79 -41.34 13.86 -0.42
C CYS B 79 -42.08 15.19 -0.33
N ASP B 80 -42.74 15.63 -1.40
CA ASP B 80 -43.55 16.83 -1.29
C ASP B 80 -44.81 16.59 -0.48
N LYS B 81 -45.33 15.36 -0.50
CA LYS B 81 -46.54 15.03 0.25
C LYS B 81 -46.19 14.48 1.64
N ARG B 82 -45.44 13.38 1.68
CA ARG B 82 -44.94 12.90 2.96
C ARG B 82 -43.70 13.71 3.33
N TRP B 83 -43.57 14.04 4.61
CA TRP B 83 -42.61 14.99 5.15
C TRP B 83 -42.85 16.38 4.58
N ASP B 84 -44.09 16.73 4.24
CA ASP B 84 -44.43 17.96 3.53
C ASP B 84 -43.89 19.21 4.21
N ALA B 85 -43.84 20.32 3.46
CA ALA B 85 -43.32 21.58 3.96
C ALA B 85 -43.98 22.05 5.24
N GLY B 86 -45.11 21.49 5.62
CA GLY B 86 -45.73 21.81 6.89
C GLY B 86 -45.78 20.62 7.82
N PHE B 87 -44.96 19.60 7.56
CA PHE B 87 -44.90 18.45 8.45
C PHE B 87 -44.40 18.89 9.82
N THR B 88 -44.96 18.28 10.87
CA THR B 88 -44.75 18.73 12.23
C THR B 88 -44.10 17.68 13.12
N LEU B 89 -43.01 17.07 12.68
CA LEU B 89 -42.30 16.06 13.48
C LEU B 89 -41.98 16.69 14.85
N ASN B 90 -41.68 15.84 15.83
CA ASN B 90 -41.80 16.18 17.25
C ASN B 90 -41.43 17.64 17.54
N GLY B 91 -40.33 18.12 16.98
CA GLY B 91 -39.98 19.52 17.10
C GLY B 91 -39.00 19.88 16.01
N GLN B 92 -38.87 21.19 15.78
CA GLN B 92 -37.97 21.71 14.75
C GLN B 92 -38.26 21.06 13.41
N LEU B 93 -39.43 21.34 12.86
CA LEU B 93 -40.29 20.38 12.16
C LEU B 93 -39.52 19.47 11.20
N VAL B 94 -39.09 19.94 10.03
CA VAL B 94 -38.41 19.11 9.04
C VAL B 94 -37.28 19.85 8.36
N LEU B 95 -36.68 20.83 9.05
CA LEU B 95 -36.61 22.21 8.58
C LEU B 95 -36.77 22.25 7.06
N LYS B 96 -35.96 21.54 6.26
CA LYS B 96 -36.13 21.56 4.81
C LYS B 96 -35.17 20.60 4.11
N LYS B 97 -35.21 20.59 2.78
CA LYS B 97 -34.16 19.99 1.98
C LYS B 97 -32.83 20.70 2.23
N ASP B 98 -31.78 20.12 1.69
CA ASP B 98 -30.43 20.67 1.81
C ASP B 98 -29.51 19.90 0.87
N LYS B 99 -28.23 20.23 0.92
CA LYS B 99 -27.17 19.50 0.25
C LYS B 99 -26.36 18.71 1.26
N VAL B 100 -26.22 17.40 1.07
CA VAL B 100 -26.01 16.42 2.14
C VAL B 100 -25.01 16.89 3.17
N LEU B 101 -24.02 17.69 2.75
CA LEU B 101 -23.03 18.19 3.69
C LEU B 101 -23.56 19.39 4.47
N ASP B 102 -24.37 20.23 3.82
CA ASP B 102 -24.91 21.42 4.45
C ASP B 102 -26.00 21.05 5.44
N ILE B 103 -25.63 20.36 6.52
CA ILE B 103 -26.56 20.00 7.57
C ILE B 103 -25.86 20.18 8.92
N GLN B 104 -26.59 20.72 9.89
CA GLN B 104 -26.08 20.88 11.23
C GLN B 104 -27.24 20.91 12.21
N GLY B 105 -26.94 20.67 13.48
CA GLY B 105 -27.95 20.74 14.51
C GLY B 105 -28.67 19.43 14.71
N ASN B 106 -29.63 19.46 15.63
CA ASN B 106 -30.42 18.29 15.97
C ASN B 106 -31.83 18.35 15.41
N GLN B 107 -32.12 19.29 14.53
CA GLN B 107 -33.44 19.40 13.95
C GLN B 107 -33.65 18.31 12.89
N PRO B 108 -34.87 17.81 12.74
CA PRO B 108 -35.16 16.87 11.66
C PRO B 108 -34.95 17.52 10.30
N CYS B 109 -34.68 16.67 9.32
CA CYS B 109 -34.22 17.08 8.00
C CYS B 109 -34.21 15.87 7.09
N TRP B 110 -34.26 16.11 5.78
CA TRP B 110 -34.32 15.00 4.85
C TRP B 110 -33.68 15.39 3.53
N CYS B 111 -32.75 14.56 3.07
CA CYS B 111 -32.08 14.74 1.79
C CYS B 111 -32.05 13.40 1.07
N VAL B 112 -31.61 13.42 -0.18
CA VAL B 112 -31.56 12.23 -1.02
C VAL B 112 -30.10 12.00 -1.42
N GLY B 113 -29.67 10.75 -1.38
CA GLY B 113 -28.29 10.44 -1.71
C GLY B 113 -28.12 8.98 -2.03
N SER B 114 -27.12 8.70 -2.86
CA SER B 114 -26.84 7.33 -3.30
C SER B 114 -26.06 6.62 -2.21
N ILE B 115 -26.77 5.83 -1.40
CA ILE B 115 -26.13 5.09 -0.31
C ILE B 115 -24.94 4.32 -0.84
N TYR B 116 -23.90 4.20 -0.02
CA TYR B 116 -22.70 3.47 -0.40
C TYR B 116 -22.16 2.76 0.82
N CYS B 117 -22.24 1.43 0.81
CA CYS B 117 -21.73 0.65 1.93
C CYS B 117 -20.21 0.61 1.91
N GLU B 118 -19.64 0.28 3.05
CA GLU B 118 -18.19 0.15 3.19
C GLU B 118 -17.93 -1.04 4.11
N MET B 119 -17.66 -2.20 3.51
CA MET B 119 -17.38 -3.38 4.30
C MET B 119 -15.90 -3.75 4.17
N LYS B 120 -15.42 -4.48 5.18
CA LYS B 120 -14.00 -4.85 5.19
C LYS B 120 -13.73 -6.04 4.29
N TYR B 121 -14.71 -6.93 4.12
CA TYR B 121 -14.50 -8.12 3.31
C TYR B 121 -14.85 -7.92 1.85
N LYS B 122 -15.32 -6.74 1.46
CA LYS B 122 -15.46 -6.45 0.05
C LYS B 122 -14.08 -6.47 -0.60
N PRO B 123 -13.84 -7.36 -1.56
CA PRO B 123 -12.48 -7.53 -2.07
C PRO B 123 -11.98 -6.28 -2.76
N ASN B 124 -10.73 -5.92 -2.47
CA ASN B 124 -10.10 -4.71 -2.97
C ASN B 124 -8.98 -5.09 -3.93
N VAL B 125 -8.99 -4.50 -5.12
CA VAL B 125 -8.03 -4.91 -6.15
C VAL B 125 -6.64 -4.36 -5.84
N LEU B 126 -6.58 -3.18 -5.24
CA LEU B 126 -5.28 -2.61 -4.89
C LEU B 126 -4.56 -3.48 -3.88
N ASP B 127 -5.28 -3.99 -2.89
CA ASP B 127 -4.65 -4.86 -1.91
C ASP B 127 -4.18 -6.16 -2.56
N GLU B 128 -4.97 -6.69 -3.49
CA GLU B 128 -4.57 -7.90 -4.19
C GLU B 128 -3.33 -7.67 -5.02
N VAL B 129 -3.21 -6.49 -5.63
CA VAL B 129 -2.03 -6.19 -6.44
C VAL B 129 -0.81 -6.03 -5.55
N ILE B 130 -0.95 -5.28 -4.46
CA ILE B 130 0.20 -5.02 -3.61
C ILE B 130 0.64 -6.30 -2.91
N ASN B 131 -0.27 -7.24 -2.72
CA ASN B 131 0.08 -8.54 -2.15
C ASN B 131 0.51 -9.55 -3.21
N ASP B 132 0.56 -9.14 -4.47
CA ASP B 132 0.96 -9.98 -5.60
C ASP B 132 0.04 -11.18 -5.77
N THR B 133 -1.14 -11.14 -5.16
CA THR B 133 -2.07 -12.26 -5.21
C THR B 133 -3.21 -12.03 -6.19
N TYR B 134 -3.05 -11.12 -7.15
CA TYR B 134 -4.09 -10.91 -8.13
C TYR B 134 -4.28 -12.16 -8.98
N GLY B 135 -5.52 -12.45 -9.33
CA GLY B 135 -5.85 -13.61 -10.13
C GLY B 135 -6.16 -14.87 -9.35
N ALA B 136 -6.45 -14.75 -8.05
CA ALA B 136 -6.73 -15.90 -7.22
C ALA B 136 -8.20 -16.28 -7.31
N PRO B 137 -8.58 -17.45 -6.80
CA PRO B 137 -10.01 -17.77 -6.68
C PRO B 137 -10.73 -16.77 -5.81
N ASP B 138 -11.91 -16.34 -6.26
CA ASP B 138 -12.60 -15.22 -5.62
C ASP B 138 -13.78 -15.69 -4.78
N LEU B 139 -13.60 -16.77 -4.02
CA LEU B 139 -14.68 -17.43 -3.28
C LEU B 139 -15.42 -16.39 -2.42
N THR B 140 -14.81 -15.82 -1.38
CA THR B 140 -15.29 -14.66 -0.63
C THR B 140 -16.83 -14.64 -0.51
N LYS B 141 -17.36 -15.71 0.09
CA LYS B 141 -18.79 -15.99 0.00
C LYS B 141 -19.67 -14.79 0.31
N SER B 142 -19.29 -13.96 1.28
CA SER B 142 -20.12 -12.82 1.67
C SER B 142 -19.24 -11.63 2.01
N TYR B 143 -19.81 -10.43 1.94
CA TYR B 143 -19.04 -9.22 2.18
C TYR B 143 -19.20 -8.71 3.60
N THR B 144 -20.41 -8.71 4.12
CA THR B 144 -20.69 -8.06 5.39
C THR B 144 -19.88 -8.68 6.52
N ASP B 145 -19.68 -7.90 7.57
CA ASP B 145 -18.93 -8.32 8.75
C ASP B 145 -19.91 -8.32 9.92
N LYS B 146 -20.63 -9.42 10.10
CA LYS B 146 -21.65 -9.48 11.13
C LYS B 146 -21.02 -9.59 12.51
N GLU B 147 -20.01 -10.44 12.65
CA GLU B 147 -19.41 -10.72 13.96
C GLU B 147 -18.39 -9.64 14.34
N GLY B 148 -18.37 -8.58 13.54
CA GLY B 148 -17.49 -7.47 13.83
C GLY B 148 -18.19 -6.13 13.88
N GLY B 149 -19.39 -6.05 13.31
CA GLY B 149 -20.14 -4.82 13.27
C GLY B 149 -19.46 -3.66 12.58
N SER B 150 -18.32 -3.88 11.93
CA SER B 150 -17.55 -2.79 11.35
C SER B 150 -18.15 -2.25 10.06
N ASP B 151 -19.26 -2.81 9.60
CA ASP B 151 -19.86 -2.34 8.36
C ASP B 151 -20.43 -0.93 8.55
N GLU B 152 -20.09 -0.03 7.64
CA GLU B 152 -20.55 1.34 7.68
C GLU B 152 -21.37 1.62 6.43
N ILE B 153 -22.42 2.42 6.61
CA ILE B 153 -23.36 2.67 5.51
C ILE B 153 -23.42 4.17 5.26
N MET B 154 -22.58 4.66 4.36
CA MET B 154 -22.52 6.07 4.09
C MET B 154 -23.62 6.49 3.13
N LEU B 155 -23.83 7.80 3.02
CA LEU B 155 -24.83 8.38 2.13
C LEU B 155 -24.15 9.43 1.28
N GLU B 156 -23.54 9.00 0.19
CA GLU B 156 -22.86 9.95 -0.69
C GLU B 156 -23.87 10.83 -1.40
N ASP B 157 -23.43 12.02 -1.77
CA ASP B 157 -24.21 12.89 -2.64
C ASP B 157 -23.20 13.66 -3.48
N GLU B 158 -23.67 14.70 -4.19
CA GLU B 158 -22.81 15.47 -5.06
C GLU B 158 -21.55 15.95 -4.35
N SER B 159 -21.72 16.52 -3.16
CA SER B 159 -20.62 17.02 -2.37
C SER B 159 -20.91 16.69 -0.90
N GLY B 160 -20.42 15.54 -0.46
CA GLY B 160 -20.56 15.18 0.94
C GLY B 160 -20.62 13.68 1.10
N ARG B 161 -20.37 13.24 2.32
CA ARG B 161 -20.41 11.82 2.65
C ARG B 161 -20.82 11.63 4.10
N VAL B 162 -22.10 11.44 4.35
CA VAL B 162 -22.62 11.40 5.72
C VAL B 162 -22.83 9.97 6.16
N LEU B 163 -22.13 9.57 7.21
CA LEU B 163 -22.34 8.23 7.76
C LEU B 163 -23.74 8.13 8.34
N LEU B 164 -24.30 6.92 8.34
CA LEU B 164 -25.61 6.67 8.89
C LEU B 164 -25.51 5.66 10.04
N VAL B 165 -26.31 5.86 11.08
CA VAL B 165 -26.42 4.90 12.16
C VAL B 165 -27.82 5.02 12.73
N GLY B 166 -28.33 3.91 13.26
CA GLY B 166 -29.64 3.92 13.84
C GLY B 166 -30.22 2.53 13.86
N ASP B 167 -31.56 2.48 13.87
CA ASP B 167 -32.27 1.21 13.90
C ASP B 167 -32.77 0.79 12.52
N PHE B 168 -33.06 1.74 11.64
CA PHE B 168 -33.62 1.38 10.33
C PHE B 168 -32.61 0.58 9.51
N ILE B 169 -31.34 0.93 9.57
CA ILE B 169 -30.34 0.23 8.79
C ILE B 169 -30.19 -1.22 9.23
N ARG B 170 -30.89 -1.60 10.31
CA ARG B 170 -31.00 -3.00 10.72
C ARG B 170 -32.31 -3.62 10.28
N SER B 171 -33.21 -2.84 9.68
CA SER B 171 -34.49 -3.34 9.21
C SER B 171 -34.45 -3.63 7.72
N THR B 172 -34.11 -2.62 6.92
CA THR B 172 -34.06 -2.77 5.48
C THR B 172 -32.65 -3.13 5.05
N PRO B 173 -32.48 -3.61 3.81
CA PRO B 173 -31.13 -3.99 3.36
C PRO B 173 -30.14 -2.85 3.28
N PHE B 174 -30.51 -1.72 2.66
CA PHE B 174 -29.61 -0.59 2.46
C PHE B 174 -28.37 -1.00 1.66
N ILE B 175 -28.62 -1.33 0.40
CA ILE B 175 -27.60 -1.74 -0.55
C ILE B 175 -27.03 -0.51 -1.24
N THR B 176 -25.73 -0.53 -1.51
CA THR B 176 -25.07 0.57 -2.18
C THR B 176 -25.72 0.88 -3.52
N GLY B 177 -25.38 2.04 -4.07
CA GLY B 177 -25.81 2.41 -5.39
C GLY B 177 -27.25 2.85 -5.51
N VAL B 178 -28.09 2.60 -4.51
CA VAL B 178 -29.50 2.93 -4.58
C VAL B 178 -29.69 4.35 -4.08
N VAL B 179 -30.69 5.06 -4.61
CA VAL B 179 -30.93 6.46 -4.26
C VAL B 179 -32.32 6.54 -3.63
N VAL B 180 -32.36 6.64 -2.31
CA VAL B 180 -33.61 6.83 -1.59
C VAL B 180 -33.44 7.95 -0.59
N GLY B 181 -34.43 8.83 -0.52
CA GLY B 181 -34.35 9.96 0.39
C GLY B 181 -34.50 9.51 1.83
N ILE B 182 -33.63 10.03 2.69
CA ILE B 182 -33.55 9.62 4.08
C ILE B 182 -33.95 10.81 4.95
N LEU B 183 -34.32 10.54 6.19
CA LEU B 183 -34.70 11.57 7.15
C LEU B 183 -34.18 11.19 8.52
N GLY B 184 -33.36 12.06 9.11
CA GLY B 184 -32.74 11.74 10.38
C GLY B 184 -32.33 12.98 11.14
N MET B 185 -31.64 12.75 12.26
CA MET B 185 -31.17 13.81 13.14
C MET B 185 -29.65 13.67 13.29
N GLU B 186 -28.93 14.73 12.92
CA GLU B 186 -27.48 14.69 13.01
C GLU B 186 -27.05 14.51 14.45
N ALA B 187 -26.35 13.41 14.73
CA ALA B 187 -26.04 13.06 16.11
C ALA B 187 -24.68 13.57 16.57
N GLU B 188 -23.61 13.15 15.92
CA GLU B 188 -22.25 13.50 16.35
C GLU B 188 -21.53 14.26 15.25
N ALA B 189 -22.28 15.10 14.53
CA ALA B 189 -21.74 16.07 13.58
C ALA B 189 -21.22 15.32 12.36
N GLY B 190 -21.18 13.99 12.37
CA GLY B 190 -20.81 13.26 11.17
C GLY B 190 -21.87 12.27 10.74
N THR B 191 -22.67 11.79 11.69
CA THR B 191 -23.58 10.68 11.42
C THR B 191 -25.02 11.17 11.37
N PHE B 192 -25.90 10.31 10.87
CA PHE B 192 -27.34 10.48 10.97
C PHE B 192 -27.91 9.50 11.98
N GLN B 193 -29.12 9.79 12.43
CA GLN B 193 -29.94 8.84 13.17
C GLN B 193 -31.21 8.68 12.35
N VAL B 194 -31.19 7.71 11.44
CA VAL B 194 -32.26 7.59 10.44
C VAL B 194 -33.60 7.44 11.12
N LEU B 195 -34.62 8.13 10.59
CA LEU B 195 -35.95 8.08 11.15
C LEU B 195 -37.02 7.64 10.16
N ASP B 196 -36.82 7.84 8.87
CA ASP B 196 -37.80 7.43 7.87
C ASP B 196 -37.13 7.43 6.51
N ILE B 197 -37.57 6.54 5.64
CA ILE B 197 -36.96 6.33 4.34
C ILE B 197 -38.03 6.52 3.28
N CYS B 198 -37.70 7.27 2.24
CA CYS B 198 -38.63 7.54 1.16
C CYS B 198 -38.16 6.84 -0.10
N TYR B 199 -38.94 5.89 -0.58
CA TYR B 199 -38.67 5.22 -1.83
C TYR B 199 -39.30 6.01 -2.98
N PRO B 200 -38.76 5.89 -4.18
CA PRO B 200 -39.22 6.74 -5.28
C PRO B 200 -40.70 6.58 -5.58
N THR B 201 -41.21 7.44 -6.45
CA THR B 201 -42.60 7.44 -6.89
C THR B 201 -42.94 6.11 -7.55
N PRO B 202 -44.21 5.69 -7.52
CA PRO B 202 -44.61 4.48 -8.26
C PRO B 202 -44.41 4.64 -9.75
N LEU B 203 -44.09 3.55 -10.43
CA LEU B 203 -43.73 3.59 -11.83
C LEU B 203 -44.79 2.89 -12.67
N PRO B 204 -45.14 3.43 -13.83
CA PRO B 204 -46.27 2.88 -14.59
C PRO B 204 -46.01 1.46 -15.10
N GLN B 205 -47.10 0.80 -15.47
CA GLN B 205 -47.07 -0.51 -16.12
C GLN B 205 -47.76 -0.43 -17.46
N ASN B 206 -47.78 -1.55 -18.17
CA ASN B 206 -48.58 -1.68 -19.37
C ASN B 206 -49.85 -2.46 -19.06
N PRO B 207 -50.94 -2.13 -19.73
CA PRO B 207 -52.19 -2.88 -19.51
C PRO B 207 -52.24 -4.14 -20.34
N PHE B 208 -52.58 -5.27 -19.74
CA PHE B 208 -52.68 -6.51 -20.48
C PHE B 208 -54.12 -6.98 -20.49
N PRO B 209 -54.67 -7.30 -21.66
CA PRO B 209 -56.09 -7.67 -21.71
C PRO B 209 -56.34 -9.04 -21.10
N ALA B 210 -57.55 -9.22 -20.57
CA ALA B 210 -57.88 -10.50 -19.96
C ALA B 210 -57.87 -11.66 -20.94
N PRO B 211 -58.52 -11.60 -22.12
CA PRO B 211 -58.40 -12.75 -23.01
C PRO B 211 -57.05 -12.83 -23.70
N THR B 217 -55.87 -17.68 -27.36
CA THR B 217 -56.91 -18.06 -26.41
C THR B 217 -56.31 -18.73 -25.18
N ARG B 218 -54.99 -18.85 -25.17
CA ARG B 218 -54.26 -19.46 -24.07
C ARG B 218 -52.80 -19.03 -24.14
N GLY B 219 -51.99 -19.64 -23.29
CA GLY B 219 -50.56 -19.43 -23.33
C GLY B 219 -49.86 -20.07 -22.16
N LYS B 220 -48.62 -20.50 -22.38
CA LYS B 220 -47.72 -20.89 -21.31
C LYS B 220 -46.30 -20.57 -21.75
N ILE B 221 -45.36 -20.68 -20.83
CA ILE B 221 -43.95 -20.44 -21.09
C ILE B 221 -43.14 -21.33 -20.17
N ALA B 222 -42.22 -22.10 -20.74
CA ALA B 222 -41.40 -23.02 -19.97
C ALA B 222 -40.08 -22.33 -19.62
N LEU B 223 -39.91 -22.00 -18.35
CA LEU B 223 -38.71 -21.32 -17.85
C LEU B 223 -37.75 -22.37 -17.31
N VAL B 224 -36.47 -22.21 -17.62
CA VAL B 224 -35.45 -23.12 -17.11
C VAL B 224 -34.13 -22.36 -17.05
N SER B 225 -33.34 -22.67 -16.02
CA SER B 225 -32.08 -21.97 -15.82
C SER B 225 -31.06 -22.92 -15.20
N GLY B 226 -29.79 -22.62 -15.45
CA GLY B 226 -28.72 -23.37 -14.83
C GLY B 226 -28.56 -24.77 -15.38
N LEU B 227 -28.47 -24.91 -16.70
CA LEU B 227 -28.26 -26.23 -17.28
C LEU B 227 -26.88 -26.76 -16.93
N ASN B 228 -25.84 -25.96 -17.12
CA ASN B 228 -24.47 -26.28 -16.70
C ASN B 228 -24.01 -27.61 -17.30
N LEU B 229 -23.91 -27.66 -18.62
CA LEU B 229 -23.43 -28.86 -19.29
C LEU B 229 -21.91 -28.90 -19.29
N ASN B 230 -21.35 -30.11 -19.22
CA ASN B 230 -19.91 -30.28 -19.28
C ASN B 230 -19.60 -31.72 -19.68
N ASN B 231 -18.30 -32.02 -19.72
CA ASN B 231 -17.89 -33.38 -20.08
C ASN B 231 -18.33 -34.38 -19.02
N THR B 232 -18.21 -34.03 -17.75
CA THR B 232 -18.72 -34.89 -16.68
C THR B 232 -20.23 -35.02 -16.81
N SER B 233 -20.72 -36.25 -16.67
CA SER B 233 -22.13 -36.56 -16.87
C SER B 233 -22.73 -37.17 -15.62
N PRO B 234 -22.92 -36.39 -14.55
CA PRO B 234 -23.71 -36.84 -13.40
C PRO B 234 -25.19 -36.55 -13.60
N ASP B 235 -25.79 -37.18 -14.60
CA ASP B 235 -27.20 -37.12 -14.97
C ASP B 235 -27.54 -35.82 -15.69
N ARG B 236 -26.61 -34.86 -15.82
CA ARG B 236 -26.96 -33.56 -16.41
C ARG B 236 -27.50 -33.73 -17.82
N LEU B 237 -26.75 -34.40 -18.68
CA LEU B 237 -27.19 -34.58 -20.06
C LEU B 237 -28.48 -35.38 -20.11
N LEU B 238 -28.61 -36.37 -19.23
CA LEU B 238 -29.83 -37.18 -19.23
C LEU B 238 -31.02 -36.39 -18.74
N ARG B 239 -30.82 -35.53 -17.74
CA ARG B 239 -31.91 -34.65 -17.33
C ARG B 239 -32.31 -33.71 -18.44
N LEU B 240 -31.34 -33.19 -19.19
CA LEU B 240 -31.68 -32.32 -20.31
C LEU B 240 -32.48 -33.07 -21.36
N GLU B 241 -32.09 -34.32 -21.65
CA GLU B 241 -32.83 -35.07 -22.66
C GLU B 241 -34.23 -35.41 -22.18
N ILE B 242 -34.37 -35.81 -20.91
CA ILE B 242 -35.70 -36.03 -20.35
C ILE B 242 -36.51 -34.75 -20.43
N LEU B 243 -35.85 -33.61 -20.25
CA LEU B 243 -36.56 -32.33 -20.35
C LEU B 243 -37.11 -32.14 -21.74
N ARG B 244 -36.29 -32.34 -22.76
CA ARG B 244 -36.80 -32.11 -24.11
C ARG B 244 -37.87 -33.13 -24.45
N GLU B 245 -37.76 -34.34 -23.92
CA GLU B 245 -38.79 -35.34 -24.17
C GLU B 245 -40.12 -34.96 -23.51
N PHE B 246 -40.06 -34.44 -22.28
CA PHE B 246 -41.27 -34.00 -21.60
C PHE B 246 -41.87 -32.79 -22.30
N LEU B 247 -41.04 -31.92 -22.84
CA LEU B 247 -41.50 -30.79 -23.63
C LEU B 247 -42.04 -31.22 -24.98
N MET B 248 -41.67 -32.42 -25.43
CA MET B 248 -42.25 -33.03 -26.62
C MET B 248 -43.57 -33.73 -26.33
N GLY B 249 -44.05 -33.71 -25.10
CA GLY B 249 -45.23 -34.47 -24.75
C GLY B 249 -45.07 -35.97 -24.85
N ARG B 250 -43.86 -36.46 -25.10
CA ARG B 250 -43.66 -37.90 -25.21
C ARG B 250 -43.64 -38.58 -23.85
N ILE B 251 -43.63 -37.81 -22.77
CA ILE B 251 -43.56 -38.43 -21.46
C ILE B 251 -44.94 -38.54 -20.83
N ASN B 252 -45.87 -37.68 -21.24
CA ASN B 252 -47.21 -37.69 -20.65
C ASN B 252 -48.27 -37.79 -21.73
N ASN B 253 -49.53 -37.59 -21.36
CA ASN B 253 -50.59 -37.43 -22.34
C ASN B 253 -50.20 -36.33 -23.33
N LYS B 254 -50.50 -36.58 -24.59
CA LYS B 254 -49.89 -35.82 -25.68
C LYS B 254 -50.18 -34.32 -25.60
N ILE B 255 -51.45 -33.94 -25.64
CA ILE B 255 -51.79 -32.53 -25.85
C ILE B 255 -52.61 -32.02 -24.68
N ASP B 256 -53.03 -30.75 -24.79
CA ASP B 256 -53.95 -30.08 -23.89
C ASP B 256 -53.29 -29.70 -22.58
N ASP B 257 -52.06 -30.16 -22.36
CA ASP B 257 -51.31 -29.73 -21.18
C ASP B 257 -49.86 -29.47 -21.54
N ILE B 258 -49.39 -30.05 -22.65
CA ILE B 258 -48.06 -29.78 -23.18
C ILE B 258 -48.12 -29.26 -24.60
N SER B 259 -49.28 -29.31 -25.25
CA SER B 259 -49.39 -28.84 -26.62
C SER B 259 -49.28 -27.32 -26.71
N LEU B 260 -49.50 -26.62 -25.60
CA LEU B 260 -49.61 -25.18 -25.63
C LEU B 260 -48.45 -24.47 -24.94
N ILE B 261 -47.42 -25.22 -24.52
CA ILE B 261 -46.32 -24.62 -23.77
C ILE B 261 -45.65 -23.48 -24.55
N GLY B 262 -45.72 -23.50 -25.87
CA GLY B 262 -45.35 -22.33 -26.64
C GLY B 262 -43.87 -22.07 -26.81
N ARG B 263 -43.20 -21.63 -25.76
CA ARG B 263 -41.80 -21.22 -25.88
C ARG B 263 -41.01 -21.68 -24.67
N LEU B 264 -39.73 -21.93 -24.89
CA LEU B 264 -38.78 -22.20 -23.83
C LEU B 264 -37.90 -20.97 -23.63
N LEU B 265 -37.39 -20.78 -22.41
CA LEU B 265 -36.49 -19.69 -22.11
C LEU B 265 -35.36 -20.22 -21.23
N ILE B 266 -34.23 -20.54 -21.85
CA ILE B 266 -33.05 -20.86 -21.06
C ILE B 266 -32.47 -19.57 -20.52
N CYS B 267 -32.27 -19.52 -19.21
CA CYS B 267 -32.01 -18.26 -18.53
C CYS B 267 -30.58 -18.12 -18.03
N GLY B 268 -29.61 -18.73 -18.71
CA GLY B 268 -28.23 -18.52 -18.36
C GLY B 268 -27.61 -19.74 -17.70
N ASN B 269 -26.29 -19.73 -17.62
CA ASN B 269 -25.49 -20.82 -17.07
C ASN B 269 -25.78 -22.13 -17.78
N SER B 270 -25.90 -22.09 -19.10
CA SER B 270 -26.21 -23.30 -19.84
C SER B 270 -25.00 -24.22 -19.93
N VAL B 271 -23.81 -23.66 -20.12
CA VAL B 271 -22.59 -24.46 -20.28
C VAL B 271 -21.59 -24.06 -19.22
N ASP B 272 -21.36 -24.96 -18.26
CA ASP B 272 -20.43 -24.73 -17.15
C ASP B 272 -19.18 -25.56 -17.40
N PHE B 273 -18.02 -24.93 -17.32
CA PHE B 273 -16.74 -25.61 -17.48
C PHE B 273 -15.72 -24.95 -16.57
N ASP B 274 -14.56 -25.59 -16.46
CA ASP B 274 -13.49 -25.10 -15.60
C ASP B 274 -12.53 -24.27 -16.45
N ILE B 275 -12.70 -22.95 -16.41
CA ILE B 275 -11.81 -22.04 -17.13
C ILE B 275 -10.37 -22.20 -16.66
N LYS B 276 -10.18 -22.64 -15.42
CA LYS B 276 -8.85 -22.63 -14.83
C LYS B 276 -7.95 -23.72 -15.40
N SER B 277 -8.54 -24.83 -15.85
CA SER B 277 -7.75 -26.01 -16.18
C SER B 277 -7.92 -26.52 -17.60
N VAL B 278 -9.13 -26.54 -18.15
CA VAL B 278 -9.38 -27.31 -19.37
C VAL B 278 -8.67 -26.72 -20.58
N ASN B 279 -8.43 -25.41 -20.60
CA ASN B 279 -7.86 -24.73 -21.76
C ASN B 279 -8.75 -24.92 -22.99
N LYS B 280 -10.03 -24.64 -22.83
CA LYS B 280 -10.98 -24.45 -23.92
C LYS B 280 -11.33 -25.74 -24.66
N ASP B 281 -10.99 -26.89 -24.09
CA ASP B 281 -11.34 -28.14 -24.75
C ASP B 281 -12.82 -28.46 -24.56
N GLU B 282 -13.25 -28.64 -23.31
CA GLU B 282 -14.63 -29.04 -23.05
C GLU B 282 -15.61 -27.94 -23.45
N LEU B 283 -15.15 -26.70 -23.54
CA LEU B 283 -16.05 -25.60 -23.84
C LEU B 283 -16.59 -25.74 -25.26
N MET B 284 -15.95 -26.60 -26.05
CA MET B 284 -16.45 -26.91 -27.37
C MET B 284 -17.37 -28.13 -27.40
N ILE B 285 -17.03 -29.19 -26.65
CA ILE B 285 -17.89 -30.37 -26.66
C ILE B 285 -19.21 -30.07 -25.98
N SER B 286 -19.18 -29.25 -24.93
CA SER B 286 -20.42 -28.82 -24.29
C SER B 286 -21.30 -28.09 -25.28
N LEU B 287 -20.72 -27.21 -26.09
CA LEU B 287 -21.50 -26.47 -27.06
C LEU B 287 -22.03 -27.37 -28.16
N THR B 288 -21.25 -28.38 -28.57
CA THR B 288 -21.76 -29.33 -29.54
C THR B 288 -22.93 -30.12 -28.99
N GLU B 289 -22.83 -30.56 -27.74
CA GLU B 289 -23.95 -31.28 -27.13
C GLU B 289 -25.17 -30.37 -27.01
N PHE B 290 -24.95 -29.13 -26.59
CA PHE B 290 -26.03 -28.16 -26.49
C PHE B 290 -26.69 -27.95 -27.84
N SER B 291 -25.90 -27.90 -28.91
CA SER B 291 -26.46 -27.72 -30.24
C SER B 291 -27.22 -28.95 -30.69
N LYS B 292 -26.75 -30.14 -30.28
CA LYS B 292 -27.52 -31.35 -30.53
C LYS B 292 -28.90 -31.24 -29.89
N PHE B 293 -28.94 -30.84 -28.61
CA PHE B 293 -30.22 -30.71 -27.93
C PHE B 293 -31.11 -29.68 -28.61
N LEU B 294 -30.53 -28.55 -29.02
CA LEU B 294 -31.32 -27.53 -29.70
C LEU B 294 -31.85 -28.03 -31.03
N HIS B 295 -31.06 -28.78 -31.78
CA HIS B 295 -31.55 -29.28 -33.06
C HIS B 295 -32.63 -30.32 -32.85
N ASN B 296 -32.53 -31.08 -31.78
CA ASN B 296 -33.58 -32.06 -31.49
C ASN B 296 -34.87 -31.39 -31.07
N ILE B 297 -34.78 -30.25 -30.39
CA ILE B 297 -35.97 -29.64 -29.80
C ILE B 297 -36.58 -28.52 -30.63
N LEU B 298 -35.82 -27.92 -31.55
CA LEU B 298 -36.31 -26.71 -32.23
C LEU B 298 -37.47 -26.96 -33.16
N PRO B 299 -37.55 -28.06 -33.91
CA PRO B 299 -38.75 -28.26 -34.75
C PRO B 299 -40.03 -28.34 -33.94
N SER B 300 -39.95 -28.52 -32.62
CA SER B 300 -41.16 -28.68 -31.83
C SER B 300 -41.47 -27.43 -31.01
N ILE B 301 -40.45 -26.80 -30.43
CA ILE B 301 -40.64 -25.59 -29.63
C ILE B 301 -39.71 -24.51 -30.16
N SER B 302 -40.15 -23.26 -30.03
CA SER B 302 -39.23 -22.16 -30.18
C SER B 302 -38.44 -21.98 -28.88
N VAL B 303 -37.22 -21.48 -29.01
CA VAL B 303 -36.32 -21.38 -27.86
C VAL B 303 -35.70 -19.98 -27.84
N ASP B 304 -35.54 -19.44 -26.63
CA ASP B 304 -34.85 -18.18 -26.42
C ASP B 304 -33.72 -18.41 -25.43
N ILE B 305 -32.49 -18.39 -25.90
CA ILE B 305 -31.32 -18.61 -25.07
C ILE B 305 -30.85 -17.27 -24.54
N MET B 306 -30.56 -17.22 -23.25
CA MET B 306 -30.15 -16.00 -22.60
C MET B 306 -28.84 -16.24 -21.86
N PRO B 307 -27.81 -15.44 -22.11
CA PRO B 307 -26.48 -15.78 -21.56
C PRO B 307 -26.44 -15.55 -20.07
N GLY B 308 -25.76 -16.46 -19.36
CA GLY B 308 -25.55 -16.31 -17.94
C GLY B 308 -24.24 -15.65 -17.62
N THR B 309 -23.72 -15.96 -16.43
CA THR B 309 -22.41 -15.46 -16.05
C THR B 309 -21.31 -16.44 -16.46
N ASN B 310 -21.60 -17.74 -16.40
CA ASN B 310 -20.66 -18.76 -16.86
C ASN B 310 -21.05 -19.24 -18.25
N ASP B 311 -20.86 -18.37 -19.23
CA ASP B 311 -21.25 -18.67 -20.61
C ASP B 311 -20.36 -17.93 -21.57
N PRO B 312 -20.29 -18.34 -22.84
CA PRO B 312 -19.47 -17.60 -23.80
C PRO B 312 -20.05 -16.24 -24.13
N SER B 313 -20.00 -15.34 -23.16
CA SER B 313 -20.45 -13.97 -23.33
C SER B 313 -19.75 -13.09 -22.31
N ASP B 314 -19.93 -11.79 -22.44
CA ASP B 314 -19.17 -10.83 -21.65
C ASP B 314 -19.37 -11.06 -20.15
N LYS B 315 -18.45 -10.49 -19.37
CA LYS B 315 -18.63 -10.50 -17.93
C LYS B 315 -19.30 -9.23 -17.43
N SER B 316 -19.22 -8.14 -18.19
CA SER B 316 -19.99 -6.95 -17.88
C SER B 316 -21.47 -7.26 -17.96
N LEU B 317 -22.25 -6.73 -17.02
CA LEU B 317 -23.62 -7.18 -16.84
C LEU B 317 -24.51 -7.06 -18.08
N PRO B 318 -24.47 -5.98 -18.85
CA PRO B 318 -25.30 -5.96 -20.07
C PRO B 318 -24.80 -6.95 -21.13
N GLN B 319 -24.70 -8.22 -20.75
CA GLN B 319 -24.09 -9.22 -21.59
C GLN B 319 -24.82 -9.32 -22.92
N GLN B 320 -24.07 -9.19 -24.00
CA GLN B 320 -24.62 -9.27 -25.33
C GLN B 320 -24.90 -10.72 -25.69
N PRO B 321 -25.81 -10.96 -26.63
CA PRO B 321 -26.27 -12.33 -26.87
C PRO B 321 -25.16 -13.24 -27.36
N PHE B 322 -25.45 -14.54 -27.38
CA PHE B 322 -24.51 -15.51 -27.88
C PHE B 322 -24.22 -15.25 -29.35
N HIS B 323 -23.02 -15.63 -29.78
CA HIS B 323 -22.66 -15.45 -31.19
C HIS B 323 -23.09 -16.66 -32.00
N LYS B 324 -23.30 -16.43 -33.30
CA LYS B 324 -23.69 -17.53 -34.17
C LYS B 324 -22.54 -18.53 -34.33
N SER B 325 -21.32 -18.09 -34.07
CA SER B 325 -20.16 -18.96 -34.28
C SER B 325 -20.08 -20.06 -33.24
N LEU B 326 -20.64 -19.81 -32.05
CA LEU B 326 -20.52 -20.79 -30.98
C LEU B 326 -21.29 -22.06 -31.31
N PHE B 327 -22.29 -21.95 -32.17
CA PHE B 327 -23.21 -23.06 -32.39
C PHE B 327 -22.73 -23.94 -33.54
N ASP B 328 -23.12 -25.21 -33.46
CA ASP B 328 -22.79 -26.18 -34.48
C ASP B 328 -23.38 -25.78 -35.84
N LYS B 329 -22.80 -26.35 -36.90
CA LYS B 329 -23.31 -26.13 -38.25
C LYS B 329 -24.77 -26.56 -38.38
N SER B 330 -25.19 -27.57 -37.62
CA SER B 330 -26.55 -28.10 -37.77
C SER B 330 -27.60 -27.00 -37.68
N LEU B 331 -27.40 -26.04 -36.80
CA LEU B 331 -28.39 -25.01 -36.53
C LEU B 331 -28.31 -23.82 -37.48
N GLU B 332 -27.48 -23.90 -38.51
CA GLU B 332 -27.26 -22.74 -39.37
C GLU B 332 -28.54 -22.32 -40.07
N SER B 333 -29.41 -23.28 -40.37
CA SER B 333 -30.70 -22.94 -40.97
C SER B 333 -31.50 -22.04 -40.05
N TYR B 334 -31.39 -22.25 -38.74
CA TYR B 334 -32.10 -21.41 -37.77
C TYR B 334 -31.53 -20.01 -37.74
N PHE B 335 -30.20 -19.89 -37.81
CA PHE B 335 -29.55 -18.58 -37.72
C PHE B 335 -29.69 -17.78 -38.99
N ASN B 336 -30.32 -18.32 -40.02
CA ASN B 336 -30.63 -17.54 -41.21
C ASN B 336 -31.49 -16.35 -40.82
N GLY B 337 -31.48 -15.32 -41.66
CA GLY B 337 -32.30 -14.15 -41.38
C GLY B 337 -33.77 -14.50 -41.36
N SER B 338 -34.56 -13.61 -40.74
CA SER B 338 -36.01 -13.73 -40.68
C SER B 338 -36.45 -15.01 -39.98
N ASN B 339 -35.67 -15.48 -39.00
CA ASN B 339 -36.03 -16.63 -38.20
C ASN B 339 -35.85 -16.38 -36.71
N LYS B 340 -36.11 -15.14 -36.27
CA LYS B 340 -35.98 -14.84 -34.85
C LYS B 340 -37.11 -15.48 -34.06
N GLU B 341 -38.22 -15.79 -34.71
CA GLU B 341 -39.35 -16.40 -34.00
C GLU B 341 -39.01 -17.80 -33.53
N ILE B 342 -38.09 -18.48 -34.21
CA ILE B 342 -37.70 -19.82 -33.80
C ILE B 342 -36.66 -19.75 -32.68
N LEU B 343 -35.51 -19.17 -32.98
CA LEU B 343 -34.44 -18.98 -32.00
C LEU B 343 -34.26 -17.49 -31.79
N ASN B 344 -34.00 -17.09 -30.54
CA ASN B 344 -33.98 -15.67 -30.22
C ASN B 344 -32.59 -15.17 -29.82
N LEU B 345 -31.94 -15.77 -28.83
CA LEU B 345 -30.61 -15.33 -28.42
C LEU B 345 -30.61 -13.87 -27.96
N VAL B 346 -31.21 -13.58 -26.81
CA VAL B 346 -31.39 -12.21 -26.35
C VAL B 346 -30.31 -11.85 -25.34
N THR B 347 -30.17 -10.55 -25.09
CA THR B 347 -29.21 -10.02 -24.13
C THR B 347 -29.65 -10.37 -22.72
N ASN B 348 -28.72 -10.26 -21.76
CA ASN B 348 -28.93 -10.95 -20.50
C ASN B 348 -30.15 -10.45 -19.74
N PRO B 349 -30.20 -9.23 -19.19
CA PRO B 349 -31.48 -8.81 -18.63
C PRO B 349 -32.37 -8.30 -19.73
N TYR B 350 -33.35 -9.11 -20.16
CA TYR B 350 -34.13 -8.79 -21.34
C TYR B 350 -35.58 -8.54 -20.98
N GLU B 351 -36.21 -7.62 -21.72
CA GLU B 351 -37.61 -7.26 -21.50
C GLU B 351 -38.46 -7.87 -22.62
N PHE B 352 -38.83 -9.13 -22.42
CA PHE B 352 -39.69 -9.79 -23.40
C PHE B 352 -41.07 -9.14 -23.41
N SER B 353 -41.83 -9.43 -24.46
CA SER B 353 -43.24 -9.09 -24.51
C SER B 353 -43.97 -10.27 -25.17
N TYR B 354 -44.41 -11.21 -24.36
CA TYR B 354 -45.05 -12.43 -24.86
C TYR B 354 -46.56 -12.25 -24.79
N ASN B 355 -47.18 -12.05 -25.96
CA ASN B 355 -48.62 -11.81 -26.04
C ASN B 355 -49.04 -10.68 -25.11
N GLY B 356 -48.20 -9.65 -25.00
CA GLY B 356 -48.52 -8.49 -24.20
C GLY B 356 -48.04 -8.52 -22.77
N VAL B 357 -47.73 -9.69 -22.22
CA VAL B 357 -47.31 -9.80 -20.83
C VAL B 357 -45.83 -9.46 -20.77
N ASP B 358 -45.52 -8.21 -20.47
CA ASP B 358 -44.13 -7.78 -20.35
C ASP B 358 -43.44 -8.53 -19.23
N VAL B 359 -42.53 -9.42 -19.59
CA VAL B 359 -41.75 -10.18 -18.63
C VAL B 359 -40.29 -9.77 -18.73
N LEU B 360 -39.73 -9.33 -17.60
CA LEU B 360 -38.34 -8.94 -17.50
C LEU B 360 -37.57 -10.06 -16.84
N ALA B 361 -36.51 -10.51 -17.49
CA ALA B 361 -35.74 -11.65 -17.01
C ALA B 361 -34.30 -11.23 -16.78
N VAL B 362 -33.69 -11.83 -15.77
CA VAL B 362 -32.26 -11.65 -15.49
C VAL B 362 -31.63 -13.02 -15.36
N SER B 363 -30.33 -13.08 -15.52
CA SER B 363 -29.59 -14.32 -15.27
C SER B 363 -29.46 -14.63 -13.79
N GLY B 364 -29.79 -13.70 -12.91
CA GLY B 364 -29.76 -13.93 -11.50
C GLY B 364 -28.48 -13.54 -10.80
N LYS B 365 -27.63 -12.73 -11.42
CA LYS B 365 -26.40 -12.32 -10.75
C LYS B 365 -26.67 -11.15 -9.80
N ASN B 366 -27.56 -10.24 -10.18
CA ASN B 366 -27.79 -9.06 -9.36
C ASN B 366 -28.28 -9.45 -7.97
N ILE B 367 -29.28 -10.32 -7.89
CA ILE B 367 -29.80 -10.72 -6.59
C ILE B 367 -28.76 -11.51 -5.81
N ASN B 368 -27.95 -12.30 -6.53
CA ASN B 368 -26.88 -13.02 -5.86
C ASN B 368 -25.92 -12.05 -5.18
N ASP B 369 -25.60 -10.96 -5.84
CA ASP B 369 -24.65 -10.04 -5.25
C ASP B 369 -25.28 -9.22 -4.13
N ILE B 370 -26.57 -8.87 -4.28
CA ILE B 370 -27.27 -8.21 -3.19
C ILE B 370 -27.25 -9.08 -1.95
N CYS B 371 -27.51 -10.38 -2.11
CA CYS B 371 -27.48 -11.25 -0.94
C CYS B 371 -26.07 -11.36 -0.40
N LYS B 372 -25.06 -11.36 -1.28
CA LYS B 372 -23.68 -11.28 -0.81
C LYS B 372 -23.50 -10.10 0.13
N TYR B 373 -24.16 -8.99 -0.18
CA TYR B 373 -24.12 -7.85 0.74
C TYR B 373 -24.79 -8.19 2.07
N VAL B 374 -26.05 -8.62 2.02
CA VAL B 374 -26.82 -8.71 3.25
C VAL B 374 -26.49 -9.97 4.02
N ILE B 375 -26.40 -11.11 3.35
CA ILE B 375 -26.21 -12.38 4.05
C ILE B 375 -24.83 -12.40 4.69
N PRO B 376 -24.65 -13.01 5.85
CA PRO B 376 -23.30 -13.14 6.41
C PRO B 376 -22.54 -14.30 5.80
N SER B 377 -21.24 -14.32 6.07
CA SER B 377 -20.35 -15.38 5.61
C SER B 377 -20.28 -16.45 6.70
N ASN B 378 -19.33 -17.39 6.67
CA ASN B 378 -19.11 -18.32 7.77
C ASN B 378 -18.86 -17.51 9.04
N ASP B 379 -19.79 -17.60 9.99
CA ASP B 379 -19.65 -16.84 11.23
C ASP B 379 -18.40 -17.26 11.99
N ASN B 380 -18.04 -18.54 11.90
CA ASN B 380 -16.85 -19.04 12.58
C ASN B 380 -16.34 -20.32 11.91
N GLU B 389 -27.36 -15.86 18.51
CA GLU B 389 -26.57 -15.91 17.29
C GLU B 389 -27.48 -15.91 16.07
N GLY B 390 -28.72 -16.36 16.25
CA GLY B 390 -29.69 -16.43 15.18
C GLY B 390 -30.70 -15.30 15.31
N GLU B 391 -30.77 -14.47 14.28
CA GLU B 391 -31.65 -13.31 14.27
C GLU B 391 -32.90 -13.64 13.47
N SER B 392 -34.05 -13.15 13.95
CA SER B 392 -35.29 -13.34 13.23
C SER B 392 -35.66 -12.09 12.43
N ASN B 393 -35.41 -10.91 13.01
CA ASN B 393 -35.65 -9.67 12.28
C ASN B 393 -34.69 -9.51 11.12
N ASP B 394 -33.51 -10.15 11.23
CA ASP B 394 -32.47 -10.06 10.22
C ASP B 394 -31.84 -11.43 10.05
N PHE B 395 -30.65 -11.49 9.46
CA PHE B 395 -29.96 -12.75 9.19
C PHE B 395 -30.76 -13.57 8.18
N LYS B 396 -30.94 -12.99 7.00
CA LYS B 396 -31.55 -13.69 5.88
C LYS B 396 -30.82 -15.00 5.62
N ASP B 397 -31.51 -16.12 5.86
CA ASP B 397 -30.77 -17.37 5.71
C ASP B 397 -30.71 -17.81 4.26
N ASP B 398 -31.79 -18.40 3.74
CA ASP B 398 -32.23 -18.27 2.35
C ASP B 398 -33.59 -18.96 2.21
N ILE B 399 -34.69 -18.23 2.37
CA ILE B 399 -35.96 -18.86 2.01
C ILE B 399 -36.88 -17.91 1.25
N GLU B 400 -37.28 -16.84 1.93
CA GLU B 400 -38.12 -15.79 1.39
C GLU B 400 -37.37 -14.49 1.26
N HIS B 401 -36.25 -14.36 1.96
CA HIS B 401 -35.48 -13.13 1.94
C HIS B 401 -35.02 -12.80 0.53
N ARG B 402 -34.83 -13.81 -0.32
CA ARG B 402 -34.47 -13.52 -1.70
C ARG B 402 -35.64 -12.90 -2.44
N LEU B 403 -36.85 -13.36 -2.17
CA LEU B 403 -38.01 -12.71 -2.75
C LEU B 403 -38.21 -11.31 -2.18
N ASP B 404 -37.82 -11.10 -0.92
CA ASP B 404 -37.86 -9.74 -0.39
C ASP B 404 -36.82 -8.86 -1.06
N LEU B 405 -35.66 -9.42 -1.39
CA LEU B 405 -34.65 -8.65 -2.10
C LEU B 405 -35.15 -8.28 -3.49
N MET B 406 -35.85 -9.20 -4.15
CA MET B 406 -36.42 -8.85 -5.44
C MET B 406 -37.55 -7.83 -5.29
N GLU B 407 -38.30 -7.90 -4.20
CA GLU B 407 -39.29 -6.87 -3.93
C GLU B 407 -38.64 -5.51 -3.81
N CYS B 408 -37.57 -5.42 -3.02
CA CYS B 408 -36.84 -4.16 -2.92
C CYS B 408 -36.33 -3.71 -4.28
N THR B 409 -35.77 -4.64 -5.05
CA THR B 409 -35.23 -4.29 -6.35
C THR B 409 -36.32 -3.87 -7.32
N MET B 410 -37.57 -4.18 -7.01
CA MET B 410 -38.69 -3.58 -7.74
C MET B 410 -39.20 -2.31 -7.09
N LYS B 411 -38.84 -2.04 -5.85
CA LYS B 411 -39.12 -0.75 -5.20
C LYS B 411 -38.04 0.25 -5.63
N TRP B 412 -36.80 -0.03 -5.25
CA TRP B 412 -35.66 0.63 -5.83
C TRP B 412 -35.72 0.45 -7.33
N GLN B 413 -36.02 1.51 -8.06
CA GLN B 413 -36.43 1.34 -9.44
C GLN B 413 -35.40 0.58 -10.28
N ASN B 414 -34.12 0.59 -9.91
CA ASN B 414 -33.14 -0.09 -10.73
C ASN B 414 -33.03 -1.56 -10.36
N ILE B 415 -32.73 -2.40 -11.35
CA ILE B 415 -32.74 -3.85 -11.18
C ILE B 415 -31.35 -4.40 -10.90
N ALA B 416 -30.35 -3.55 -10.75
CA ALA B 416 -28.99 -3.98 -10.39
C ALA B 416 -28.38 -2.88 -9.56
N PRO B 417 -28.77 -2.76 -8.29
CA PRO B 417 -28.37 -1.60 -7.50
C PRO B 417 -26.87 -1.41 -7.43
N THR B 418 -26.15 -2.45 -7.01
CA THR B 418 -24.71 -2.38 -6.84
C THR B 418 -24.02 -2.64 -8.17
N ALA B 419 -24.45 -1.94 -9.20
CA ALA B 419 -23.95 -2.31 -10.51
C ALA B 419 -22.46 -1.98 -10.66
N PRO B 420 -22.04 -0.72 -10.70
CA PRO B 420 -20.62 -0.49 -10.99
C PRO B 420 -19.72 -0.93 -9.87
N ASP B 421 -20.24 -1.06 -8.66
CA ASP B 421 -19.38 -1.22 -7.50
C ASP B 421 -19.00 -2.67 -7.26
N THR B 422 -19.90 -3.61 -7.53
CA THR B 422 -19.60 -5.00 -7.23
C THR B 422 -19.95 -6.00 -8.31
N LEU B 423 -20.84 -5.68 -9.24
CA LEU B 423 -21.10 -6.55 -10.39
C LEU B 423 -20.92 -5.73 -11.66
N TRP B 424 -19.75 -5.86 -12.26
CA TRP B 424 -19.17 -4.83 -13.08
C TRP B 424 -20.02 -4.57 -14.32
N CYS B 425 -19.88 -3.37 -14.87
CA CYS B 425 -20.71 -2.92 -15.97
C CYS B 425 -19.88 -2.15 -16.98
N TYR B 426 -20.47 -1.96 -18.15
CA TYR B 426 -19.90 -1.01 -19.09
C TYR B 426 -20.13 0.40 -18.58
N PRO B 427 -19.09 1.23 -18.48
CA PRO B 427 -19.26 2.56 -17.87
C PRO B 427 -20.10 3.47 -18.74
N TYR B 428 -21.42 3.34 -18.62
CA TYR B 428 -22.36 4.10 -19.42
C TYR B 428 -22.17 5.60 -19.22
N THR B 429 -22.60 6.37 -20.22
CA THR B 429 -22.57 7.83 -20.17
C THR B 429 -23.90 8.36 -20.66
N ASP B 430 -24.58 9.13 -19.81
CA ASP B 430 -25.83 9.88 -20.00
C ASP B 430 -27.07 9.00 -19.93
N LYS B 431 -26.92 7.69 -19.76
CA LYS B 431 -28.06 6.79 -19.70
C LYS B 431 -27.65 5.56 -18.93
N ASP B 432 -28.56 5.03 -18.13
CA ASP B 432 -28.33 3.76 -17.45
C ASP B 432 -29.52 2.86 -17.72
N PRO B 433 -29.36 1.71 -18.35
CA PRO B 433 -30.53 0.87 -18.64
C PRO B 433 -31.12 0.23 -17.40
N PHE B 434 -30.34 0.10 -16.33
CA PHE B 434 -30.80 -0.66 -15.17
C PHE B 434 -31.94 0.05 -14.46
N VAL B 435 -31.89 1.38 -14.37
CA VAL B 435 -32.99 2.09 -13.74
C VAL B 435 -34.24 1.90 -14.58
N LEU B 436 -35.33 1.51 -13.94
CA LEU B 436 -36.52 1.14 -14.67
C LEU B 436 -37.27 2.37 -15.15
N ASP B 437 -38.00 2.22 -16.25
CA ASP B 437 -38.90 3.25 -16.75
C ASP B 437 -40.36 2.86 -16.62
N LYS B 438 -40.66 1.57 -16.66
CA LYS B 438 -42.00 1.06 -16.44
C LYS B 438 -41.89 -0.32 -15.84
N TRP B 439 -42.77 -0.64 -14.91
CA TRP B 439 -42.71 -1.95 -14.28
C TRP B 439 -43.23 -3.03 -15.23
N PRO B 440 -42.62 -4.19 -15.21
CA PRO B 440 -43.15 -5.31 -15.98
C PRO B 440 -44.08 -6.17 -15.15
N HIS B 441 -45.05 -6.85 -15.79
CA HIS B 441 -45.97 -7.67 -15.03
C HIS B 441 -45.25 -8.84 -14.36
N VAL B 442 -44.24 -9.38 -15.01
CA VAL B 442 -43.48 -10.50 -14.48
C VAL B 442 -42.02 -10.08 -14.38
N TYR B 443 -41.34 -10.60 -13.37
CA TYR B 443 -39.94 -10.29 -13.13
C TYR B 443 -39.22 -11.59 -12.77
N ILE B 444 -38.67 -12.26 -13.78
CA ILE B 444 -38.04 -13.55 -13.56
C ILE B 444 -36.57 -13.35 -13.30
N VAL B 445 -36.10 -13.84 -12.16
CA VAL B 445 -34.68 -13.88 -11.85
C VAL B 445 -34.26 -15.34 -11.90
N ALA B 446 -33.05 -15.58 -12.40
CA ALA B 446 -32.63 -16.94 -12.72
C ALA B 446 -31.58 -17.41 -11.74
N ASN B 447 -31.22 -18.68 -11.88
CA ASN B 447 -30.13 -19.34 -11.15
C ASN B 447 -30.25 -19.15 -9.64
N GLN B 448 -31.45 -18.95 -9.12
CA GLN B 448 -31.61 -18.88 -7.68
C GLN B 448 -31.60 -20.28 -7.09
N PRO B 449 -31.07 -20.43 -5.88
CA PRO B 449 -31.01 -21.79 -5.29
C PRO B 449 -32.37 -22.37 -4.98
N TYR B 450 -33.38 -21.53 -4.76
CA TYR B 450 -34.68 -21.98 -4.31
C TYR B 450 -35.76 -21.39 -5.20
N PHE B 451 -36.82 -22.16 -5.44
CA PHE B 451 -37.94 -21.71 -6.25
C PHE B 451 -38.96 -21.02 -5.36
N GLY B 452 -39.42 -19.86 -5.80
CA GLY B 452 -40.41 -19.12 -5.05
C GLY B 452 -41.09 -18.11 -5.94
N THR B 453 -42.26 -17.67 -5.50
CA THR B 453 -43.01 -16.66 -6.22
C THR B 453 -43.83 -15.83 -5.26
N ARG B 454 -43.96 -14.54 -5.56
CA ARG B 454 -44.81 -13.64 -4.79
C ARG B 454 -45.44 -12.64 -5.73
N VAL B 455 -46.74 -12.44 -5.60
CA VAL B 455 -47.44 -11.45 -6.40
C VAL B 455 -47.35 -10.13 -5.66
N VAL B 456 -46.23 -9.43 -5.83
CA VAL B 456 -46.03 -8.21 -5.06
C VAL B 456 -46.82 -7.09 -5.70
N GLU B 457 -47.25 -6.15 -4.89
CA GLU B 457 -48.01 -4.99 -5.34
C GLU B 457 -47.52 -3.78 -4.58
N ILE B 458 -47.07 -2.76 -5.29
CA ILE B 458 -46.52 -1.55 -4.70
C ILE B 458 -46.99 -0.36 -5.53
N GLY B 459 -47.56 0.63 -4.86
CA GLY B 459 -48.04 1.81 -5.52
C GLY B 459 -49.25 1.61 -6.40
N GLY B 460 -50.15 0.70 -6.03
CA GLY B 460 -51.32 0.43 -6.85
C GLY B 460 -51.07 -0.48 -8.03
N LYS B 461 -49.81 -0.72 -8.40
CA LYS B 461 -49.46 -1.63 -9.47
C LYS B 461 -48.90 -2.91 -8.87
N ASN B 462 -49.29 -4.04 -9.45
CA ASN B 462 -48.83 -5.34 -8.99
C ASN B 462 -48.03 -6.04 -10.07
N ILE B 463 -46.98 -6.73 -9.65
CA ILE B 463 -46.17 -7.53 -10.56
C ILE B 463 -46.03 -8.92 -9.95
N LYS B 464 -45.55 -9.86 -10.76
CA LYS B 464 -45.38 -11.24 -10.34
C LYS B 464 -43.90 -11.59 -10.36
N ILE B 465 -43.35 -11.89 -9.20
CA ILE B 465 -41.92 -12.18 -9.08
C ILE B 465 -41.70 -13.68 -9.07
N ILE B 466 -41.31 -14.23 -10.21
CA ILE B 466 -40.94 -15.64 -10.25
C ILE B 466 -39.42 -15.75 -10.09
N SER B 467 -39.00 -16.78 -9.36
CA SER B 467 -37.58 -17.01 -9.09
C SER B 467 -37.25 -18.41 -9.56
N VAL B 468 -36.87 -18.56 -10.82
CA VAL B 468 -36.61 -19.89 -11.36
C VAL B 468 -35.38 -20.48 -10.69
N PRO B 469 -35.38 -21.77 -10.36
CA PRO B 469 -34.21 -22.36 -9.73
C PRO B 469 -33.25 -22.91 -10.76
N GLU B 470 -32.11 -23.39 -10.28
CA GLU B 470 -31.16 -24.03 -11.17
C GLU B 470 -31.68 -25.39 -11.61
N PHE B 471 -31.40 -25.74 -12.86
CA PHE B 471 -31.79 -27.03 -13.41
C PHE B 471 -30.73 -28.10 -13.16
N SER B 472 -29.61 -27.74 -12.56
CA SER B 472 -28.56 -28.71 -12.28
C SER B 472 -28.74 -29.32 -10.90
N SER B 473 -28.72 -28.49 -9.85
CA SER B 473 -28.90 -29.00 -8.50
C SER B 473 -30.31 -29.55 -8.31
N THR B 474 -31.30 -28.83 -8.81
CA THR B 474 -32.68 -29.27 -8.80
C THR B 474 -33.08 -29.73 -10.20
N GLY B 475 -34.36 -30.07 -10.35
CA GLY B 475 -34.88 -30.45 -11.63
C GLY B 475 -36.07 -29.64 -12.09
N MET B 476 -36.41 -28.56 -11.42
CA MET B 476 -37.65 -27.86 -11.73
C MET B 476 -37.53 -27.04 -13.00
N ILE B 477 -38.58 -27.05 -13.80
CA ILE B 477 -38.77 -26.11 -14.89
C ILE B 477 -40.15 -25.51 -14.66
N ILE B 478 -40.22 -24.18 -14.62
CA ILE B 478 -41.49 -23.54 -14.32
C ILE B 478 -42.30 -23.36 -15.58
N LEU B 479 -43.61 -23.57 -15.47
CA LEU B 479 -44.54 -23.29 -16.55
C LEU B 479 -45.39 -22.10 -16.14
N LEU B 480 -45.14 -20.95 -16.75
CA LEU B 480 -45.82 -19.71 -16.40
C LEU B 480 -46.99 -19.51 -17.33
N ASP B 481 -48.19 -19.43 -16.78
CA ASP B 481 -49.36 -19.14 -17.58
C ASP B 481 -49.40 -17.66 -17.94
N LEU B 482 -49.75 -17.36 -19.19
CA LEU B 482 -49.77 -15.98 -19.67
C LEU B 482 -51.17 -15.39 -19.69
N GLU B 483 -52.12 -16.00 -18.99
CA GLU B 483 -53.45 -15.41 -18.85
C GLU B 483 -53.92 -15.35 -17.40
N THR B 484 -53.40 -16.21 -16.53
CA THR B 484 -53.62 -16.07 -15.09
C THR B 484 -52.36 -15.72 -14.33
N LEU B 485 -51.19 -15.83 -14.96
CA LEU B 485 -49.92 -15.50 -14.33
C LEU B 485 -49.73 -16.27 -13.02
N GLU B 486 -50.24 -17.49 -12.99
CA GLU B 486 -50.09 -18.37 -11.84
C GLU B 486 -49.16 -19.50 -12.25
N ALA B 487 -47.87 -19.27 -12.12
CA ALA B 487 -46.90 -20.24 -12.58
C ALA B 487 -46.95 -21.50 -11.72
N GLU B 488 -46.71 -22.63 -12.38
CA GLU B 488 -46.62 -23.91 -11.70
C GLU B 488 -45.29 -24.56 -12.04
N THR B 489 -44.84 -25.44 -11.16
CA THR B 489 -43.56 -26.09 -11.30
C THR B 489 -43.78 -27.53 -11.74
N VAL B 490 -42.78 -28.11 -12.39
CA VAL B 490 -42.73 -29.53 -12.70
C VAL B 490 -41.31 -30.02 -12.51
N LYS B 491 -41.13 -31.00 -11.62
CA LYS B 491 -39.82 -31.45 -11.20
C LYS B 491 -39.39 -32.65 -12.04
N ILE B 492 -38.16 -32.59 -12.54
CA ILE B 492 -37.60 -33.67 -13.34
C ILE B 492 -36.50 -34.34 -12.54
N ASP B 493 -36.50 -35.66 -12.50
CA ASP B 493 -35.45 -36.42 -11.83
C ASP B 493 -35.12 -37.65 -12.66
N SER C 6 -41.79 -54.59 -37.65
CA SER C 6 -42.58 -55.06 -36.52
C SER C 6 -41.79 -54.91 -35.23
N TYR C 7 -41.17 -56.00 -34.78
CA TYR C 7 -40.33 -56.02 -33.61
C TYR C 7 -39.04 -56.74 -34.03
N PHE C 8 -38.10 -55.99 -34.60
CA PHE C 8 -36.89 -56.57 -35.15
C PHE C 8 -35.89 -56.72 -34.01
N ILE C 9 -36.26 -57.54 -33.03
CA ILE C 9 -35.49 -57.53 -31.79
C ILE C 9 -34.34 -58.51 -31.88
N ASN C 10 -33.33 -58.15 -32.68
CA ASN C 10 -31.94 -58.51 -32.40
C ASN C 10 -31.14 -57.22 -32.41
N GLU C 11 -31.25 -56.48 -33.51
CA GLU C 11 -30.51 -55.24 -33.65
C GLU C 11 -31.27 -54.09 -33.00
N LYS C 12 -32.48 -54.35 -32.53
CA LYS C 12 -33.22 -53.33 -31.79
C LYS C 12 -32.93 -53.38 -30.30
N LEU C 13 -32.59 -54.54 -29.76
CA LEU C 13 -32.24 -54.61 -28.34
C LEU C 13 -30.84 -55.17 -28.07
N PHE C 14 -30.54 -56.36 -28.59
CA PHE C 14 -29.39 -57.11 -28.10
C PHE C 14 -28.11 -56.65 -28.77
N THR C 15 -28.00 -56.85 -30.08
CA THR C 15 -26.90 -56.32 -30.86
C THR C 15 -27.05 -54.81 -31.06
N GLU C 16 -28.03 -54.20 -30.39
CA GLU C 16 -28.22 -52.77 -30.44
C GLU C 16 -27.28 -52.06 -29.48
N VAL C 17 -26.12 -52.68 -29.21
CA VAL C 17 -25.34 -52.54 -27.98
C VAL C 17 -25.36 -51.15 -27.35
N LYS C 18 -25.54 -50.10 -28.13
CA LYS C 18 -25.77 -48.80 -27.51
C LYS C 18 -27.14 -48.79 -26.83
N PRO C 19 -27.25 -48.23 -25.62
CA PRO C 19 -28.53 -48.27 -24.92
C PRO C 19 -29.65 -47.71 -25.78
N VAL C 20 -30.74 -48.47 -25.85
CA VAL C 20 -31.81 -48.21 -26.81
C VAL C 20 -32.88 -47.37 -26.14
N LEU C 21 -33.04 -46.14 -26.62
CA LEU C 21 -34.05 -45.24 -26.09
C LEU C 21 -35.41 -45.55 -26.70
N PHE C 22 -36.46 -45.24 -25.95
CA PHE C 22 -37.80 -45.47 -26.46
C PHE C 22 -38.17 -44.48 -27.55
N THR C 23 -37.37 -43.42 -27.72
CA THR C 23 -37.61 -42.50 -28.82
C THR C 23 -36.99 -42.99 -30.11
N ASP C 24 -35.96 -43.84 -30.01
CA ASP C 24 -35.41 -44.46 -31.21
C ASP C 24 -36.47 -45.28 -31.93
N LEU C 25 -37.40 -45.88 -31.18
CA LEU C 25 -38.50 -46.57 -31.81
C LEU C 25 -39.33 -45.61 -32.67
N ILE C 26 -39.64 -44.44 -32.12
CA ILE C 26 -40.40 -43.44 -32.87
C ILE C 26 -39.63 -43.04 -34.12
N HIS C 27 -38.32 -42.87 -33.99
CA HIS C 27 -37.56 -42.32 -35.09
C HIS C 27 -37.30 -43.36 -36.18
N HIS C 28 -37.27 -44.64 -35.81
CA HIS C 28 -36.96 -45.69 -36.76
C HIS C 28 -38.22 -46.35 -37.32
N LEU C 29 -39.03 -46.94 -36.44
CA LEU C 29 -40.20 -47.69 -36.90
C LEU C 29 -41.36 -46.77 -37.23
N LYS C 30 -41.16 -45.46 -37.05
CA LYS C 30 -42.17 -44.42 -37.29
C LYS C 30 -43.35 -44.57 -36.33
N ILE C 31 -43.21 -45.42 -35.31
CA ILE C 31 -44.31 -45.68 -34.39
C ILE C 31 -44.53 -44.44 -33.53
N GLY C 32 -45.69 -44.36 -32.90
CA GLY C 32 -45.99 -43.30 -31.98
C GLY C 32 -45.51 -43.58 -30.58
N PRO C 33 -45.34 -42.52 -29.78
CA PRO C 33 -44.96 -42.71 -28.38
C PRO C 33 -45.95 -43.55 -27.61
N SER C 34 -47.25 -43.25 -27.74
CA SER C 34 -48.29 -43.98 -27.01
C SER C 34 -48.44 -45.40 -27.55
N MET C 35 -47.54 -45.75 -28.47
CA MET C 35 -47.46 -47.12 -28.98
C MET C 35 -46.07 -47.67 -28.78
N ALA C 36 -45.05 -46.83 -28.83
CA ALA C 36 -43.68 -47.30 -28.63
C ALA C 36 -43.48 -47.79 -27.20
N LYS C 37 -44.07 -47.10 -26.23
CA LYS C 37 -44.06 -47.60 -24.87
C LYS C 37 -44.72 -48.97 -24.80
N LYS C 38 -45.80 -49.18 -25.54
CA LYS C 38 -46.48 -50.46 -25.52
C LYS C 38 -45.61 -51.55 -26.15
N LEU C 39 -44.89 -51.21 -27.22
CA LEU C 39 -43.99 -52.18 -27.83
C LEU C 39 -42.89 -52.59 -26.86
N MET C 40 -42.21 -51.61 -26.26
CA MET C 40 -41.22 -51.92 -25.23
C MET C 40 -41.85 -52.74 -24.11
N PHE C 41 -43.10 -52.45 -23.77
CA PHE C 41 -43.78 -53.15 -22.70
C PHE C 41 -43.91 -54.62 -23.00
N ASP C 42 -44.60 -54.95 -24.10
CA ASP C 42 -44.78 -56.35 -24.46
C ASP C 42 -43.43 -57.02 -24.67
N TYR C 43 -42.44 -56.27 -25.18
CA TYR C 43 -41.12 -56.86 -25.36
C TYR C 43 -40.56 -57.36 -24.04
N TYR C 44 -40.42 -56.48 -23.05
CA TYR C 44 -39.81 -56.94 -21.81
C TYR C 44 -40.73 -57.91 -21.08
N LYS C 45 -42.02 -57.90 -21.42
CA LYS C 45 -42.93 -58.83 -20.78
C LYS C 45 -42.67 -60.26 -21.26
N GLN C 46 -42.60 -60.47 -22.57
CA GLN C 46 -42.48 -61.82 -23.10
C GLN C 46 -41.24 -62.05 -23.93
N THR C 47 -40.91 -61.15 -24.86
CA THR C 47 -39.88 -61.41 -25.84
C THR C 47 -38.50 -61.63 -25.22
N THR C 48 -38.25 -61.07 -24.04
CA THR C 48 -36.91 -61.10 -23.46
C THR C 48 -36.44 -62.53 -23.20
N ASN C 49 -35.17 -62.78 -23.47
CA ASN C 49 -34.55 -64.06 -23.22
C ASN C 49 -33.21 -63.93 -22.50
N ALA C 50 -32.55 -62.78 -22.60
CA ALA C 50 -31.23 -62.58 -22.00
C ALA C 50 -31.31 -61.48 -20.95
N LYS C 51 -30.20 -61.28 -20.28
CA LYS C 51 -30.11 -60.21 -19.28
C LYS C 51 -30.28 -58.85 -19.94
N TYR C 52 -31.12 -58.02 -19.35
CA TYR C 52 -31.42 -56.69 -19.89
C TYR C 52 -31.85 -55.81 -18.73
N ASN C 53 -31.24 -54.63 -18.61
CA ASN C 53 -31.61 -53.72 -17.54
C ASN C 53 -32.79 -52.86 -17.94
N CYS C 54 -33.71 -52.67 -17.00
CA CYS C 54 -34.92 -51.89 -17.23
C CYS C 54 -34.78 -50.53 -16.57
N VAL C 55 -35.19 -49.50 -17.28
CA VAL C 55 -35.24 -48.15 -16.75
C VAL C 55 -36.61 -47.59 -17.10
N VAL C 56 -37.34 -47.13 -16.09
CA VAL C 56 -38.74 -46.76 -16.26
C VAL C 56 -38.92 -45.34 -15.73
N ILE C 57 -39.60 -44.50 -16.50
CA ILE C 57 -39.94 -43.17 -16.04
C ILE C 57 -41.25 -43.23 -15.25
N CYS C 58 -41.44 -42.26 -14.37
CA CYS C 58 -42.63 -42.19 -13.54
C CYS C 58 -43.08 -40.74 -13.47
N CYS C 59 -44.30 -40.48 -13.93
CA CYS C 59 -44.89 -39.15 -13.92
C CYS C 59 -46.05 -39.15 -12.95
N TYR C 60 -46.11 -38.14 -12.09
CA TYR C 60 -47.12 -38.13 -11.03
C TYR C 60 -48.16 -37.05 -11.30
N LYS C 61 -49.15 -36.98 -10.42
CA LYS C 61 -50.17 -35.93 -10.52
C LYS C 61 -49.55 -34.55 -10.44
N ASP C 62 -48.56 -34.37 -9.57
CA ASP C 62 -47.89 -33.08 -9.48
C ASP C 62 -46.85 -32.91 -10.58
N GLN C 63 -46.82 -33.83 -11.55
CA GLN C 63 -46.02 -33.81 -12.77
C GLN C 63 -44.56 -34.18 -12.53
N THR C 64 -44.19 -34.67 -11.35
CA THR C 64 -42.81 -35.07 -11.10
C THR C 64 -42.41 -36.19 -12.06
N ILE C 65 -41.26 -36.04 -12.71
CA ILE C 65 -40.72 -37.03 -13.62
C ILE C 65 -39.44 -37.57 -13.00
N LYS C 66 -39.50 -38.79 -12.48
CA LYS C 66 -38.32 -39.42 -11.89
C LYS C 66 -38.19 -40.84 -12.41
N ILE C 67 -36.95 -41.31 -12.51
CA ILE C 67 -36.67 -42.56 -13.21
C ILE C 67 -36.00 -43.61 -12.34
N ILE C 68 -35.23 -43.21 -11.32
CA ILE C 68 -34.46 -44.14 -10.52
C ILE C 68 -35.40 -45.16 -9.89
N HIS C 69 -36.58 -44.71 -9.45
CA HIS C 69 -37.76 -45.54 -9.16
C HIS C 69 -37.45 -46.48 -8.01
N ASP C 70 -36.22 -46.59 -7.54
CA ASP C 70 -35.74 -47.25 -6.30
C ASP C 70 -36.11 -48.73 -6.25
N LEU C 71 -36.82 -49.26 -7.24
CA LEU C 71 -37.15 -50.68 -7.35
C LEU C 71 -38.03 -51.15 -6.18
N SER C 72 -38.31 -50.30 -5.20
CA SER C 72 -39.18 -50.74 -4.12
C SER C 72 -40.50 -50.00 -4.02
N ASN C 73 -40.52 -48.71 -3.67
CA ASN C 73 -41.65 -47.81 -3.92
C ASN C 73 -41.41 -46.41 -3.36
N ILE C 74 -42.26 -45.48 -3.75
CA ILE C 74 -42.46 -44.17 -3.14
C ILE C 74 -43.98 -43.97 -3.27
N PRO C 75 -44.61 -42.78 -2.93
CA PRO C 75 -46.05 -42.80 -2.59
C PRO C 75 -46.99 -43.28 -3.70
N GLN C 76 -46.47 -44.09 -4.61
CA GLN C 76 -47.20 -44.72 -5.70
C GLN C 76 -48.59 -45.21 -5.29
N GLN C 77 -48.79 -45.55 -4.03
CA GLN C 77 -50.09 -46.00 -3.53
C GLN C 77 -51.20 -45.05 -3.98
N ASP C 78 -50.83 -43.84 -4.40
CA ASP C 78 -51.68 -43.00 -5.21
C ASP C 78 -50.81 -42.12 -6.10
N SER C 79 -51.43 -41.15 -6.78
CA SER C 79 -50.75 -40.03 -7.41
C SER C 79 -50.00 -40.39 -8.69
N ILE C 80 -50.01 -41.65 -9.11
CA ILE C 80 -49.29 -42.00 -10.33
C ILE C 80 -50.22 -41.96 -11.53
N ILE C 81 -49.97 -41.05 -12.46
CA ILE C 81 -50.80 -40.98 -13.66
C ILE C 81 -50.37 -42.04 -14.67
N ASP C 82 -49.13 -41.96 -15.15
CA ASP C 82 -48.61 -42.93 -16.10
C ASP C 82 -47.24 -43.39 -15.64
N CYS C 83 -46.84 -44.58 -16.10
CA CYS C 83 -45.53 -45.12 -15.81
C CYS C 83 -45.02 -45.84 -17.07
N PHE C 84 -44.30 -45.11 -17.90
CA PHE C 84 -43.84 -45.64 -19.17
C PHE C 84 -42.45 -46.24 -19.06
N ILE C 85 -42.27 -47.41 -19.68
CA ILE C 85 -40.96 -48.06 -19.70
C ILE C 85 -40.03 -47.27 -20.59
N TYR C 86 -39.01 -46.66 -19.99
CA TYR C 86 -38.03 -45.87 -20.71
C TYR C 86 -36.99 -46.81 -21.32
N ALA C 87 -35.86 -46.24 -21.73
CA ALA C 87 -34.83 -46.98 -22.44
C ALA C 87 -34.39 -48.23 -21.66
N PHE C 88 -33.97 -49.24 -22.41
CA PHE C 88 -33.30 -50.40 -21.84
C PHE C 88 -31.79 -50.26 -22.02
N ASN C 89 -31.04 -50.85 -21.09
CA ASN C 89 -29.59 -50.82 -21.13
C ASN C 89 -29.09 -52.18 -20.64
N PRO C 90 -29.22 -53.23 -21.47
CA PRO C 90 -28.64 -54.53 -21.07
C PRO C 90 -27.14 -54.47 -20.89
N MET C 91 -26.48 -53.47 -21.48
CA MET C 91 -25.05 -53.27 -21.23
C MET C 91 -24.82 -52.79 -19.80
N ASP C 92 -25.89 -52.33 -19.15
CA ASP C 92 -26.05 -52.23 -17.70
C ASP C 92 -25.23 -51.11 -17.06
N SER C 93 -24.37 -50.43 -17.82
CA SER C 93 -23.54 -49.44 -17.14
C SER C 93 -24.26 -48.10 -17.01
N PHE C 94 -24.29 -47.31 -18.10
CA PHE C 94 -24.98 -46.03 -18.13
C PHE C 94 -24.67 -45.27 -19.42
N ILE C 95 -25.10 -44.00 -19.47
CA ILE C 95 -24.50 -43.00 -20.35
C ILE C 95 -24.67 -43.30 -21.83
N PRO C 96 -25.86 -43.12 -22.39
CA PRO C 96 -26.00 -43.08 -23.85
C PRO C 96 -25.35 -41.81 -24.39
N TYR C 97 -25.37 -41.69 -25.72
CA TYR C 97 -24.90 -40.50 -26.39
C TYR C 97 -25.86 -40.14 -27.51
N TYR C 98 -26.04 -38.83 -27.72
CA TYR C 98 -27.09 -38.31 -28.58
C TYR C 98 -26.46 -37.53 -29.72
N ASP C 99 -27.27 -37.20 -30.71
CA ASP C 99 -26.77 -36.48 -31.87
C ASP C 99 -27.93 -35.82 -32.60
N ILE C 100 -27.61 -35.20 -33.74
CA ILE C 100 -28.62 -34.72 -34.67
C ILE C 100 -29.56 -35.87 -35.03
N ILE C 101 -30.85 -35.57 -35.09
CA ILE C 101 -31.85 -36.57 -35.42
C ILE C 101 -32.69 -36.06 -36.58
N ASP C 102 -32.99 -36.94 -37.53
CA ASP C 102 -33.82 -36.58 -38.66
C ASP C 102 -35.27 -36.34 -38.22
N GLN C 103 -35.78 -35.16 -38.52
CA GLN C 103 -37.16 -34.82 -38.20
C GLN C 103 -38.07 -35.13 -39.38
N LYS C 104 -39.28 -34.56 -39.35
CA LYS C 104 -40.41 -34.83 -40.24
C LYS C 104 -41.19 -36.04 -39.76
N ASP C 105 -40.71 -36.72 -38.70
CA ASP C 105 -41.49 -37.75 -38.04
C ASP C 105 -41.80 -37.24 -36.63
N CYS C 106 -42.84 -36.43 -36.54
CA CYS C 106 -43.32 -35.86 -35.29
C CYS C 106 -44.83 -35.94 -35.27
N LEU C 107 -45.37 -36.64 -34.28
CA LEU C 107 -46.79 -36.53 -34.00
C LEU C 107 -47.01 -35.80 -32.69
N THR C 108 -45.93 -35.30 -32.08
CA THR C 108 -46.09 -34.56 -30.85
C THR C 108 -46.74 -33.21 -31.12
N ILE C 109 -46.02 -32.33 -31.82
CA ILE C 109 -46.49 -31.00 -32.22
C ILE C 109 -45.50 -30.36 -33.20
N LYS C 110 -46.00 -29.64 -34.18
CA LYS C 110 -45.21 -28.83 -35.11
C LYS C 110 -45.14 -27.44 -34.48
N ASN C 111 -43.94 -26.86 -34.43
CA ASN C 111 -43.70 -25.80 -33.46
C ASN C 111 -44.65 -24.61 -33.59
N SER C 112 -44.40 -23.71 -34.54
CA SER C 112 -45.45 -22.80 -35.00
C SER C 112 -45.17 -22.36 -36.43
N TYR C 113 -43.90 -22.39 -36.81
CA TYR C 113 -43.44 -21.61 -37.95
C TYR C 113 -42.69 -22.50 -38.93
N GLU C 114 -42.58 -22.03 -40.17
CA GLU C 114 -41.72 -22.68 -41.15
C GLU C 114 -40.28 -22.22 -40.96
N LEU C 115 -39.34 -23.09 -41.31
CA LEU C 115 -37.92 -22.83 -41.07
C LEU C 115 -37.37 -21.77 -42.02
N LYS C 116 -38.10 -21.48 -43.09
CA LYS C 116 -37.64 -20.54 -44.12
C LYS C 116 -36.31 -20.99 -44.72
FE1 SF4 F . -5.32 7.39 -7.26
FE2 SF4 F . -3.99 5.01 -6.98
FE3 SF4 F . -6.62 5.04 -7.76
FE4 SF4 F . -5.95 5.70 -5.20
S1 SF4 F . -5.67 3.68 -6.20
S2 SF4 F . -7.39 6.81 -6.55
S3 SF4 F . -3.96 6.76 -5.54
S4 SF4 F . -4.85 5.88 -8.90
N1 DCP G . 32.04 -0.83 9.91
C2 DCP G . 32.27 0.59 9.67
N3 DCP G . 31.13 1.47 9.27
C4 DCP G . 29.81 0.92 9.12
C5 DCP G . 29.57 -0.50 9.37
C6 DCP G . 30.71 -1.38 9.77
O2 DCP G . 33.37 1.02 9.79
N4 DCP G . 28.69 1.79 8.73
C1' DCP G . 33.16 -1.65 10.31
C2' DCP G . 33.32 -1.45 11.87
C3' DCP G . 32.68 -2.68 12.46
C4' DCP G . 32.98 -3.62 11.56
O4' DCP G . 32.84 -2.89 10.14
O3' DCP G . 33.32 -2.99 13.75
C5' DCP G . 31.96 -4.67 11.64
O5' DCP G . 30.92 -4.32 10.74
PA DCP G . 29.35 -4.63 11.19
O1A DCP G . 29.27 -6.08 11.58
O2A DCP G . 28.39 -4.32 10.09
O3A DCP G . 28.98 -3.75 12.50
PB DCP G . 29.28 -4.34 14.00
O1B DCP G . 29.59 -5.82 13.88
O2B DCP G . 30.46 -3.58 14.58
O3B DCP G . 27.98 -4.15 14.92
PG DCP G . 27.25 -5.45 15.58
O1G DCP G . 28.30 -6.48 15.81
O2G DCP G . 26.59 -5.09 16.86
O3G DCP G . 26.21 -5.97 14.63
CA CA H . 29.48 -8.12 13.85
CA CA I . 28.35 -9.24 10.32
CA CA J . 25.69 -10.17 16.49
CA CA K . 2.19 20.47 0.15
CA CA L . 35.65 -5.65 -9.66
#